data_4WXB
#
_entry.id   4WXB
#
_cell.length_a   202.104
_cell.length_b   113.431
_cell.length_c   133.388
_cell.angle_alpha   90.000
_cell.angle_beta   93.850
_cell.angle_gamma   90.000
#
_symmetry.space_group_name_H-M   'C 1 2 1'
#
loop_
_entity.id
_entity.type
_entity.pdbx_description
1 polymer 'Serine hydroxymethyltransferase'
2 non-polymer 'CITRIC ACID'
3 non-polymer 'CACODYLATE ION'
4 non-polymer GLYCEROL
5 non-polymer 'SODIUM ION'
6 water water
#
_entity_poly.entity_id   1
_entity_poly.type   'polypeptide(L)'
_entity_poly.pdbx_seq_one_letter_code
;MRGSHHHHHHGSMIFDKEDYKAFDPELWNAIDAEAERQQNNIELIASENVVSKAVMAAQGTLLTNKYAEGYPGKRYYGGT
AVIDVVETLAIERAKKLFGAKFANVQPHSGSQANAAVYMSLIQPGDTVMGMDLSAGGHLTHGAPVSFSGKTYNFVSYNVD
KESELLDYDAILAQAKEVRPKLIVAGASAYSRIIDFAKFREIADAVGAYLMVDMAHIAGLVASGHHPSPVPYAHVTTTTT
HKTLRGPRGGLILTDDEDIAKKLNSAVFPGLQGGPLEHVIAAKAVALKEALDPAFKEYGENVIKNAAAMADVFNQHPDFR
VISGGTNNHLFLVDVTKVVENGKVAQNVLEEVNITLNKNSIPYEQLSPFKTSGIRVGSPAITSRGMGEAESRQIAEWMVE
ALENHDKPEVLERIRGDVKVLTDAFPLY
;
_entity_poly.pdbx_strand_id   A,B,C,D
#
loop_
_chem_comp.id
_chem_comp.type
_chem_comp.name
_chem_comp.formula
CAC non-polymer 'CACODYLATE ION' 'C2 H6 As O2 -1'
CIT non-polymer 'CITRIC ACID' 'C6 H8 O7'
GOL non-polymer GLYCEROL 'C3 H8 O3'
NA non-polymer 'SODIUM ION' 'Na 1'
#
# COMPACT_ATOMS: atom_id res chain seq x y z
N ASP A 19 23.49 0.39 39.53
CA ASP A 19 23.41 1.87 39.62
C ASP A 19 24.61 2.59 39.00
N TYR A 20 24.72 2.46 37.69
CA TYR A 20 25.75 3.16 36.89
C TYR A 20 25.72 4.69 36.91
N LYS A 21 24.56 5.31 37.12
CA LYS A 21 24.53 6.76 37.04
C LYS A 21 25.26 7.36 38.18
N ALA A 22 25.46 6.59 39.24
CA ALA A 22 26.19 7.20 40.37
C ALA A 22 27.66 7.37 40.01
N PHE A 23 28.16 6.56 39.08
CA PHE A 23 29.55 6.66 38.68
C PHE A 23 29.79 7.94 37.90
N ASP A 24 28.77 8.50 37.19
CA ASP A 24 29.01 9.63 36.31
C ASP A 24 27.82 10.57 36.32
N PRO A 25 27.68 11.32 37.42
CA PRO A 25 26.54 12.18 37.55
C PRO A 25 26.63 13.34 36.60
N GLU A 26 27.82 13.77 36.24
CA GLU A 26 27.89 14.88 35.35
C GLU A 26 27.28 14.52 33.96
N LEU A 27 27.43 13.30 33.49
CA LEU A 27 26.90 12.93 32.15
C LEU A 27 25.44 12.69 32.33
N TRP A 28 25.08 11.93 33.34
CA TRP A 28 23.68 11.55 33.55
C TRP A 28 22.76 12.71 33.97
N ASN A 29 23.29 13.73 34.64
CA ASN A 29 22.53 14.93 34.89
C ASN A 29 22.30 15.74 33.63
N ALA A 30 23.26 15.72 32.74
CA ALA A 30 23.08 16.36 31.44
C ALA A 30 22.01 15.69 30.56
N ILE A 31 21.91 14.37 30.59
CA ILE A 31 20.85 13.69 29.90
C ILE A 31 19.45 14.15 30.47
N ASP A 32 19.33 14.19 31.77
CA ASP A 32 18.12 14.67 32.39
C ASP A 32 17.84 16.08 31.95
N ALA A 33 18.84 16.96 31.95
CA ALA A 33 18.56 18.31 31.51
C ALA A 33 18.08 18.33 30.08
N GLU A 34 18.56 17.43 29.23
CA GLU A 34 18.13 17.50 27.79
C GLU A 34 16.73 16.96 27.66
N ALA A 35 16.39 15.92 28.43
CA ALA A 35 15.00 15.49 28.52
C ALA A 35 14.07 16.62 28.94
N GLU A 36 14.45 17.39 29.95
CA GLU A 36 13.59 18.43 30.39
C GLU A 36 13.57 19.53 29.33
N ARG A 37 14.70 19.77 28.66
CA ARG A 37 14.71 20.83 27.65
C ARG A 37 13.78 20.47 26.48
N GLN A 38 13.77 19.22 26.10
CA GLN A 38 12.87 18.77 25.03
C GLN A 38 11.43 18.90 25.48
N GLN A 39 11.18 18.58 26.72
CA GLN A 39 9.80 18.76 27.27
C GLN A 39 9.34 20.21 27.13
N ASN A 40 10.18 21.13 27.51
CA ASN A 40 9.83 22.55 27.43
C ASN A 40 9.94 23.21 26.09
N ASN A 41 10.36 22.49 25.06
CA ASN A 41 10.55 23.07 23.72
C ASN A 41 9.43 22.62 22.78
N ILE A 42 9.07 23.52 21.83
CA ILE A 42 8.16 23.19 20.76
C ILE A 42 9.06 23.05 19.58
N GLU A 43 9.15 21.81 19.13
CA GLU A 43 10.02 21.46 18.01
C GLU A 43 9.33 21.55 16.72
N LEU A 44 9.73 22.52 15.90
CA LEU A 44 9.16 22.70 14.61
C LEU A 44 10.14 22.48 13.46
N ILE A 45 11.33 21.97 13.77
CA ILE A 45 12.28 21.56 12.74
C ILE A 45 11.78 20.33 12.00
N ALA A 46 11.55 20.54 10.73
CA ALA A 46 10.77 19.61 9.88
C ALA A 46 11.37 18.17 9.75
N SER A 47 12.66 18.08 9.91
CA SER A 47 13.38 16.84 9.95
C SER A 47 13.48 16.19 11.29
N GLU A 48 12.96 16.79 12.36
CA GLU A 48 12.96 16.16 13.65
C GLU A 48 11.75 15.42 13.98
N ASN A 49 11.91 14.49 14.91
CA ASN A 49 10.81 13.68 15.39
C ASN A 49 10.98 13.22 16.80
N VAL A 50 10.08 12.35 17.23
CA VAL A 50 10.17 11.76 18.56
C VAL A 50 10.04 10.27 18.51
N VAL A 51 11.13 9.51 18.78
CA VAL A 51 11.06 8.07 18.58
C VAL A 51 10.46 7.40 19.77
N SER A 52 9.95 6.21 19.57
CA SER A 52 9.34 5.45 20.64
C SER A 52 10.37 4.98 21.62
N LYS A 53 9.88 4.56 22.78
CA LYS A 53 10.73 3.93 23.76
C LYS A 53 11.35 2.63 23.21
N ALA A 54 10.62 1.90 22.40
CA ALA A 54 11.13 0.67 21.85
C ALA A 54 12.27 0.92 20.88
N VAL A 55 12.21 1.97 20.08
CA VAL A 55 13.29 2.28 19.16
C VAL A 55 14.60 2.60 19.95
N MET A 56 14.52 3.42 20.99
CA MET A 56 15.66 3.74 21.87
C MET A 56 16.20 2.49 22.55
N ALA A 57 15.33 1.68 23.12
CA ALA A 57 15.75 0.48 23.75
C ALA A 57 16.50 -0.45 22.78
N ALA A 58 15.97 -0.63 21.59
CA ALA A 58 16.58 -1.46 20.60
C ALA A 58 18.04 -1.04 20.32
N GLN A 59 18.22 0.24 20.17
CA GLN A 59 19.52 0.87 19.92
C GLN A 59 20.49 0.66 21.14
N GLY A 60 19.91 0.63 22.32
CA GLY A 60 20.65 0.45 23.50
C GLY A 60 20.76 -1.00 23.91
N THR A 61 20.80 -1.95 22.95
CA THR A 61 21.05 -3.36 23.27
C THR A 61 22.52 -3.85 23.07
N LEU A 62 22.78 -5.07 23.53
CA LEU A 62 24.09 -5.72 23.41
C LEU A 62 24.43 -6.16 22.05
N LEU A 63 23.56 -5.88 21.09
CA LEU A 63 23.93 -6.07 19.72
C LEU A 63 25.10 -5.21 19.30
N THR A 64 25.33 -4.13 20.01
CA THR A 64 26.49 -3.30 19.69
C THR A 64 27.83 -4.07 19.85
N ASN A 65 27.81 -5.15 20.64
CA ASN A 65 29.03 -5.93 20.80
C ASN A 65 29.36 -6.84 19.62
N LYS A 66 28.41 -7.12 18.73
CA LYS A 66 28.67 -8.00 17.63
C LYS A 66 28.89 -7.29 16.27
N TYR A 67 30.06 -7.54 15.71
CA TYR A 67 30.53 -6.93 14.49
C TYR A 67 30.51 -8.01 13.41
N ALA A 68 29.73 -7.78 12.38
CA ALA A 68 29.40 -8.83 11.42
C ALA A 68 29.54 -8.30 10.03
N GLU A 69 30.69 -8.35 9.47
CA GLU A 69 30.81 -7.95 8.11
C GLU A 69 30.08 -8.93 7.14
N GLY A 70 29.58 -8.38 6.02
CA GLY A 70 28.80 -9.15 5.00
C GLY A 70 27.30 -8.98 5.21
N TYR A 71 26.56 -9.73 4.44
CA TYR A 71 25.10 -9.70 4.43
C TYR A 71 24.62 -11.01 5.01
N PRO A 72 23.33 -11.12 5.37
CA PRO A 72 22.83 -12.32 6.07
C PRO A 72 23.04 -13.55 5.24
N GLY A 73 23.39 -14.64 5.91
CA GLY A 73 23.81 -15.84 5.22
C GLY A 73 25.10 -15.75 4.45
N LYS A 74 25.80 -14.61 4.42
CA LYS A 74 27.06 -14.47 3.66
C LYS A 74 28.06 -13.67 4.50
N ARG A 75 28.17 -13.96 5.79
CA ARG A 75 29.05 -13.21 6.65
C ARG A 75 30.46 -13.77 6.59
N TYR A 76 31.43 -12.95 6.92
CA TYR A 76 32.84 -13.33 6.89
C TYR A 76 33.14 -14.15 8.17
N TYR A 77 32.67 -13.67 9.32
CA TYR A 77 32.97 -14.28 10.61
C TYR A 77 31.78 -15.17 11.03
N GLY A 78 32.01 -16.05 12.02
CA GLY A 78 30.91 -16.90 12.55
C GLY A 78 30.24 -16.17 13.69
N GLY A 79 29.29 -16.80 14.37
CA GLY A 79 28.53 -16.21 15.48
C GLY A 79 27.34 -15.35 15.04
N THR A 80 26.96 -15.43 13.78
CA THR A 80 26.09 -14.44 13.14
C THR A 80 24.64 -14.88 12.86
N ALA A 81 24.23 -16.03 13.41
CA ALA A 81 22.93 -16.59 13.12
C ALA A 81 21.77 -15.76 13.65
N VAL A 82 21.91 -15.20 14.83
CA VAL A 82 20.86 -14.44 15.36
C VAL A 82 20.84 -13.04 14.73
N ILE A 83 22.01 -12.46 14.49
CA ILE A 83 22.12 -11.19 13.82
C ILE A 83 21.42 -11.31 12.47
N ASP A 84 21.59 -12.41 11.77
CA ASP A 84 20.94 -12.62 10.47
C ASP A 84 19.42 -12.53 10.52
N VAL A 85 18.84 -13.04 11.60
CA VAL A 85 17.44 -13.02 11.79
C VAL A 85 16.99 -11.57 11.95
N VAL A 86 17.69 -10.82 12.82
CA VAL A 86 17.38 -9.41 13.05
C VAL A 86 17.47 -8.60 11.78
N GLU A 87 18.58 -8.76 11.05
CA GLU A 87 18.75 -7.95 9.89
C GLU A 87 17.70 -8.34 8.80
N THR A 88 17.38 -9.62 8.72
CA THR A 88 16.39 -10.15 7.74
C THR A 88 15.04 -9.64 8.09
N LEU A 89 14.73 -9.54 9.38
CA LEU A 89 13.51 -8.87 9.76
C LEU A 89 13.42 -7.41 9.25
N ALA A 90 14.48 -6.61 9.42
CA ALA A 90 14.48 -5.26 8.90
C ALA A 90 14.31 -5.23 7.41
N ILE A 91 15.01 -6.10 6.71
CA ILE A 91 14.95 -6.13 5.26
C ILE A 91 13.54 -6.46 4.79
N GLU A 92 12.94 -7.49 5.37
CA GLU A 92 11.63 -7.95 4.99
C GLU A 92 10.54 -6.93 5.32
N ARG A 93 10.69 -6.25 6.46
CA ARG A 93 9.77 -5.20 6.83
C ARG A 93 9.87 -3.99 5.90
N ALA A 94 11.08 -3.62 5.54
CA ALA A 94 11.27 -2.54 4.58
C ALA A 94 10.70 -2.89 3.25
N LYS A 95 10.98 -4.10 2.79
CA LYS A 95 10.37 -4.54 1.53
C LYS A 95 8.82 -4.51 1.56
N LYS A 96 8.27 -4.99 2.67
CA LYS A 96 6.87 -5.06 2.82
C LYS A 96 6.22 -3.67 2.96
N LEU A 97 6.81 -2.78 3.74
CA LEU A 97 6.27 -1.48 3.93
C LEU A 97 6.29 -0.68 2.65
N PHE A 98 7.38 -0.75 1.90
CA PHE A 98 7.54 0.11 0.77
C PHE A 98 7.29 -0.59 -0.57
N GLY A 99 7.00 -1.86 -0.55
CA GLY A 99 6.67 -2.59 -1.82
C GLY A 99 7.82 -2.74 -2.75
N ALA A 100 9.02 -2.86 -2.17
CA ALA A 100 10.26 -2.95 -2.97
C ALA A 100 10.75 -4.44 -3.03
N LYS A 101 11.34 -4.87 -4.12
CA LYS A 101 11.83 -6.27 -4.22
C LYS A 101 13.13 -6.49 -3.47
N PHE A 102 13.92 -5.43 -3.35
CA PHE A 102 15.25 -5.46 -2.62
C PHE A 102 15.38 -4.27 -1.67
N ALA A 103 15.90 -4.57 -0.50
CA ALA A 103 16.21 -3.61 0.50
C ALA A 103 17.56 -3.91 1.16
N ASN A 104 18.29 -2.85 1.38
CA ASN A 104 19.56 -2.82 2.15
C ASN A 104 19.38 -1.85 3.31
N VAL A 105 19.41 -2.39 4.49
CA VAL A 105 19.31 -1.67 5.71
C VAL A 105 20.64 -1.37 6.40
N GLN A 106 21.76 -1.63 5.73
CA GLN A 106 23.03 -1.38 6.40
C GLN A 106 23.61 0.04 6.34
N PRO A 107 23.16 0.89 5.42
CA PRO A 107 23.82 2.21 5.39
C PRO A 107 23.73 2.91 6.70
N HIS A 108 24.87 3.40 7.19
CA HIS A 108 24.90 4.04 8.50
C HIS A 108 24.14 5.39 8.52
N SER A 109 23.93 6.02 7.38
CA SER A 109 23.29 7.33 7.35
C SER A 109 22.67 7.49 5.98
N GLY A 110 21.90 8.56 5.85
CA GLY A 110 21.20 8.87 4.60
C GLY A 110 22.22 9.30 3.57
N SER A 111 23.29 9.98 3.98
CA SER A 111 24.36 10.38 3.01
C SER A 111 25.14 9.21 2.38
N GLN A 112 25.30 8.15 3.17
CA GLN A 112 25.99 6.94 2.70
C GLN A 112 25.12 6.21 1.70
N ALA A 113 23.85 6.02 2.04
CA ALA A 113 22.89 5.38 1.15
C ALA A 113 22.88 6.11 -0.20
N ASN A 114 23.01 7.42 -0.15
CA ASN A 114 23.07 8.23 -1.35
C ASN A 114 24.39 8.03 -2.08
N ALA A 115 25.47 7.92 -1.32
CA ALA A 115 26.82 7.66 -1.90
C ALA A 115 26.87 6.35 -2.61
N ALA A 116 26.27 5.32 -2.02
CA ALA A 116 26.25 4.03 -2.62
C ALA A 116 25.55 4.07 -3.92
N VAL A 117 24.45 4.81 -3.93
CA VAL A 117 23.77 4.97 -5.19
C VAL A 117 24.63 5.64 -6.29
N TYR A 118 25.28 6.75 -6.00
CA TYR A 118 26.15 7.38 -6.97
C TYR A 118 27.27 6.41 -7.47
N MET A 119 27.89 5.72 -6.55
CA MET A 119 28.92 4.75 -6.95
C MET A 119 28.37 3.63 -7.78
N SER A 120 27.10 3.26 -7.60
CA SER A 120 26.61 2.15 -8.34
C SER A 120 26.09 2.51 -9.72
N LEU A 121 25.69 3.75 -9.92
CA LEU A 121 25.05 4.06 -11.17
C LEU A 121 25.80 4.99 -12.10
N ILE A 122 26.66 5.84 -11.61
CA ILE A 122 27.31 6.82 -12.49
C ILE A 122 28.83 6.81 -12.21
N GLN A 123 29.57 7.64 -12.94
CA GLN A 123 31.01 7.72 -12.87
C GLN A 123 31.36 9.09 -12.41
N PRO A 124 32.46 9.20 -11.68
CA PRO A 124 33.00 10.52 -11.33
C PRO A 124 33.04 11.50 -12.47
N GLY A 125 32.64 12.75 -12.24
CA GLY A 125 32.50 13.75 -13.29
C GLY A 125 31.21 13.71 -14.07
N ASP A 126 30.42 12.66 -13.93
CA ASP A 126 29.14 12.70 -14.65
C ASP A 126 28.22 13.83 -14.16
N THR A 127 27.39 14.36 -15.06
CA THR A 127 26.36 15.29 -14.71
C THR A 127 25.17 14.62 -13.93
N VAL A 128 24.77 15.27 -12.85
CA VAL A 128 23.67 14.87 -11.99
C VAL A 128 22.76 16.09 -11.77
N MET A 129 21.49 15.95 -12.09
CA MET A 129 20.55 17.05 -11.89
C MET A 129 19.83 16.73 -10.60
N GLY A 130 19.71 17.75 -9.76
CA GLY A 130 19.04 17.59 -8.48
C GLY A 130 18.34 18.88 -8.08
N MET A 131 17.47 18.81 -7.06
CA MET A 131 16.52 19.95 -6.76
C MET A 131 17.28 20.92 -5.92
N ASP A 132 17.47 22.11 -6.44
CA ASP A 132 18.32 23.06 -5.77
C ASP A 132 18.03 23.22 -4.28
N LEU A 133 19.13 23.45 -3.54
CA LEU A 133 19.16 24.11 -2.16
C LEU A 133 18.32 25.42 -1.88
N SER A 134 17.09 25.56 -2.44
CA SER A 134 16.12 26.59 -1.98
C SER A 134 14.65 26.49 -2.50
N ALA A 135 14.46 25.90 -3.69
CA ALA A 135 13.13 25.44 -4.18
C ALA A 135 12.48 24.52 -3.10
N GLY A 136 13.39 23.61 -2.68
CA GLY A 136 13.53 22.99 -1.36
C GLY A 136 14.51 21.79 -1.33
N GLY A 137 15.83 21.97 -1.56
CA GLY A 137 16.80 20.81 -1.73
C GLY A 137 17.86 20.47 -0.67
N HIS A 138 18.37 19.24 -0.70
CA HIS A 138 19.28 18.66 0.36
C HIS A 138 20.66 19.41 0.47
N LEU A 139 21.70 18.81 1.09
CA LEU A 139 23.02 19.52 1.24
C LEU A 139 24.30 18.61 1.20
N THR A 140 24.53 17.88 0.10
CA THR A 140 25.45 16.68 -0.05
C THR A 140 26.81 16.55 0.73
N HIS A 141 26.72 15.91 1.90
CA HIS A 141 27.87 15.50 2.73
C HIS A 141 28.43 14.16 2.22
N GLY A 142 29.75 13.98 2.22
CA GLY A 142 30.33 12.71 1.82
C GLY A 142 30.11 12.29 0.35
N ALA A 143 30.14 13.24 -0.60
CA ALA A 143 30.18 12.87 -2.03
C ALA A 143 31.53 12.11 -2.29
N PRO A 144 31.46 10.82 -2.72
CA PRO A 144 32.72 10.09 -3.08
C PRO A 144 33.65 10.85 -4.11
N VAL A 145 34.97 10.73 -3.90
CA VAL A 145 35.95 11.56 -4.55
C VAL A 145 36.86 10.60 -5.33
N SER A 146 37.02 10.80 -6.63
CA SER A 146 37.96 9.96 -7.45
C SER A 146 39.43 10.32 -7.17
N PHE A 147 40.30 9.46 -7.70
CA PHE A 147 41.77 9.61 -7.62
C PHE A 147 42.25 10.95 -8.24
N SER A 148 41.54 11.51 -9.23
CA SER A 148 41.90 12.86 -9.78
C SER A 148 41.16 14.03 -9.12
N GLY A 149 40.34 13.74 -8.13
CA GLY A 149 39.64 14.79 -7.43
C GLY A 149 38.28 15.17 -7.99
N LYS A 150 37.71 14.42 -8.94
CA LYS A 150 36.36 14.72 -9.50
C LYS A 150 35.35 14.21 -8.51
N THR A 151 34.18 14.85 -8.38
CA THR A 151 33.04 14.15 -7.73
C THR A 151 32.00 13.94 -8.83
N TYR A 152 31.12 14.93 -9.04
CA TYR A 152 30.03 14.91 -9.99
C TYR A 152 29.77 16.35 -10.36
N ASN A 153 29.33 16.56 -11.57
CA ASN A 153 28.95 17.86 -11.97
C ASN A 153 27.44 18.08 -11.60
N PHE A 154 27.17 18.67 -10.45
CA PHE A 154 25.80 18.90 -9.98
C PHE A 154 25.17 20.09 -10.70
N VAL A 155 24.05 19.87 -11.35
CA VAL A 155 23.31 20.92 -12.05
C VAL A 155 21.96 20.93 -11.38
N SER A 156 21.52 22.07 -10.88
CA SER A 156 20.27 22.02 -10.14
C SER A 156 19.09 22.54 -10.97
N TYR A 157 17.92 22.02 -10.66
CA TYR A 157 16.73 22.53 -11.22
C TYR A 157 15.96 23.12 -10.06
N ASN A 158 15.05 23.95 -10.44
CA ASN A 158 14.24 24.66 -9.51
C ASN A 158 12.73 24.38 -9.64
N VAL A 159 11.95 25.18 -8.92
CA VAL A 159 10.53 25.42 -9.17
C VAL A 159 10.33 26.65 -10.08
N ASP A 160 9.13 26.73 -10.65
CA ASP A 160 8.71 27.85 -11.46
C ASP A 160 8.58 29.09 -10.56
N LYS A 161 9.09 30.19 -11.07
CA LYS A 161 9.17 31.42 -10.32
C LYS A 161 7.79 31.97 -9.89
N GLU A 162 6.79 31.90 -10.75
CA GLU A 162 5.46 32.41 -10.42
C GLU A 162 4.65 31.44 -9.58
N SER A 163 4.50 30.19 -10.01
CA SER A 163 3.65 29.20 -9.27
C SER A 163 4.38 28.59 -8.05
N GLU A 164 5.69 28.70 -8.05
CA GLU A 164 6.60 27.98 -7.13
C GLU A 164 6.32 26.45 -7.05
N LEU A 165 5.85 25.90 -8.14
CA LEU A 165 5.69 24.50 -8.27
C LEU A 165 6.75 23.94 -9.25
N LEU A 166 6.99 22.67 -9.14
CA LEU A 166 7.79 21.96 -10.10
C LEU A 166 7.14 22.05 -11.46
N ASP A 167 7.90 22.47 -12.47
CA ASP A 167 7.38 22.51 -13.82
C ASP A 167 8.11 21.42 -14.61
N TYR A 168 7.42 20.33 -14.88
CA TYR A 168 8.00 19.14 -15.47
C TYR A 168 8.42 19.32 -16.92
N ASP A 169 7.77 20.22 -17.67
CA ASP A 169 8.21 20.62 -18.97
C ASP A 169 9.48 21.39 -18.95
N ALA A 170 9.66 22.30 -18.00
CA ALA A 170 10.93 23.03 -17.93
C ALA A 170 12.04 22.11 -17.44
N ILE A 171 11.74 21.18 -16.54
CA ILE A 171 12.72 20.24 -16.11
C ILE A 171 13.19 19.30 -17.29
N LEU A 172 12.28 18.87 -18.12
CA LEU A 172 12.57 18.07 -19.29
C LEU A 172 13.44 18.87 -20.24
N ALA A 173 13.03 20.09 -20.56
CA ALA A 173 13.82 20.92 -21.40
C ALA A 173 15.24 21.09 -20.85
N GLN A 174 15.40 21.34 -19.55
CA GLN A 174 16.73 21.48 -19.00
C GLN A 174 17.56 20.21 -19.14
N ALA A 175 16.94 19.07 -18.85
CA ALA A 175 17.57 17.79 -18.90
C ALA A 175 18.02 17.48 -20.34
N LYS A 176 17.25 17.93 -21.32
CA LYS A 176 17.68 17.75 -22.73
C LYS A 176 18.88 18.59 -23.10
N GLU A 177 19.03 19.79 -22.56
CA GLU A 177 20.24 20.54 -22.75
C GLU A 177 21.39 19.94 -21.97
N VAL A 178 21.18 19.64 -20.72
CA VAL A 178 22.29 19.31 -19.87
C VAL A 178 22.76 17.86 -19.99
N ARG A 179 21.87 16.93 -20.30
CA ARG A 179 22.21 15.53 -20.45
C ARG A 179 22.72 14.85 -19.21
N PRO A 180 21.95 14.91 -18.13
CA PRO A 180 22.50 14.23 -16.99
C PRO A 180 22.49 12.72 -17.15
N LYS A 181 23.34 12.03 -16.41
CA LYS A 181 23.25 10.61 -16.32
C LYS A 181 22.36 10.22 -15.20
N LEU A 182 22.16 11.10 -14.23
CA LEU A 182 21.34 10.79 -13.06
C LEU A 182 20.53 12.04 -12.71
N ILE A 183 19.23 11.82 -12.55
CA ILE A 183 18.32 12.83 -12.03
C ILE A 183 17.92 12.41 -10.67
N VAL A 184 18.08 13.32 -9.73
CA VAL A 184 17.67 13.06 -8.34
C VAL A 184 16.41 13.89 -8.01
N ALA A 185 15.37 13.23 -7.51
CA ALA A 185 14.18 13.99 -7.02
C ALA A 185 14.04 13.75 -5.55
N GLY A 186 13.34 14.68 -4.91
CA GLY A 186 13.26 14.74 -3.46
C GLY A 186 13.85 16.03 -2.94
N ALA A 187 13.30 16.51 -1.82
CA ALA A 187 13.51 17.89 -1.40
C ALA A 187 13.36 17.96 0.09
N SER A 188 14.13 18.87 0.70
CA SER A 188 14.03 19.09 2.13
C SER A 188 13.09 20.27 2.49
N ALA A 189 12.58 20.99 1.46
CA ALA A 189 11.70 22.15 1.69
C ALA A 189 10.59 22.40 0.68
N TYR A 190 10.27 21.45 -0.17
CA TYR A 190 9.17 21.59 -1.13
C TYR A 190 7.94 21.01 -0.44
N SER A 191 6.85 21.76 -0.50
CA SER A 191 5.67 21.41 0.28
C SER A 191 4.59 20.66 -0.50
N ARG A 192 4.78 20.46 -1.81
CA ARG A 192 3.71 19.90 -2.66
C ARG A 192 4.06 18.48 -3.11
N ILE A 193 3.08 17.81 -3.68
CA ILE A 193 3.15 16.41 -3.98
C ILE A 193 4.08 16.29 -5.15
N ILE A 194 5.10 15.46 -5.06
CA ILE A 194 5.89 15.13 -6.24
C ILE A 194 5.32 14.02 -7.09
N ASP A 195 5.34 14.27 -8.41
CA ASP A 195 4.88 13.32 -9.43
C ASP A 195 6.08 12.48 -9.89
N PHE A 196 6.24 11.34 -9.25
CA PHE A 196 7.41 10.53 -9.50
C PHE A 196 7.30 9.85 -10.86
N ALA A 197 6.09 9.61 -11.35
CA ALA A 197 5.95 9.06 -12.66
C ALA A 197 6.48 10.01 -13.73
N LYS A 198 6.23 11.29 -13.58
CA LYS A 198 6.79 12.24 -14.50
C LYS A 198 8.29 12.35 -14.43
N PHE A 199 8.84 12.28 -13.24
CA PHE A 199 10.27 12.32 -13.11
C PHE A 199 10.87 11.13 -13.87
N ARG A 200 10.24 9.97 -13.72
CA ARG A 200 10.70 8.77 -14.41
C ARG A 200 10.61 8.93 -15.92
N GLU A 201 9.55 9.56 -16.39
CA GLU A 201 9.35 9.80 -17.78
C GLU A 201 10.42 10.71 -18.40
N ILE A 202 10.79 11.74 -17.67
CA ILE A 202 11.84 12.70 -18.05
C ILE A 202 13.20 11.96 -18.05
N ALA A 203 13.45 11.14 -17.04
CA ALA A 203 14.71 10.41 -17.02
C ALA A 203 14.81 9.43 -18.21
N ASP A 204 13.76 8.67 -18.47
CA ASP A 204 13.70 7.79 -19.61
C ASP A 204 13.88 8.53 -20.91
N ALA A 205 13.36 9.72 -20.99
CA ALA A 205 13.44 10.50 -22.22
C ALA A 205 14.84 10.91 -22.56
N VAL A 206 15.69 11.15 -21.56
CA VAL A 206 17.05 11.64 -21.84
C VAL A 206 18.12 10.58 -21.57
N GLY A 207 17.72 9.37 -21.25
CA GLY A 207 18.59 8.34 -20.87
C GLY A 207 19.23 8.39 -19.52
N ALA A 208 18.58 8.95 -18.51
CA ALA A 208 19.21 9.04 -17.23
C ALA A 208 18.61 8.01 -16.33
N TYR A 209 19.33 7.57 -15.31
CA TYR A 209 18.68 6.98 -14.13
C TYR A 209 17.91 8.03 -13.31
N LEU A 210 16.85 7.58 -12.67
CA LEU A 210 16.17 8.31 -11.59
C LEU A 210 16.46 7.75 -10.22
N MET A 211 17.01 8.59 -9.37
CA MET A 211 17.08 8.24 -7.96
C MET A 211 16.09 9.14 -7.20
N VAL A 212 15.42 8.61 -6.24
CA VAL A 212 14.68 9.42 -5.35
C VAL A 212 15.15 9.32 -3.94
N ASP A 213 15.51 10.46 -3.39
CA ASP A 213 15.83 10.53 -2.00
C ASP A 213 14.56 10.93 -1.24
N MET A 214 13.85 9.96 -0.67
CA MET A 214 12.62 10.26 -0.03
C MET A 214 12.75 10.55 1.46
N ALA A 215 13.94 10.89 1.90
CA ALA A 215 14.17 10.96 3.32
C ALA A 215 13.13 11.82 4.11
N HIS A 216 12.88 13.01 3.63
CA HIS A 216 11.88 13.85 4.30
C HIS A 216 10.43 13.34 4.31
N ILE A 217 10.01 12.66 3.27
CA ILE A 217 8.64 12.26 3.15
C ILE A 217 8.37 10.81 3.36
N ALA A 218 9.37 10.05 3.80
CA ALA A 218 9.21 8.60 3.83
C ALA A 218 8.12 8.13 4.73
N GLY A 219 8.01 8.77 5.89
CA GLY A 219 6.89 8.41 6.74
C GLY A 219 5.52 8.68 6.06
N LEU A 220 5.39 9.72 5.25
CA LEU A 220 4.15 9.99 4.52
C LEU A 220 3.93 8.95 3.36
N VAL A 221 5.05 8.53 2.74
CA VAL A 221 5.01 7.48 1.79
C VAL A 221 4.50 6.24 2.49
N ALA A 222 5.02 5.95 3.66
CA ALA A 222 4.62 4.76 4.39
C ALA A 222 3.20 4.85 4.87
N SER A 223 2.71 6.04 5.20
CA SER A 223 1.35 6.20 5.72
C SER A 223 0.29 6.26 4.63
N GLY A 224 0.65 6.35 3.37
CA GLY A 224 -0.31 6.48 2.28
C GLY A 224 -0.58 7.93 1.90
N HIS A 225 0.01 8.87 2.62
CA HIS A 225 -0.25 10.22 2.31
C HIS A 225 0.64 10.88 1.30
N HIS A 226 1.64 10.18 0.71
CA HIS A 226 2.40 10.79 -0.40
C HIS A 226 2.58 9.63 -1.35
N PRO A 227 2.37 9.87 -2.63
CA PRO A 227 2.62 8.84 -3.68
C PRO A 227 4.03 8.21 -3.56
N SER A 228 4.12 6.92 -3.77
CA SER A 228 5.37 6.23 -3.58
C SER A 228 6.29 6.45 -4.76
N PRO A 229 7.56 6.68 -4.49
CA PRO A 229 8.52 6.71 -5.59
C PRO A 229 9.00 5.32 -6.00
N VAL A 230 8.70 4.31 -5.21
CA VAL A 230 9.38 3.07 -5.33
C VAL A 230 9.12 2.41 -6.69
N PRO A 231 7.90 2.55 -7.27
CA PRO A 231 7.71 1.91 -8.58
C PRO A 231 8.29 2.65 -9.72
N TYR A 232 8.76 3.88 -9.50
CA TYR A 232 9.30 4.71 -10.52
C TYR A 232 10.79 5.03 -10.53
N ALA A 233 11.38 5.18 -9.36
CA ALA A 233 12.80 5.39 -9.23
C ALA A 233 13.54 4.06 -9.52
N HIS A 234 14.66 4.17 -10.21
CA HIS A 234 15.53 3.00 -10.30
C HIS A 234 16.03 2.61 -8.92
N VAL A 235 16.34 3.61 -8.07
CA VAL A 235 16.72 3.39 -6.72
C VAL A 235 16.08 4.47 -5.87
N THR A 236 15.52 4.06 -4.75
CA THR A 236 15.03 4.97 -3.74
C THR A 236 15.87 4.92 -2.47
N THR A 237 16.30 6.06 -1.98
CA THR A 237 16.95 6.10 -0.70
C THR A 237 16.14 6.85 0.37
N THR A 238 16.47 6.66 1.61
CA THR A 238 15.83 7.42 2.65
C THR A 238 16.68 7.28 3.88
N THR A 239 16.40 8.16 4.82
CA THR A 239 16.87 8.00 6.18
C THR A 239 15.78 7.24 6.86
N THR A 240 16.15 6.62 7.97
CA THR A 240 15.16 5.91 8.78
C THR A 240 14.58 6.81 9.88
N HIS A 241 15.22 7.95 10.10
CA HIS A 241 14.73 9.00 10.98
C HIS A 241 13.99 10.01 10.05
N LYS A 242 13.44 11.05 10.67
CA LYS A 242 12.53 12.10 10.08
C LYS A 242 11.09 11.62 10.15
N THR A 243 10.35 11.71 9.04
CA THR A 243 8.93 11.35 9.11
C THR A 243 8.72 9.91 9.43
N LEU A 244 9.66 9.02 9.12
CA LEU A 244 9.48 7.59 9.38
C LEU A 244 9.66 7.23 10.80
N ARG A 245 10.28 8.15 11.53
CA ARG A 245 10.27 8.15 12.98
C ARG A 245 11.09 7.01 13.58
N GLY A 246 12.16 6.65 12.91
CA GLY A 246 13.04 5.62 13.45
C GLY A 246 14.40 6.14 13.86
N PRO A 247 15.40 5.25 13.93
CA PRO A 247 16.73 5.69 14.42
C PRO A 247 17.45 6.42 13.33
N ARG A 248 18.49 7.18 13.66
CA ARG A 248 19.42 7.69 12.65
C ARG A 248 20.03 6.55 11.81
N GLY A 249 19.97 6.68 10.51
CA GLY A 249 20.49 5.64 9.67
C GLY A 249 19.90 5.73 8.28
N GLY A 250 20.32 4.83 7.40
CA GLY A 250 19.91 4.84 6.01
C GLY A 250 19.27 3.58 5.56
N LEU A 251 18.71 3.60 4.34
CA LEU A 251 17.98 2.49 3.75
C LEU A 251 18.00 2.74 2.21
N ILE A 252 18.18 1.67 1.41
CA ILE A 252 18.18 1.76 -0.03
C ILE A 252 17.18 0.70 -0.53
N LEU A 253 16.36 1.08 -1.50
CA LEU A 253 15.34 0.22 -2.08
C LEU A 253 15.49 0.18 -3.57
N THR A 254 15.25 -0.96 -4.17
CA THR A 254 15.25 -1.07 -5.63
C THR A 254 14.40 -2.27 -6.01
N ASP A 255 13.87 -2.24 -7.23
CA ASP A 255 13.22 -3.43 -7.77
C ASP A 255 14.13 -4.20 -8.78
N ASP A 256 15.30 -3.68 -9.14
CA ASP A 256 16.17 -4.27 -10.13
C ASP A 256 17.35 -5.01 -9.46
N GLU A 257 17.34 -6.32 -9.58
CA GLU A 257 18.33 -7.25 -9.04
C GLU A 257 19.79 -6.92 -9.44
N ASP A 258 20.01 -6.50 -10.67
CA ASP A 258 21.36 -6.16 -11.09
C ASP A 258 21.76 -4.89 -10.38
N ILE A 259 20.83 -3.95 -10.23
CA ILE A 259 21.21 -2.77 -9.45
C ILE A 259 21.43 -3.13 -8.00
N ALA A 260 20.59 -3.99 -7.46
CA ALA A 260 20.67 -4.35 -6.08
C ALA A 260 22.07 -4.91 -5.81
N LYS A 261 22.56 -5.74 -6.73
CA LYS A 261 23.89 -6.34 -6.52
C LYS A 261 24.98 -5.27 -6.50
N LYS A 262 24.94 -4.33 -7.43
CA LYS A 262 25.89 -3.23 -7.33
C LYS A 262 25.70 -2.47 -6.04
N LEU A 263 24.47 -2.24 -5.60
CA LEU A 263 24.32 -1.38 -4.44
C LEU A 263 24.92 -2.06 -3.26
N ASN A 264 24.58 -3.33 -3.10
CA ASN A 264 25.06 -4.04 -1.96
C ASN A 264 26.61 -4.03 -1.79
N SER A 265 27.35 -4.15 -2.90
CA SER A 265 28.85 -4.07 -2.92
C SER A 265 29.37 -2.68 -2.68
N ALA A 266 28.71 -1.66 -3.26
CA ALA A 266 29.05 -0.30 -2.94
C ALA A 266 28.93 0.01 -1.45
N VAL A 267 27.91 -0.50 -0.80
CA VAL A 267 27.69 -0.18 0.62
C VAL A 267 28.80 -0.93 1.42
N PHE A 268 29.03 -2.21 1.09
CA PHE A 268 30.05 -3.03 1.79
C PHE A 268 30.68 -3.93 0.75
N PRO A 269 31.98 -3.85 0.54
CA PRO A 269 32.97 -3.14 1.35
C PRO A 269 33.30 -1.79 0.80
N GLY A 270 32.60 -1.37 -0.24
CA GLY A 270 32.92 -0.10 -0.86
C GLY A 270 32.90 1.10 0.10
N LEU A 271 31.88 1.25 0.93
CA LEU A 271 31.77 2.47 1.72
C LEU A 271 31.93 2.23 3.17
N GLN A 272 31.61 1.06 3.65
CA GLN A 272 31.48 0.84 5.07
C GLN A 272 32.17 -0.49 5.33
N GLY A 273 32.51 -0.69 6.56
CA GLY A 273 32.67 -2.02 7.11
C GLY A 273 31.37 -2.72 7.54
N GLY A 274 31.43 -3.30 8.73
CA GLY A 274 30.32 -3.99 9.28
C GLY A 274 29.22 -3.05 9.77
N PRO A 275 27.98 -3.53 9.77
CA PRO A 275 26.86 -2.65 10.01
C PRO A 275 26.68 -2.48 11.49
N LEU A 276 25.80 -1.57 11.86
CA LEU A 276 25.47 -1.33 13.24
C LEU A 276 24.20 -2.13 13.52
N GLU A 277 24.37 -3.31 14.12
CA GLU A 277 23.30 -4.27 14.22
C GLU A 277 22.26 -3.89 15.24
N HIS A 278 22.65 -3.19 16.28
CA HIS A 278 21.72 -2.61 17.22
C HIS A 278 20.86 -1.48 16.64
N VAL A 279 21.42 -0.76 15.69
CA VAL A 279 20.65 0.25 15.04
C VAL A 279 19.71 -0.40 14.06
N ILE A 280 20.18 -1.44 13.40
CA ILE A 280 19.36 -2.24 12.51
C ILE A 280 18.18 -2.87 13.26
N ALA A 281 18.40 -3.23 14.52
CA ALA A 281 17.31 -3.71 15.32
C ALA A 281 16.29 -2.62 15.51
N ALA A 282 16.74 -1.42 15.80
CA ALA A 282 15.86 -0.30 15.91
C ALA A 282 15.13 0.06 14.61
N LYS A 283 15.76 -0.14 13.48
CA LYS A 283 15.11 0.01 12.18
C LYS A 283 13.92 -1.01 12.04
N ALA A 284 14.16 -2.26 12.41
CA ALA A 284 13.13 -3.24 12.40
C ALA A 284 11.99 -2.81 13.29
N VAL A 285 12.30 -2.29 14.46
CA VAL A 285 11.24 -1.82 15.34
C VAL A 285 10.38 -0.72 14.71
N ALA A 286 11.06 0.31 14.19
CA ALA A 286 10.38 1.39 13.59
C ALA A 286 9.60 0.98 12.36
N LEU A 287 10.14 0.07 11.56
CA LEU A 287 9.45 -0.35 10.42
C LEU A 287 8.18 -1.10 10.77
N LYS A 288 8.19 -1.83 11.86
CA LYS A 288 7.01 -2.46 12.27
C LYS A 288 5.98 -1.51 12.82
N GLU A 289 6.41 -0.55 13.62
CA GLU A 289 5.52 0.54 14.02
C GLU A 289 4.86 1.16 12.80
N ALA A 290 5.60 1.36 11.72
CA ALA A 290 5.05 2.06 10.59
C ALA A 290 4.09 1.17 9.78
N LEU A 291 4.25 -0.16 9.82
CA LEU A 291 3.32 -1.10 9.19
C LEU A 291 1.98 -1.13 9.96
N ASP A 292 1.94 -0.63 11.18
CA ASP A 292 0.76 -0.65 11.98
C ASP A 292 -0.33 0.35 11.49
N PRO A 293 -1.62 -0.05 11.59
CA PRO A 293 -2.65 0.86 11.15
C PRO A 293 -2.66 2.20 11.84
N ALA A 294 -2.17 2.32 13.06
CA ALA A 294 -2.10 3.63 13.73
C ALA A 294 -1.13 4.60 13.11
N PHE A 295 -0.14 4.09 12.39
CA PHE A 295 0.78 4.95 11.72
C PHE A 295 0.05 5.77 10.66
N LYS A 296 -0.99 5.22 10.06
CA LYS A 296 -1.78 6.01 9.09
C LYS A 296 -2.51 7.17 9.76
N GLU A 297 -2.93 7.02 11.01
CA GLU A 297 -3.47 8.14 11.72
C GLU A 297 -2.42 9.18 12.02
N TYR A 298 -1.24 8.75 12.41
CA TYR A 298 -0.13 9.69 12.59
C TYR A 298 0.10 10.46 11.29
N GLY A 299 0.19 9.75 10.18
CA GLY A 299 0.42 10.50 8.97
C GLY A 299 -0.66 11.52 8.64
N GLU A 300 -1.92 11.16 8.89
CA GLU A 300 -3.04 12.12 8.68
C GLU A 300 -2.93 13.38 9.53
N ASN A 301 -2.58 13.17 10.80
CA ASN A 301 -2.42 14.24 11.71
C ASN A 301 -1.26 15.15 11.36
N VAL A 302 -0.19 14.52 10.85
CA VAL A 302 0.96 15.27 10.37
C VAL A 302 0.48 16.21 9.29
N ILE A 303 -0.26 15.67 8.32
CA ILE A 303 -0.73 16.45 7.21
C ILE A 303 -1.63 17.62 7.70
N LYS A 304 -2.59 17.26 8.52
CA LYS A 304 -3.52 18.31 9.14
C LYS A 304 -2.86 19.39 9.99
N ASN A 305 -1.86 19.00 10.79
CA ASN A 305 -1.21 19.92 11.68
C ASN A 305 -0.40 20.87 10.89
N ALA A 306 0.27 20.40 9.84
CA ALA A 306 1.02 21.34 9.03
C ALA A 306 0.14 22.33 8.32
N ALA A 307 -0.94 21.82 7.75
CA ALA A 307 -1.89 22.71 6.99
C ALA A 307 -2.55 23.79 7.89
N ALA A 308 -2.84 23.44 9.12
CA ALA A 308 -3.37 24.40 10.09
C ALA A 308 -2.35 25.49 10.43
N MET A 309 -1.05 25.15 10.50
CA MET A 309 -0.08 26.19 10.75
C MET A 309 0.09 27.05 9.60
N ALA A 310 0.10 26.42 8.41
CA ALA A 310 0.29 27.19 7.20
C ALA A 310 -0.88 28.15 7.01
N ASP A 311 -2.05 27.74 7.38
CA ASP A 311 -3.25 28.59 7.21
C ASP A 311 -3.15 29.94 7.97
N VAL A 312 -2.56 29.89 9.17
CA VAL A 312 -2.38 31.11 9.97
C VAL A 312 -1.50 32.05 9.19
N PHE A 313 -0.43 31.53 8.57
CA PHE A 313 0.45 32.40 7.80
C PHE A 313 -0.19 32.88 6.49
N ASN A 314 -0.97 32.01 5.87
CA ASN A 314 -1.69 32.39 4.64
C ASN A 314 -2.65 33.57 4.85
N GLN A 315 -3.45 33.47 5.89
CA GLN A 315 -4.41 34.50 6.22
C GLN A 315 -3.78 35.82 6.61
N HIS A 316 -2.62 35.80 7.27
CA HIS A 316 -2.01 37.04 7.73
C HIS A 316 -1.52 37.79 6.54
N PRO A 317 -1.75 39.11 6.47
CA PRO A 317 -1.36 39.84 5.28
C PRO A 317 0.15 40.13 5.16
N ASP A 318 0.93 39.99 6.23
CA ASP A 318 2.34 40.34 6.13
C ASP A 318 3.29 39.13 6.02
N PHE A 319 2.72 37.95 5.93
CA PHE A 319 3.46 36.70 5.71
C PHE A 319 2.91 35.99 4.49
N ARG A 320 3.83 35.34 3.74
CA ARG A 320 3.48 34.59 2.52
C ARG A 320 4.07 33.15 2.62
N VAL A 321 3.19 32.14 2.40
CA VAL A 321 3.61 30.74 2.35
C VAL A 321 4.04 30.46 0.96
N ILE A 322 5.22 29.87 0.83
CA ILE A 322 5.73 29.48 -0.50
C ILE A 322 4.78 28.46 -1.12
N SER A 323 4.41 28.69 -2.36
CA SER A 323 3.39 27.88 -3.08
C SER A 323 1.97 28.02 -2.56
N GLY A 324 1.75 28.80 -1.52
CA GLY A 324 0.41 29.16 -1.09
C GLY A 324 -0.09 28.15 -0.11
N GLY A 325 0.76 27.25 0.34
CA GLY A 325 0.25 26.17 1.24
C GLY A 325 1.11 24.91 1.17
N THR A 326 0.55 23.80 1.64
CA THR A 326 1.27 22.56 1.74
C THR A 326 0.35 21.37 1.58
N ASN A 327 0.90 20.26 1.01
CA ASN A 327 0.32 18.92 1.06
C ASN A 327 1.20 17.88 1.77
N ASN A 328 2.22 18.34 2.48
CA ASN A 328 2.99 17.43 3.29
C ASN A 328 3.19 17.95 4.73
N HIS A 329 4.28 17.53 5.38
CA HIS A 329 4.66 17.85 6.72
C HIS A 329 5.29 19.21 6.93
N LEU A 330 5.51 19.99 5.88
CA LEU A 330 6.24 21.22 6.07
C LEU A 330 5.78 22.34 5.16
N PHE A 331 6.25 23.54 5.43
CA PHE A 331 6.13 24.66 4.54
C PHE A 331 7.17 25.71 4.90
N LEU A 332 7.35 26.63 3.96
CA LEU A 332 8.17 27.77 4.11
C LEU A 332 7.32 29.02 4.14
N VAL A 333 7.78 29.98 4.93
CA VAL A 333 7.22 31.33 5.00
C VAL A 333 8.29 32.41 4.70
N ASP A 334 7.95 33.36 3.83
CA ASP A 334 8.73 34.59 3.68
C ASP A 334 8.37 35.51 4.86
N VAL A 335 9.35 35.76 5.71
CA VAL A 335 9.16 36.61 6.88
C VAL A 335 9.62 38.05 6.67
N THR A 336 10.05 38.40 5.48
CA THR A 336 10.81 39.64 5.33
C THR A 336 9.98 40.95 5.45
N LYS A 337 8.64 40.89 5.47
CA LYS A 337 7.86 42.10 5.70
C LYS A 337 7.81 42.41 7.14
N VAL A 338 8.13 41.44 7.95
CA VAL A 338 8.00 41.61 9.35
C VAL A 338 9.34 41.66 10.11
N VAL A 339 10.35 40.83 9.77
CA VAL A 339 11.69 40.97 10.32
C VAL A 339 12.64 40.97 9.16
N GLU A 340 13.87 41.28 9.45
CA GLU A 340 14.79 41.52 8.36
C GLU A 340 15.11 40.24 7.55
N ASN A 341 15.20 39.11 8.21
CA ASN A 341 15.53 37.88 7.51
C ASN A 341 15.18 36.64 8.30
N GLY A 342 15.38 35.47 7.68
CA GLY A 342 15.00 34.17 8.31
C GLY A 342 15.84 33.85 9.55
N LYS A 343 17.07 34.28 9.49
CA LYS A 343 17.97 34.17 10.66
C LYS A 343 17.45 34.92 11.91
N VAL A 344 17.07 36.19 11.72
CA VAL A 344 16.43 36.94 12.82
C VAL A 344 15.22 36.19 13.34
N ALA A 345 14.36 35.71 12.41
CA ALA A 345 13.14 35.01 12.82
C ALA A 345 13.43 33.81 13.68
N GLN A 346 14.43 33.04 13.23
CA GLN A 346 14.85 31.89 13.99
C GLN A 346 15.31 32.24 15.41
N ASN A 347 16.16 33.25 15.54
CA ASN A 347 16.59 33.65 16.89
C ASN A 347 15.42 34.15 17.74
N VAL A 348 14.51 34.90 17.13
CA VAL A 348 13.36 35.41 17.88
C VAL A 348 12.49 34.32 18.43
N LEU A 349 12.16 33.35 17.59
CA LEU A 349 11.34 32.25 18.05
C LEU A 349 11.99 31.43 19.10
N GLU A 350 13.32 31.33 19.04
CA GLU A 350 13.99 30.61 20.14
C GLU A 350 13.75 31.26 21.47
N GLU A 351 13.64 32.59 21.48
CA GLU A 351 13.26 33.30 22.75
C GLU A 351 11.96 32.79 23.33
N VAL A 352 11.04 32.26 22.50
CA VAL A 352 9.75 31.78 22.99
C VAL A 352 9.64 30.26 23.11
N ASN A 353 10.80 29.58 23.17
CA ASN A 353 10.80 28.13 23.24
C ASN A 353 10.26 27.35 22.03
N ILE A 354 10.40 27.96 20.86
CA ILE A 354 10.00 27.38 19.63
C ILE A 354 11.24 27.27 18.73
N THR A 355 11.62 26.04 18.35
CA THR A 355 12.78 25.87 17.44
C THR A 355 12.36 25.53 16.03
N LEU A 356 12.93 26.27 15.09
CA LEU A 356 12.80 25.99 13.69
C LEU A 356 14.06 26.44 12.97
N ASN A 357 14.09 26.42 11.65
CA ASN A 357 15.26 26.92 11.01
C ASN A 357 14.92 27.91 9.93
N LYS A 358 15.83 28.85 9.73
CA LYS A 358 15.76 29.69 8.58
C LYS A 358 15.94 28.86 7.33
N ASN A 359 15.59 29.44 6.19
CA ASN A 359 15.64 28.66 5.00
C ASN A 359 15.44 29.54 3.84
N SER A 360 16.24 29.35 2.82
CA SER A 360 16.08 30.07 1.58
C SER A 360 14.74 29.71 0.95
N ILE A 361 14.29 30.57 0.08
CA ILE A 361 13.02 30.42 -0.57
C ILE A 361 13.36 30.45 -2.01
N PRO A 362 12.44 30.07 -2.86
CA PRO A 362 12.85 30.02 -4.26
C PRO A 362 13.26 31.40 -4.76
N TYR A 363 14.27 31.46 -5.63
CA TYR A 363 14.83 32.73 -6.15
C TYR A 363 15.27 33.69 -5.01
N GLU A 364 15.72 33.11 -3.90
CA GLU A 364 16.19 33.83 -2.73
C GLU A 364 17.07 34.98 -3.15
N GLN A 365 16.84 36.15 -2.56
CA GLN A 365 17.63 37.33 -2.88
C GLN A 365 18.66 37.62 -1.80
N LEU A 366 18.35 37.25 -0.57
CA LEU A 366 19.26 37.46 0.55
C LEU A 366 20.39 36.44 0.54
N SER A 367 21.41 36.69 1.36
CA SER A 367 22.56 35.80 1.45
C SER A 367 22.21 34.52 2.19
N PRO A 368 22.70 33.39 1.68
CA PRO A 368 22.43 32.09 2.29
C PRO A 368 22.55 32.07 3.80
N PHE A 369 23.34 32.95 4.41
CA PHE A 369 23.42 32.94 5.86
C PHE A 369 22.25 33.70 6.52
N LYS A 370 21.50 34.49 5.74
CA LYS A 370 20.33 35.25 6.28
C LYS A 370 18.99 34.58 5.88
N THR A 371 18.79 34.51 4.56
CA THR A 371 17.57 33.97 3.90
C THR A 371 16.35 34.79 4.17
N SER A 372 15.36 34.63 3.31
CA SER A 372 14.13 35.32 3.45
C SER A 372 13.12 34.56 4.23
N GLY A 373 13.46 33.33 4.64
CA GLY A 373 12.43 32.40 5.09
C GLY A 373 12.65 31.61 6.35
N ILE A 374 11.59 30.97 6.80
CA ILE A 374 11.63 29.96 7.84
C ILE A 374 10.94 28.72 7.31
N ARG A 375 11.37 27.57 7.84
CA ARG A 375 10.79 26.32 7.49
C ARG A 375 10.17 25.80 8.70
N VAL A 376 8.90 25.39 8.59
CA VAL A 376 8.17 24.87 9.70
C VAL A 376 7.66 23.51 9.36
N GLY A 377 7.69 22.63 10.35
CA GLY A 377 7.24 21.30 10.21
C GLY A 377 6.40 20.79 11.38
N SER A 378 5.49 19.87 11.08
CA SER A 378 4.63 19.23 12.04
C SER A 378 4.97 17.86 12.65
N PRO A 379 5.96 17.13 12.12
CA PRO A 379 6.06 15.78 12.73
C PRO A 379 6.33 15.65 14.20
N ALA A 380 7.20 16.48 14.74
CA ALA A 380 7.51 16.28 16.14
C ALA A 380 6.31 16.76 17.05
N ILE A 381 5.62 17.86 16.72
CA ILE A 381 4.43 18.22 17.57
C ILE A 381 3.33 17.19 17.45
N THR A 382 3.28 16.51 16.31
CA THR A 382 2.22 15.54 16.10
C THR A 382 2.55 14.32 16.93
N SER A 383 3.82 13.95 16.99
CA SER A 383 4.15 12.81 17.76
C SER A 383 4.01 13.08 19.23
N ARG A 384 3.94 14.30 19.63
CA ARG A 384 3.58 14.57 21.06
C ARG A 384 2.08 14.56 21.35
N GLY A 385 1.26 14.33 20.37
CA GLY A 385 -0.20 14.31 20.61
C GLY A 385 -0.90 15.59 20.31
N MET A 386 -0.25 16.59 19.75
CA MET A 386 -0.90 17.80 19.45
C MET A 386 -1.73 17.70 18.19
N GLY A 387 -2.88 18.39 18.17
CA GLY A 387 -3.79 18.34 17.05
C GLY A 387 -3.85 19.69 16.39
N GLU A 388 -4.92 19.93 15.65
CA GLU A 388 -5.04 21.17 14.85
C GLU A 388 -5.16 22.42 15.70
N ALA A 389 -5.88 22.34 16.80
CA ALA A 389 -6.06 23.55 17.62
C ALA A 389 -4.71 24.03 18.20
N GLU A 390 -3.94 23.09 18.66
CA GLU A 390 -2.60 23.38 19.17
C GLU A 390 -1.70 23.93 18.09
N SER A 391 -1.78 23.35 16.89
CA SER A 391 -0.89 23.74 15.81
C SER A 391 -1.21 25.19 15.43
N ARG A 392 -2.50 25.49 15.31
CA ARG A 392 -2.93 26.83 15.06
C ARG A 392 -2.46 27.81 16.13
N GLN A 393 -2.57 27.41 17.38
CA GLN A 393 -2.13 28.29 18.47
C GLN A 393 -0.65 28.58 18.37
N ILE A 394 0.12 27.57 17.95
CA ILE A 394 1.55 27.73 17.87
C ILE A 394 1.90 28.73 16.79
N ALA A 395 1.25 28.61 15.64
CA ALA A 395 1.58 29.56 14.58
C ALA A 395 1.17 30.99 14.93
N GLU A 396 0.07 31.15 15.67
CA GLU A 396 -0.37 32.54 16.12
C GLU A 396 0.72 33.03 17.03
N TRP A 397 1.21 32.16 17.92
CA TRP A 397 2.32 32.64 18.74
C TRP A 397 3.54 33.05 17.97
N MET A 398 3.80 32.43 16.82
CA MET A 398 4.97 32.75 16.09
C MET A 398 4.77 34.09 15.45
N VAL A 399 3.57 34.27 14.92
CA VAL A 399 3.25 35.54 14.26
C VAL A 399 3.43 36.68 15.26
N GLU A 400 2.84 36.50 16.44
CA GLU A 400 2.91 37.50 17.45
C GLU A 400 4.36 37.77 17.89
N ALA A 401 5.11 36.69 18.14
CA ALA A 401 6.49 36.84 18.53
C ALA A 401 7.27 37.62 17.52
N LEU A 402 7.04 37.31 16.25
CA LEU A 402 7.79 37.97 15.20
C LEU A 402 7.38 39.43 15.06
N GLU A 403 6.08 39.69 15.16
CA GLU A 403 5.62 41.11 15.11
C GLU A 403 6.20 41.96 16.27
N ASN A 404 6.50 41.36 17.38
CA ASN A 404 6.98 42.02 18.51
C ASN A 404 8.40 41.61 18.85
N HIS A 405 9.22 41.44 17.83
CA HIS A 405 10.52 40.90 18.03
C HIS A 405 11.30 41.76 19.02
N ASP A 406 11.18 43.09 18.93
CA ASP A 406 11.92 44.02 19.84
C ASP A 406 11.27 44.28 21.21
N LYS A 407 10.31 43.45 21.63
CA LYS A 407 9.67 43.64 22.90
C LYS A 407 9.73 42.47 23.78
N PRO A 408 10.73 42.45 24.65
CA PRO A 408 11.04 41.29 25.45
C PRO A 408 9.96 40.97 26.44
N GLU A 409 9.21 41.96 26.85
CA GLU A 409 8.09 41.67 27.76
C GLU A 409 6.97 40.89 27.00
N VAL A 410 6.80 41.14 25.72
CA VAL A 410 5.78 40.35 24.97
C VAL A 410 6.33 38.92 24.77
N LEU A 411 7.57 38.82 24.28
CA LEU A 411 8.27 37.48 24.19
C LEU A 411 8.20 36.68 25.46
N GLU A 412 8.43 37.34 26.58
CA GLU A 412 8.32 36.66 27.90
C GLU A 412 6.92 36.13 28.14
N ARG A 413 5.94 36.92 27.79
CA ARG A 413 4.57 36.48 28.02
C ARG A 413 4.21 35.28 27.09
N ILE A 414 4.60 35.40 25.84
CA ILE A 414 4.37 34.23 24.88
C ILE A 414 5.12 33.03 25.44
N ARG A 415 6.31 33.25 25.99
CA ARG A 415 7.04 32.11 26.51
C ARG A 415 6.25 31.46 27.62
N GLY A 416 5.53 32.27 28.44
CA GLY A 416 4.82 31.66 29.55
C GLY A 416 3.62 30.89 29.02
N ASP A 417 2.94 31.41 28.00
CA ASP A 417 1.85 30.60 27.42
C ASP A 417 2.35 29.26 26.77
N VAL A 418 3.51 29.32 26.13
CA VAL A 418 4.11 28.05 25.53
C VAL A 418 4.29 26.99 26.62
N LYS A 419 4.74 27.43 27.80
CA LYS A 419 4.85 26.49 28.93
C LYS A 419 3.53 25.81 29.30
N VAL A 420 2.42 26.56 29.29
CA VAL A 420 1.10 25.95 29.60
C VAL A 420 0.82 24.85 28.57
N LEU A 421 1.06 25.18 27.31
CA LEU A 421 0.87 24.14 26.27
C LEU A 421 1.80 22.94 26.49
N THR A 422 3.09 23.20 26.69
CA THR A 422 4.01 22.03 26.73
C THR A 422 3.71 21.18 27.90
N ASP A 423 3.28 21.83 28.99
CA ASP A 423 2.89 21.09 30.21
C ASP A 423 1.67 20.18 29.99
N ALA A 424 0.75 20.61 29.13
CA ALA A 424 -0.46 19.85 28.80
C ALA A 424 -0.19 18.72 27.83
N PHE A 425 0.91 18.80 27.06
CA PHE A 425 1.26 17.70 26.15
C PHE A 425 2.65 17.11 26.49
N PRO A 426 2.76 16.35 27.58
CA PRO A 426 4.02 15.67 27.94
C PRO A 426 4.66 14.91 26.82
N LEU A 427 5.97 15.01 26.74
CA LEU A 427 6.73 14.34 25.70
C LEU A 427 6.79 12.83 25.90
N TYR A 428 7.11 12.35 27.09
CA TYR A 428 7.25 10.89 27.27
C TYR A 428 6.53 10.55 28.57
N ASP B 19 -25.28 -33.43 -20.64
CA ASP B 19 -24.71 -32.32 -21.45
C ASP B 19 -25.79 -31.42 -22.04
N TYR B 20 -25.99 -30.31 -21.34
CA TYR B 20 -27.00 -29.29 -21.63
C TYR B 20 -26.87 -28.49 -22.95
N LYS B 21 -25.76 -28.60 -23.66
CA LYS B 21 -25.55 -27.78 -24.85
C LYS B 21 -26.27 -28.27 -26.09
N ALA B 22 -26.58 -29.57 -26.02
CA ALA B 22 -27.41 -30.24 -27.02
C ALA B 22 -28.83 -29.65 -27.00
N PHE B 23 -29.36 -29.42 -25.81
CA PHE B 23 -30.69 -28.82 -25.75
C PHE B 23 -30.80 -27.45 -26.44
N ASP B 24 -29.72 -26.63 -26.45
CA ASP B 24 -29.77 -25.20 -26.95
C ASP B 24 -28.56 -24.78 -27.80
N PRO B 25 -28.37 -25.46 -28.94
CA PRO B 25 -27.22 -25.23 -29.83
C PRO B 25 -27.18 -23.82 -30.46
N GLU B 26 -28.34 -23.22 -30.67
CA GLU B 26 -28.41 -21.89 -31.21
C GLU B 26 -27.68 -20.95 -30.20
N LEU B 27 -27.96 -21.11 -28.90
CA LEU B 27 -27.37 -20.25 -27.89
C LEU B 27 -25.91 -20.61 -27.73
N TRP B 28 -25.61 -21.89 -27.48
CA TRP B 28 -24.21 -22.30 -27.22
C TRP B 28 -23.27 -22.17 -28.38
N ASN B 29 -23.79 -22.24 -29.58
CA ASN B 29 -22.91 -21.95 -30.67
C ASN B 29 -22.59 -20.49 -30.68
N ALA B 30 -23.54 -19.62 -30.35
CA ALA B 30 -23.20 -18.20 -30.35
C ALA B 30 -22.12 -17.89 -29.27
N ILE B 31 -22.13 -18.60 -28.16
CA ILE B 31 -21.10 -18.45 -27.15
C ILE B 31 -19.79 -18.90 -27.77
N ASP B 32 -19.76 -20.01 -28.51
CA ASP B 32 -18.47 -20.39 -29.11
C ASP B 32 -18.04 -19.39 -30.17
N ALA B 33 -18.98 -18.81 -30.90
CA ALA B 33 -18.59 -17.78 -31.82
C ALA B 33 -17.93 -16.57 -31.07
N GLU B 34 -18.49 -16.13 -29.96
CA GLU B 34 -17.96 -14.98 -29.22
C GLU B 34 -16.56 -15.29 -28.69
N ALA B 35 -16.40 -16.50 -28.17
CA ALA B 35 -15.10 -16.96 -27.75
C ALA B 35 -14.07 -16.87 -28.87
N GLU B 36 -14.46 -17.23 -30.08
CA GLU B 36 -13.56 -17.13 -31.20
C GLU B 36 -13.41 -15.70 -31.66
N ARG B 37 -14.50 -14.92 -31.61
CA ARG B 37 -14.38 -13.52 -31.94
C ARG B 37 -13.35 -12.80 -31.01
N GLN B 38 -13.41 -13.05 -29.70
CA GLN B 38 -12.53 -12.38 -28.72
C GLN B 38 -11.06 -12.80 -28.94
N GLN B 39 -10.88 -14.09 -29.16
CA GLN B 39 -9.61 -14.64 -29.54
C GLN B 39 -8.95 -13.93 -30.70
N ASN B 40 -9.70 -13.60 -31.74
CA ASN B 40 -9.13 -12.97 -32.96
C ASN B 40 -9.18 -11.42 -32.96
N ASN B 41 -9.71 -10.81 -31.91
CA ASN B 41 -9.79 -9.35 -31.78
C ASN B 41 -8.57 -8.89 -30.99
N ILE B 42 -8.06 -7.71 -31.36
CA ILE B 42 -7.12 -6.96 -30.49
C ILE B 42 -8.00 -5.95 -29.82
N GLU B 43 -8.23 -6.17 -28.56
CA GLU B 43 -9.08 -5.30 -27.75
C GLU B 43 -8.27 -4.16 -27.15
N LEU B 44 -8.47 -2.93 -27.64
CA LEU B 44 -7.86 -1.70 -27.13
C LEU B 44 -8.85 -0.80 -26.44
N ILE B 45 -10.06 -1.28 -26.26
CA ILE B 45 -11.00 -0.48 -25.49
C ILE B 45 -10.53 -0.42 -24.04
N ALA B 46 -10.21 0.79 -23.59
CA ALA B 46 -9.55 1.05 -22.28
C ALA B 46 -10.27 0.57 -21.06
N SER B 47 -11.58 0.47 -21.15
CA SER B 47 -12.40 -0.13 -20.11
C SER B 47 -12.53 -1.61 -20.06
N GLU B 48 -11.98 -2.33 -21.02
CA GLU B 48 -12.16 -3.77 -21.12
C GLU B 48 -11.01 -4.52 -20.53
N ASN B 49 -11.32 -5.73 -20.13
CA ASN B 49 -10.29 -6.59 -19.70
C ASN B 49 -10.67 -8.02 -19.99
N VAL B 50 -9.81 -8.92 -19.57
CA VAL B 50 -10.00 -10.31 -19.70
C VAL B 50 -10.02 -10.99 -18.32
N VAL B 51 -11.15 -11.36 -17.77
CA VAL B 51 -11.11 -11.95 -16.44
C VAL B 51 -10.56 -13.37 -16.45
N SER B 52 -10.15 -13.86 -15.29
CA SER B 52 -9.68 -15.22 -15.19
C SER B 52 -10.82 -16.23 -15.23
N LYS B 53 -10.45 -17.50 -15.38
CA LYS B 53 -11.39 -18.59 -15.31
C LYS B 53 -12.02 -18.70 -13.99
N ALA B 54 -11.29 -18.38 -12.93
CA ALA B 54 -11.86 -18.51 -11.57
C ALA B 54 -12.94 -17.49 -11.32
N VAL B 55 -12.77 -16.29 -11.85
CA VAL B 55 -13.78 -15.27 -11.73
C VAL B 55 -15.03 -15.71 -12.48
N MET B 56 -14.90 -16.16 -13.73
CA MET B 56 -16.06 -16.69 -14.44
C MET B 56 -16.66 -17.90 -13.73
N ALA B 57 -15.86 -18.82 -13.22
CA ALA B 57 -16.47 -19.92 -12.44
C ALA B 57 -17.18 -19.46 -11.23
N ALA B 58 -16.66 -18.45 -10.53
CA ALA B 58 -17.37 -18.03 -9.34
C ALA B 58 -18.77 -17.45 -9.67
N GLN B 59 -18.84 -16.69 -10.74
CA GLN B 59 -20.07 -16.01 -11.15
C GLN B 59 -21.07 -17.12 -11.54
N GLY B 60 -20.55 -18.24 -12.04
CA GLY B 60 -21.35 -19.38 -12.43
C GLY B 60 -21.71 -20.42 -11.38
N THR B 61 -21.83 -20.06 -10.12
CA THR B 61 -22.16 -21.04 -9.13
C THR B 61 -23.60 -20.93 -8.63
N LEU B 62 -23.99 -21.93 -7.86
CA LEU B 62 -25.34 -22.00 -7.31
C LEU B 62 -25.66 -20.83 -6.39
N LEU B 63 -24.66 -20.04 -5.99
CA LEU B 63 -24.95 -18.93 -5.09
C LEU B 63 -26.03 -18.04 -5.67
N THR B 64 -26.20 -18.07 -6.98
CA THR B 64 -27.34 -17.38 -7.57
C THR B 64 -28.68 -17.82 -7.01
N ASN B 65 -28.79 -19.04 -6.47
CA ASN B 65 -30.06 -19.46 -5.87
C ASN B 65 -30.42 -18.81 -4.55
N LYS B 66 -29.51 -18.09 -3.93
CA LYS B 66 -29.76 -17.66 -2.59
C LYS B 66 -29.87 -16.17 -2.43
N TYR B 67 -31.05 -15.74 -2.05
CA TYR B 67 -31.37 -14.37 -1.90
C TYR B 67 -31.27 -13.97 -0.40
N ALA B 68 -30.38 -13.02 -0.15
CA ALA B 68 -29.93 -12.69 1.20
C ALA B 68 -29.89 -11.18 1.50
N GLU B 69 -31.07 -10.60 1.58
CA GLU B 69 -31.23 -9.24 2.06
C GLU B 69 -30.53 -8.91 3.37
N GLY B 70 -29.87 -7.75 3.38
CA GLY B 70 -29.16 -7.26 4.55
C GLY B 70 -27.68 -7.45 4.42
N TYR B 71 -27.01 -7.40 5.55
CA TYR B 71 -25.56 -7.54 5.59
C TYR B 71 -25.12 -8.77 6.44
N PRO B 72 -23.86 -9.19 6.30
CA PRO B 72 -23.42 -10.31 7.14
C PRO B 72 -23.77 -10.18 8.59
N GLY B 73 -24.29 -11.28 9.14
CA GLY B 73 -24.75 -11.32 10.50
C GLY B 73 -25.90 -10.42 10.77
N LYS B 74 -26.47 -9.79 9.75
CA LYS B 74 -27.68 -8.99 10.02
C LYS B 74 -28.67 -9.17 8.90
N ARG B 75 -28.87 -10.44 8.55
CA ARG B 75 -29.72 -10.81 7.43
C ARG B 75 -31.15 -10.87 7.89
N TYR B 76 -32.04 -10.88 6.93
CA TYR B 76 -33.46 -10.92 7.23
C TYR B 76 -33.88 -12.40 7.32
N TYR B 77 -33.34 -13.21 6.45
CA TYR B 77 -33.76 -14.58 6.32
C TYR B 77 -32.64 -15.51 6.80
N GLY B 78 -33.01 -16.75 7.09
CA GLY B 78 -32.06 -17.76 7.47
C GLY B 78 -31.41 -18.40 6.28
N GLY B 79 -30.59 -19.40 6.55
CA GLY B 79 -29.80 -20.06 5.53
C GLY B 79 -28.63 -19.23 5.02
N THR B 80 -28.19 -18.25 5.80
CA THR B 80 -27.23 -17.26 5.31
C THR B 80 -25.82 -17.35 5.91
N ALA B 81 -25.54 -18.35 6.73
CA ALA B 81 -24.19 -18.47 7.34
C ALA B 81 -23.04 -18.62 6.35
N VAL B 82 -23.22 -19.36 5.25
CA VAL B 82 -22.10 -19.51 4.28
C VAL B 82 -21.97 -18.27 3.37
N ILE B 83 -23.11 -17.72 2.98
CA ILE B 83 -23.16 -16.48 2.24
C ILE B 83 -22.38 -15.41 3.04
N ASP B 84 -22.54 -15.41 4.35
CA ASP B 84 -21.86 -14.48 5.22
C ASP B 84 -20.36 -14.59 5.13
N VAL B 85 -19.88 -15.82 5.04
CA VAL B 85 -18.45 -16.09 4.93
C VAL B 85 -18.01 -15.60 3.60
N VAL B 86 -18.75 -15.92 2.54
CA VAL B 86 -18.35 -15.40 1.26
C VAL B 86 -18.31 -13.86 1.19
N GLU B 87 -19.36 -13.21 1.65
CA GLU B 87 -19.40 -11.75 1.51
C GLU B 87 -18.34 -11.12 2.43
N THR B 88 -18.15 -11.68 3.63
CA THR B 88 -17.06 -11.23 4.55
C THR B 88 -15.66 -11.31 3.97
N LEU B 89 -15.39 -12.32 3.17
CA LEU B 89 -14.20 -12.39 2.44
C LEU B 89 -13.99 -11.27 1.45
N ALA B 90 -15.02 -10.99 0.63
CA ALA B 90 -14.94 -9.87 -0.29
C ALA B 90 -14.68 -8.54 0.43
N ILE B 91 -15.41 -8.29 1.48
CA ILE B 91 -15.24 -7.11 2.25
C ILE B 91 -13.82 -7.01 2.82
N GLU B 92 -13.36 -8.08 3.47
CA GLU B 92 -12.01 -8.05 4.13
C GLU B 92 -10.92 -7.86 3.11
N ARG B 93 -11.08 -8.50 1.96
CA ARG B 93 -10.11 -8.32 0.90
C ARG B 93 -10.09 -6.95 0.25
N ALA B 94 -11.23 -6.33 0.09
CA ALA B 94 -11.27 -4.97 -0.41
C ALA B 94 -10.56 -4.07 0.58
N LYS B 95 -10.94 -4.18 1.84
CA LYS B 95 -10.31 -3.44 2.92
C LYS B 95 -8.83 -3.57 2.90
N LYS B 96 -8.36 -4.78 2.72
CA LYS B 96 -6.94 -5.00 2.77
C LYS B 96 -6.26 -4.46 1.56
N LEU B 97 -6.77 -4.79 0.40
CA LEU B 97 -6.12 -4.35 -0.77
C LEU B 97 -6.06 -2.83 -0.87
N PHE B 98 -7.14 -2.13 -0.54
CA PHE B 98 -7.19 -0.72 -0.72
C PHE B 98 -6.85 0.11 0.50
N GLY B 99 -6.72 -0.54 1.64
CA GLY B 99 -6.26 0.16 2.87
C GLY B 99 -7.36 1.00 3.44
N ALA B 100 -8.62 0.59 3.26
CA ALA B 100 -9.80 1.28 3.86
C ALA B 100 -10.38 0.53 5.06
N LYS B 101 -10.98 1.28 5.98
CA LYS B 101 -11.59 0.70 7.14
C LYS B 101 -12.97 0.11 6.91
N PHE B 102 -13.66 0.52 5.86
CA PHE B 102 -15.03 0.07 5.63
C PHE B 102 -15.20 -0.18 4.16
N ALA B 103 -15.81 -1.29 3.79
CA ALA B 103 -16.07 -1.62 2.38
C ALA B 103 -17.48 -2.12 2.25
N ASN B 104 -18.13 -1.76 1.16
CA ASN B 104 -19.43 -2.31 0.84
C ASN B 104 -19.34 -2.93 -0.49
N VAL B 105 -19.55 -4.25 -0.57
CA VAL B 105 -19.34 -4.98 -1.84
C VAL B 105 -20.66 -5.37 -2.53
N GLN B 106 -21.75 -4.81 -2.04
CA GLN B 106 -23.08 -5.16 -2.65
C GLN B 106 -23.57 -4.40 -3.84
N PRO B 107 -23.00 -3.22 -4.15
CA PRO B 107 -23.51 -2.54 -5.33
C PRO B 107 -23.44 -3.33 -6.60
N HIS B 108 -24.54 -3.37 -7.40
CA HIS B 108 -24.59 -4.22 -8.59
C HIS B 108 -23.77 -3.65 -9.69
N SER B 109 -23.47 -2.36 -9.60
CA SER B 109 -22.71 -1.71 -10.64
C SER B 109 -21.97 -0.46 -10.08
N GLY B 110 -21.15 0.13 -10.90
CA GLY B 110 -20.49 1.41 -10.58
C GLY B 110 -21.48 2.52 -10.34
N SER B 111 -22.47 2.65 -11.22
CA SER B 111 -23.49 3.72 -11.12
C SER B 111 -24.26 3.59 -9.85
N GLN B 112 -24.58 2.36 -9.48
CA GLN B 112 -25.31 2.12 -8.19
C GLN B 112 -24.46 2.51 -7.03
N ALA B 113 -23.18 2.19 -7.13
CA ALA B 113 -22.27 2.57 -6.08
C ALA B 113 -22.23 4.10 -5.95
N ASN B 114 -22.07 4.78 -7.07
CA ASN B 114 -22.03 6.26 -7.02
C ASN B 114 -23.34 6.86 -6.47
N ALA B 115 -24.47 6.35 -6.97
CA ALA B 115 -25.81 6.79 -6.52
C ALA B 115 -25.96 6.68 -4.99
N ALA B 116 -25.33 5.65 -4.40
CA ALA B 116 -25.44 5.48 -2.93
C ALA B 116 -24.63 6.51 -2.17
N VAL B 117 -23.52 6.89 -2.75
CA VAL B 117 -22.74 7.97 -2.16
C VAL B 117 -23.55 9.25 -2.19
N TYR B 118 -24.14 9.54 -3.34
CA TYR B 118 -24.98 10.74 -3.49
C TYR B 118 -26.13 10.74 -2.43
N MET B 119 -26.83 9.62 -2.28
CA MET B 119 -27.91 9.49 -1.30
C MET B 119 -27.37 9.66 0.07
N SER B 120 -26.14 9.25 0.31
CA SER B 120 -25.64 9.33 1.67
C SER B 120 -25.12 10.69 2.07
N LEU B 121 -24.64 11.46 1.11
CA LEU B 121 -23.93 12.70 1.50
C LEU B 121 -24.63 14.01 1.11
N ILE B 122 -25.43 14.00 0.08
CA ILE B 122 -26.04 15.24 -0.36
C ILE B 122 -27.56 15.06 -0.52
N GLN B 123 -28.25 16.16 -0.86
CA GLN B 123 -29.69 16.13 -1.19
C GLN B 123 -30.02 16.28 -2.65
N PRO B 124 -31.19 15.77 -3.06
CA PRO B 124 -31.64 16.07 -4.41
C PRO B 124 -31.63 17.56 -4.70
N GLY B 125 -31.24 17.88 -5.91
CA GLY B 125 -31.06 19.28 -6.26
C GLY B 125 -29.67 19.88 -5.96
N ASP B 126 -28.87 19.29 -5.06
CA ASP B 126 -27.53 19.82 -4.71
C ASP B 126 -26.56 19.75 -5.88
N THR B 127 -25.62 20.68 -5.92
CA THR B 127 -24.64 20.76 -6.96
C THR B 127 -23.49 19.72 -6.73
N VAL B 128 -23.14 19.03 -7.80
CA VAL B 128 -21.97 18.13 -7.83
C VAL B 128 -21.09 18.53 -9.00
N MET B 129 -19.80 18.74 -8.73
CA MET B 129 -18.85 18.99 -9.75
C MET B 129 -18.13 17.66 -10.09
N GLY B 130 -17.98 17.40 -11.36
CA GLY B 130 -17.27 16.20 -11.82
C GLY B 130 -16.57 16.47 -13.14
N MET B 131 -15.70 15.56 -13.55
CA MET B 131 -14.79 15.81 -14.67
C MET B 131 -15.45 15.48 -16.01
N ASP B 132 -15.43 16.44 -16.92
CA ASP B 132 -15.68 16.14 -18.35
C ASP B 132 -16.98 15.34 -18.49
N LEU B 133 -18.07 15.91 -17.99
CA LEU B 133 -19.36 15.19 -17.81
C LEU B 133 -20.17 15.15 -19.09
N PRO B 144 -19.38 11.07 -14.03
CA PRO B 144 -20.06 10.06 -13.23
C PRO B 144 -21.58 10.30 -12.88
N VAL B 145 -22.37 10.67 -13.92
CA VAL B 145 -23.83 11.07 -13.84
C VAL B 145 -24.85 9.90 -13.84
N SER B 146 -24.82 9.09 -14.91
CA SER B 146 -25.72 7.93 -15.15
C SER B 146 -27.20 8.34 -15.14
N PHE B 147 -28.01 7.56 -14.41
CA PHE B 147 -29.39 7.96 -13.97
C PHE B 147 -29.55 9.13 -13.00
N SER B 148 -28.50 9.42 -12.24
CA SER B 148 -28.56 10.47 -11.25
C SER B 148 -28.58 11.89 -11.84
N GLY B 149 -28.36 12.06 -13.17
CA GLY B 149 -28.29 13.38 -13.82
C GLY B 149 -29.48 14.32 -13.65
N LYS B 150 -30.63 13.79 -13.26
CA LYS B 150 -31.82 14.65 -13.07
C LYS B 150 -32.09 14.82 -11.61
N THR B 151 -31.40 14.09 -10.75
CA THR B 151 -31.62 14.24 -9.34
C THR B 151 -30.77 15.36 -8.70
N TYR B 152 -29.63 15.67 -9.34
CA TYR B 152 -28.62 16.55 -8.75
C TYR B 152 -28.23 17.44 -9.86
N ASN B 153 -27.61 18.55 -9.45
CA ASN B 153 -27.11 19.52 -10.41
C ASN B 153 -25.63 19.28 -10.70
N PHE B 154 -25.35 18.60 -11.80
CA PHE B 154 -24.02 18.28 -12.27
C PHE B 154 -23.40 19.40 -13.05
N VAL B 155 -22.21 19.81 -12.63
CA VAL B 155 -21.46 20.87 -13.31
C VAL B 155 -20.03 20.33 -13.65
N SER B 156 -19.56 20.58 -14.85
CA SER B 156 -18.40 19.90 -15.32
C SER B 156 -17.14 20.77 -15.19
N TYR B 157 -15.98 20.16 -14.91
CA TYR B 157 -14.65 20.82 -15.09
C TYR B 157 -13.92 19.90 -16.04
N ASN B 158 -12.95 20.40 -16.78
CA ASN B 158 -11.97 19.46 -17.34
C ASN B 158 -10.56 20.05 -17.32
N VAL B 159 -9.81 20.04 -18.41
CA VAL B 159 -8.40 20.34 -18.36
C VAL B 159 -8.16 21.72 -18.94
N ASP B 160 -7.01 22.28 -18.66
CA ASP B 160 -6.56 23.51 -19.28
C ASP B 160 -6.40 23.26 -20.78
N LYS B 161 -6.80 24.26 -21.56
CA LYS B 161 -6.76 24.16 -22.97
C LYS B 161 -5.36 24.04 -23.59
N GLU B 162 -4.38 24.74 -23.06
CA GLU B 162 -3.03 24.62 -23.62
C GLU B 162 -2.33 23.35 -23.14
N SER B 163 -2.32 23.09 -21.84
CA SER B 163 -1.49 21.98 -21.32
C SER B 163 -2.21 20.62 -21.47
N GLU B 164 -3.52 20.67 -21.65
CA GLU B 164 -4.41 19.50 -21.48
C GLU B 164 -4.27 18.69 -20.14
N LEU B 165 -3.87 19.40 -19.11
CA LEU B 165 -3.76 18.86 -17.78
C LEU B 165 -4.81 19.52 -16.85
N LEU B 166 -5.18 18.79 -15.80
CA LEU B 166 -5.95 19.33 -14.71
C LEU B 166 -5.28 20.57 -14.20
N ASP B 167 -6.06 21.66 -14.07
CA ASP B 167 -5.53 22.88 -13.47
C ASP B 167 -6.21 23.15 -12.15
N TYR B 168 -5.50 22.90 -11.07
CA TYR B 168 -6.14 22.84 -9.77
C TYR B 168 -6.56 24.23 -9.28
N ASP B 169 -5.87 25.29 -9.74
CA ASP B 169 -6.27 26.65 -9.43
C ASP B 169 -7.56 27.04 -10.16
N ALA B 170 -7.69 26.70 -11.42
CA ALA B 170 -8.97 26.93 -12.20
C ALA B 170 -10.09 26.11 -11.59
N ILE B 171 -9.78 24.92 -11.07
CA ILE B 171 -10.81 24.09 -10.51
C ILE B 171 -11.28 24.72 -9.22
N LEU B 172 -10.35 25.24 -8.43
CA LEU B 172 -10.67 25.89 -7.19
C LEU B 172 -11.56 27.13 -7.48
N ALA B 173 -11.21 27.97 -8.45
CA ALA B 173 -11.96 29.16 -8.78
C ALA B 173 -13.41 28.81 -9.20
N GLN B 174 -13.55 27.78 -10.03
CA GLN B 174 -14.85 27.29 -10.41
C GLN B 174 -15.64 26.79 -9.21
N ALA B 175 -14.97 26.08 -8.34
CA ALA B 175 -15.66 25.63 -7.15
C ALA B 175 -16.09 26.75 -6.23
N LYS B 176 -15.33 27.82 -6.14
CA LYS B 176 -15.72 28.98 -5.32
C LYS B 176 -16.95 29.67 -5.94
N GLU B 177 -17.14 29.56 -7.24
CA GLU B 177 -18.39 30.12 -7.85
C GLU B 177 -19.60 29.26 -7.74
N VAL B 178 -19.40 27.98 -8.03
CA VAL B 178 -20.48 26.96 -8.13
C VAL B 178 -20.85 26.43 -6.81
N ARG B 179 -19.92 26.45 -5.84
CA ARG B 179 -20.17 25.94 -4.52
C ARG B 179 -20.76 24.58 -4.41
N PRO B 180 -20.05 23.57 -4.90
CA PRO B 180 -20.65 22.25 -4.83
C PRO B 180 -20.74 21.68 -3.45
N LYS B 181 -21.72 20.86 -3.22
CA LYS B 181 -21.77 20.13 -1.99
C LYS B 181 -20.86 18.89 -2.06
N LEU B 182 -20.66 18.42 -3.27
CA LEU B 182 -19.79 17.27 -3.55
C LEU B 182 -18.95 17.51 -4.78
N ILE B 183 -17.63 17.23 -4.68
CA ILE B 183 -16.76 17.16 -5.82
C ILE B 183 -16.37 15.71 -6.12
N VAL B 184 -16.47 15.34 -7.40
CA VAL B 184 -16.10 14.03 -7.89
C VAL B 184 -14.82 14.09 -8.71
N ALA B 185 -13.82 13.28 -8.30
CA ALA B 185 -12.63 13.14 -9.14
C ALA B 185 -12.62 11.77 -9.75
N GLY B 186 -12.01 11.70 -10.92
CA GLY B 186 -11.87 10.49 -11.69
C GLY B 186 -12.45 10.72 -13.08
N ALA B 187 -11.98 9.95 -14.04
CA ALA B 187 -12.29 10.18 -15.45
C ALA B 187 -11.95 8.99 -16.29
N SER B 188 -12.58 8.96 -17.44
CA SER B 188 -12.50 7.79 -18.26
C SER B 188 -11.53 7.97 -19.41
N ALA B 189 -10.97 9.16 -19.55
CA ALA B 189 -10.01 9.43 -20.65
C ALA B 189 -8.87 10.37 -20.34
N TYR B 190 -8.54 10.59 -19.08
CA TYR B 190 -7.44 11.42 -18.70
C TYR B 190 -6.24 10.46 -18.54
N SER B 191 -5.12 10.77 -19.16
CA SER B 191 -3.94 9.93 -19.15
C SER B 191 -2.94 10.20 -18.02
N ARG B 192 -3.14 11.25 -17.21
CA ARG B 192 -2.16 11.67 -16.22
C ARG B 192 -2.51 11.39 -14.80
N ILE B 193 -1.52 11.52 -13.94
CA ILE B 193 -1.69 11.17 -12.55
C ILE B 193 -2.55 12.26 -11.90
N ILE B 194 -3.60 11.86 -11.23
CA ILE B 194 -4.42 12.79 -10.47
C ILE B 194 -3.88 13.02 -9.07
N ASP B 195 -3.83 14.29 -8.63
CA ASP B 195 -3.34 14.65 -7.29
C ASP B 195 -4.56 14.74 -6.39
N PHE B 196 -4.83 13.66 -5.70
CA PHE B 196 -5.97 13.56 -4.86
C PHE B 196 -5.88 14.46 -3.63
N ALA B 197 -4.68 14.77 -3.19
CA ALA B 197 -4.51 15.56 -2.04
C ALA B 197 -4.98 16.97 -2.41
N LYS B 198 -4.70 17.34 -3.64
CA LYS B 198 -5.06 18.61 -4.10
C LYS B 198 -6.58 18.69 -4.30
N PHE B 199 -7.20 17.64 -4.82
CA PHE B 199 -8.67 17.58 -4.81
C PHE B 199 -9.27 17.73 -3.42
N ARG B 200 -8.72 17.09 -2.40
CA ARG B 200 -9.30 17.25 -1.08
C ARG B 200 -9.08 18.63 -0.51
N GLU B 201 -7.97 19.26 -0.86
CA GLU B 201 -7.69 20.61 -0.44
C GLU B 201 -8.75 21.57 -1.00
N ILE B 202 -9.08 21.38 -2.26
CA ILE B 202 -10.15 22.13 -2.95
C ILE B 202 -11.51 21.90 -2.32
N ALA B 203 -11.86 20.63 -2.10
CA ALA B 203 -13.05 20.29 -1.44
C ALA B 203 -13.13 20.98 -0.09
N ASP B 204 -12.05 20.93 0.68
CA ASP B 204 -12.04 21.52 2.00
C ASP B 204 -12.14 23.02 1.88
N ALA B 205 -11.52 23.63 0.92
CA ALA B 205 -11.60 25.07 0.85
C ALA B 205 -13.03 25.63 0.64
N VAL B 206 -13.93 24.87 0.04
CA VAL B 206 -15.28 25.33 -0.24
C VAL B 206 -16.35 24.57 0.57
N GLY B 207 -15.92 23.74 1.52
CA GLY B 207 -16.81 22.94 2.34
C GLY B 207 -17.50 21.77 1.65
N ALA B 208 -16.94 21.17 0.60
CA ALA B 208 -17.57 20.08 -0.09
C ALA B 208 -17.01 18.77 0.34
N TYR B 209 -17.80 17.69 0.22
CA TYR B 209 -17.28 16.34 0.26
C TYR B 209 -16.47 16.10 -1.00
N LEU B 210 -15.52 15.19 -0.90
CA LEU B 210 -14.78 14.66 -2.07
C LEU B 210 -15.11 13.20 -2.24
N MET B 211 -15.59 12.83 -3.40
CA MET B 211 -15.75 11.45 -3.77
C MET B 211 -14.74 11.19 -4.86
N VAL B 212 -14.11 10.00 -4.88
CA VAL B 212 -13.32 9.62 -6.03
C VAL B 212 -13.90 8.39 -6.62
N ASP B 213 -14.21 8.48 -7.89
CA ASP B 213 -14.68 7.34 -8.64
C ASP B 213 -13.42 6.80 -9.31
N MET B 214 -12.87 5.73 -8.79
CA MET B 214 -11.62 5.27 -9.36
C MET B 214 -11.75 4.12 -10.35
N ALA B 215 -12.94 3.89 -10.90
CA ALA B 215 -13.22 2.72 -11.71
C ALA B 215 -12.13 2.49 -12.77
N HIS B 216 -11.75 3.52 -13.47
CA HIS B 216 -10.82 3.33 -14.52
C HIS B 216 -9.41 2.94 -14.11
N ILE B 217 -8.97 3.48 -12.98
CA ILE B 217 -7.61 3.28 -12.51
C ILE B 217 -7.50 2.37 -11.35
N ALA B 218 -8.56 1.69 -10.97
CA ALA B 218 -8.51 0.95 -9.74
C ALA B 218 -7.44 -0.10 -9.71
N GLY B 219 -7.25 -0.74 -10.84
CA GLY B 219 -6.19 -1.77 -10.90
C GLY B 219 -4.79 -1.20 -10.73
N LEU B 220 -4.52 -0.02 -11.28
CA LEU B 220 -3.28 0.64 -11.06
C LEU B 220 -3.13 1.17 -9.58
N VAL B 221 -4.23 1.49 -8.89
CA VAL B 221 -4.14 1.82 -7.48
C VAL B 221 -3.79 0.59 -6.74
N ALA B 222 -4.43 -0.50 -7.09
CA ALA B 222 -4.12 -1.75 -6.46
C ALA B 222 -2.69 -2.20 -6.77
N SER B 223 -2.18 -2.02 -7.95
CA SER B 223 -0.80 -2.44 -8.23
C SER B 223 0.34 -1.52 -7.71
N GLY B 224 -0.07 -0.38 -7.18
CA GLY B 224 0.82 0.66 -6.72
C GLY B 224 1.25 1.65 -7.76
N HIS B 225 0.74 1.56 -8.97
CA HIS B 225 1.24 2.45 -10.00
C HIS B 225 0.49 3.75 -10.08
N HIS B 226 -0.67 3.84 -9.42
CA HIS B 226 -1.35 5.20 -9.39
C HIS B 226 -1.57 5.50 -7.93
N PRO B 227 -1.27 6.69 -7.50
CA PRO B 227 -1.53 6.98 -6.09
C PRO B 227 -2.99 6.78 -5.70
N SER B 228 -3.20 6.41 -4.44
CA SER B 228 -4.49 6.01 -3.94
C SER B 228 -5.34 7.20 -3.55
N PRO B 229 -6.62 7.18 -3.90
CA PRO B 229 -7.52 8.20 -3.37
C PRO B 229 -7.99 8.02 -1.96
N VAL B 230 -7.87 6.81 -1.47
CA VAL B 230 -8.49 6.41 -0.23
C VAL B 230 -8.12 7.29 0.97
N PRO B 231 -6.86 7.75 1.08
CA PRO B 231 -6.70 8.59 2.28
C PRO B 231 -7.33 9.96 2.21
N TYR B 232 -7.73 10.35 1.02
CA TYR B 232 -8.11 11.74 0.71
C TYR B 232 -9.64 11.95 0.45
N ALA B 233 -10.28 11.01 -0.20
CA ALA B 233 -11.68 11.06 -0.52
C ALA B 233 -12.47 10.72 0.70
N HIS B 234 -13.60 11.39 0.89
CA HIS B 234 -14.50 10.96 1.97
C HIS B 234 -14.99 9.58 1.64
N VAL B 235 -15.20 9.31 0.36
CA VAL B 235 -15.68 8.03 -0.12
C VAL B 235 -15.04 7.79 -1.44
N THR B 236 -14.65 6.54 -1.67
CA THR B 236 -14.14 6.14 -2.99
C THR B 236 -15.00 5.07 -3.54
N THR B 237 -15.32 5.14 -4.81
CA THR B 237 -16.11 4.06 -5.43
C THR B 237 -15.30 3.52 -6.55
N THR B 238 -15.64 2.34 -6.98
CA THR B 238 -15.08 1.77 -8.17
C THR B 238 -15.99 0.70 -8.72
N THR B 239 -15.77 0.34 -9.95
CA THR B 239 -16.24 -0.90 -10.50
C THR B 239 -15.21 -1.97 -10.20
N THR B 240 -15.69 -3.23 -10.16
CA THR B 240 -14.86 -4.38 -9.97
C THR B 240 -14.25 -4.90 -11.31
N HIS B 241 -14.85 -4.55 -12.41
CA HIS B 241 -14.25 -4.75 -13.75
C HIS B 241 -13.40 -3.51 -14.13
N LYS B 242 -12.76 -3.59 -15.29
CA LYS B 242 -11.86 -2.59 -15.89
C LYS B 242 -10.46 -3.01 -15.47
N THR B 243 -9.63 -2.11 -14.98
CA THR B 243 -8.24 -2.51 -14.65
C THR B 243 -8.14 -3.41 -13.46
N LEU B 244 -9.11 -3.39 -12.57
CA LEU B 244 -9.12 -4.32 -11.42
C LEU B 244 -9.40 -5.75 -11.87
N ARG B 245 -9.93 -5.89 -13.09
CA ARG B 245 -10.02 -7.19 -13.77
C ARG B 245 -10.94 -8.22 -13.07
N GLY B 246 -12.04 -7.73 -12.55
CA GLY B 246 -13.05 -8.53 -11.87
C GLY B 246 -14.38 -8.59 -12.62
N PRO B 247 -15.38 -9.13 -11.95
CA PRO B 247 -16.71 -9.15 -12.55
C PRO B 247 -17.31 -7.77 -12.62
N ARG B 248 -18.32 -7.63 -13.46
CA ARG B 248 -19.16 -6.47 -13.44
C ARG B 248 -19.78 -6.27 -12.07
N GLY B 249 -19.68 -5.06 -11.54
CA GLY B 249 -20.17 -4.76 -10.20
C GLY B 249 -19.50 -3.55 -9.63
N GLY B 250 -19.97 -3.10 -8.49
CA GLY B 250 -19.36 -2.02 -7.80
C GLY B 250 -18.88 -2.29 -6.39
N LEU B 251 -18.24 -1.28 -5.85
CA LEU B 251 -17.55 -1.34 -4.56
C LEU B 251 -17.50 0.03 -3.96
N ILE B 252 -17.75 0.13 -2.66
CA ILE B 252 -17.61 1.41 -2.03
C ILE B 252 -16.65 1.33 -0.85
N LEU B 253 -15.81 2.34 -0.71
CA LEU B 253 -14.84 2.32 0.39
C LEU B 253 -14.92 3.62 1.13
N THR B 254 -14.75 3.55 2.44
CA THR B 254 -14.59 4.77 3.22
C THR B 254 -13.80 4.51 4.45
N ASP B 255 -13.29 5.55 5.09
CA ASP B 255 -12.69 5.41 6.44
C ASP B 255 -13.55 5.95 7.58
N ASP B 256 -14.68 6.55 7.26
CA ASP B 256 -15.50 7.23 8.26
C ASP B 256 -16.71 6.35 8.56
N GLU B 257 -16.79 5.99 9.82
CA GLU B 257 -17.80 5.08 10.28
C GLU B 257 -19.25 5.60 10.16
N ASP B 258 -19.43 6.88 10.39
CA ASP B 258 -20.75 7.50 10.26
C ASP B 258 -21.11 7.50 8.80
N ILE B 259 -20.18 7.83 7.93
CA ILE B 259 -20.51 7.69 6.52
C ILE B 259 -20.78 6.24 6.11
N ALA B 260 -20.04 5.28 6.65
CA ALA B 260 -20.20 3.89 6.25
C ALA B 260 -21.60 3.42 6.55
N LYS B 261 -22.10 3.80 7.69
CA LYS B 261 -23.44 3.35 8.07
C LYS B 261 -24.53 3.98 7.19
N LYS B 262 -24.36 5.24 6.81
CA LYS B 262 -25.25 5.82 5.78
C LYS B 262 -25.13 5.11 4.45
N LEU B 263 -23.91 4.78 4.04
CA LEU B 263 -23.75 4.10 2.74
C LEU B 263 -24.41 2.72 2.71
N ASN B 264 -24.30 2.00 3.79
CA ASN B 264 -24.88 0.67 3.85
C ASN B 264 -26.44 0.73 3.70
N SER B 265 -27.08 1.72 4.34
CA SER B 265 -28.56 1.90 4.25
C SER B 265 -28.93 2.41 2.87
N ALA B 266 -28.09 3.23 2.27
CA ALA B 266 -28.46 3.76 0.96
C ALA B 266 -28.39 2.65 -0.05
N VAL B 267 -27.37 1.80 0.03
CA VAL B 267 -27.31 0.69 -0.93
C VAL B 267 -28.47 -0.27 -0.65
N PHE B 268 -28.71 -0.56 0.61
CA PHE B 268 -29.81 -1.51 0.97
C PHE B 268 -30.39 -1.08 2.29
N PRO B 269 -31.70 -0.80 2.30
CA PRO B 269 -32.70 -0.97 1.25
C PRO B 269 -32.94 0.23 0.32
N GLY B 270 -32.14 1.29 0.41
CA GLY B 270 -32.39 2.51 -0.40
C GLY B 270 -32.41 2.22 -1.89
N LEU B 271 -31.38 1.58 -2.42
CA LEU B 271 -31.27 1.48 -3.84
C LEU B 271 -31.54 0.10 -4.38
N GLN B 272 -31.25 -0.92 -3.61
CA GLN B 272 -31.30 -2.23 -4.13
C GLN B 272 -32.07 -3.08 -3.13
N GLY B 273 -32.43 -4.26 -3.61
CA GLY B 273 -32.77 -5.36 -2.68
C GLY B 273 -31.55 -6.18 -2.27
N GLY B 274 -31.70 -7.47 -2.32
CA GLY B 274 -30.60 -8.36 -1.94
C GLY B 274 -29.49 -8.42 -2.96
N PRO B 275 -28.29 -8.71 -2.50
CA PRO B 275 -27.13 -8.60 -3.40
C PRO B 275 -27.02 -9.77 -4.33
N LEU B 276 -26.12 -9.72 -5.29
CA LEU B 276 -25.81 -10.83 -6.14
C LEU B 276 -24.59 -11.60 -5.57
N GLU B 277 -24.86 -12.63 -4.79
CA GLU B 277 -23.82 -13.31 -3.99
C GLU B 277 -22.85 -14.09 -4.85
N HIS B 278 -23.32 -14.61 -5.94
CA HIS B 278 -22.39 -15.19 -6.90
C HIS B 278 -21.42 -14.19 -7.54
N VAL B 279 -21.87 -12.97 -7.78
CA VAL B 279 -20.97 -11.96 -8.28
C VAL B 279 -20.05 -11.54 -7.12
N ILE B 280 -20.60 -11.44 -5.91
CA ILE B 280 -19.79 -11.10 -4.77
C ILE B 280 -18.67 -12.15 -4.58
N ALA B 281 -18.97 -13.43 -4.83
CA ALA B 281 -17.96 -14.45 -4.79
C ALA B 281 -16.89 -14.17 -5.82
N ALA B 282 -17.29 -13.79 -7.02
CA ALA B 282 -16.32 -13.46 -8.03
C ALA B 282 -15.48 -12.21 -7.68
N LYS B 283 -16.12 -11.26 -7.03
CA LYS B 283 -15.42 -10.09 -6.48
C LYS B 283 -14.29 -10.57 -5.56
N ALA B 284 -14.63 -11.44 -4.61
CA ALA B 284 -13.67 -11.97 -3.67
C ALA B 284 -12.51 -12.67 -4.38
N VAL B 285 -12.80 -13.35 -5.46
CA VAL B 285 -11.83 -14.05 -6.24
C VAL B 285 -10.89 -13.06 -6.86
N ALA B 286 -11.45 -12.05 -7.54
CA ALA B 286 -10.59 -11.08 -8.20
C ALA B 286 -9.77 -10.20 -7.22
N LEU B 287 -10.31 -9.93 -6.03
CA LEU B 287 -9.56 -9.17 -5.06
C LEU B 287 -8.35 -9.95 -4.51
N LYS B 288 -8.50 -11.24 -4.32
CA LYS B 288 -7.39 -12.02 -3.94
C LYS B 288 -6.36 -12.11 -5.06
N GLU B 289 -6.80 -12.16 -6.30
CA GLU B 289 -5.84 -12.10 -7.39
C GLU B 289 -5.07 -10.79 -7.36
N ALA B 290 -5.75 -9.69 -7.04
CA ALA B 290 -5.16 -8.35 -7.09
C ALA B 290 -4.23 -8.16 -5.87
N LEU B 291 -4.41 -8.94 -4.81
CA LEU B 291 -3.51 -8.94 -3.66
C LEU B 291 -2.25 -9.77 -3.87
N ASP B 292 -2.20 -10.55 -4.93
CA ASP B 292 -1.01 -11.35 -5.19
C ASP B 292 0.10 -10.49 -5.83
N PRO B 293 1.37 -10.76 -5.49
CA PRO B 293 2.50 -9.99 -6.05
C PRO B 293 2.52 -9.96 -7.55
N ALA B 294 1.99 -10.98 -8.20
CA ALA B 294 1.95 -10.94 -9.67
C ALA B 294 1.11 -9.78 -10.25
N PHE B 295 0.12 -9.32 -9.50
CA PHE B 295 -0.74 -8.18 -9.99
C PHE B 295 0.10 -6.89 -10.14
N LYS B 296 1.13 -6.72 -9.31
CA LYS B 296 2.04 -5.65 -9.50
C LYS B 296 2.70 -5.63 -10.82
N GLU B 297 3.18 -6.79 -11.25
CA GLU B 297 3.77 -6.89 -12.57
C GLU B 297 2.80 -6.59 -13.68
N TYR B 298 1.56 -7.06 -13.52
CA TYR B 298 0.46 -6.76 -14.48
C TYR B 298 0.36 -5.27 -14.60
N GLY B 299 0.27 -4.62 -13.45
CA GLY B 299 0.20 -3.14 -13.44
C GLY B 299 1.38 -2.48 -14.15
N GLU B 300 2.59 -2.95 -13.89
CA GLU B 300 3.76 -2.38 -14.54
C GLU B 300 3.71 -2.56 -16.06
N ASN B 301 3.29 -3.75 -16.50
CA ASN B 301 3.13 -4.03 -17.92
C ASN B 301 2.04 -3.22 -18.57
N VAL B 302 0.94 -3.04 -17.86
CA VAL B 302 -0.10 -2.09 -18.35
C VAL B 302 0.43 -0.70 -18.65
N ILE B 303 1.19 -0.19 -17.68
CA ILE B 303 1.83 1.08 -17.83
C ILE B 303 2.81 1.11 -19.01
N LYS B 304 3.73 0.16 -19.06
CA LYS B 304 4.74 0.14 -20.13
C LYS B 304 4.13 -0.05 -21.49
N ASN B 305 3.14 -0.96 -21.61
CA ASN B 305 2.46 -1.16 -22.90
C ASN B 305 1.75 0.05 -23.37
N ALA B 306 1.02 0.72 -22.47
CA ALA B 306 0.33 1.93 -22.88
C ALA B 306 1.38 2.99 -23.33
N ALA B 307 2.50 3.12 -22.63
CA ALA B 307 3.50 4.11 -23.07
C ALA B 307 4.12 3.79 -24.43
N ALA B 308 4.30 2.49 -24.70
CA ALA B 308 4.94 2.08 -25.94
C ALA B 308 4.01 2.39 -27.11
N MET B 309 2.71 2.15 -26.92
CA MET B 309 1.81 2.47 -27.98
C MET B 309 1.79 3.94 -28.21
N ALA B 310 1.78 4.71 -27.13
CA ALA B 310 1.69 6.15 -27.23
C ALA B 310 2.93 6.75 -27.89
N ASP B 311 4.08 6.19 -27.59
CA ASP B 311 5.36 6.65 -28.22
C ASP B 311 5.30 6.58 -29.77
N VAL B 312 4.68 5.55 -30.32
CA VAL B 312 4.49 5.46 -31.78
C VAL B 312 3.73 6.62 -32.28
N PHE B 313 2.65 7.01 -31.61
CA PHE B 313 1.94 8.17 -32.11
C PHE B 313 2.65 9.48 -31.87
N ASN B 314 3.37 9.54 -30.76
CA ASN B 314 4.15 10.78 -30.44
C ASN B 314 5.17 11.02 -31.55
N GLN B 315 5.96 10.00 -31.90
CA GLN B 315 6.97 10.09 -32.98
C GLN B 315 6.39 10.41 -34.33
N HIS B 316 5.17 9.94 -34.61
CA HIS B 316 4.64 10.15 -35.94
C HIS B 316 4.26 11.58 -36.19
N PRO B 317 4.66 12.11 -37.34
CA PRO B 317 4.39 13.54 -37.55
C PRO B 317 2.92 13.92 -37.66
N ASP B 318 2.03 12.98 -37.90
CA ASP B 318 0.66 13.36 -38.29
C ASP B 318 -0.39 13.01 -37.23
N PHE B 319 0.07 12.55 -36.08
CA PHE B 319 -0.81 12.24 -34.97
C PHE B 319 -0.27 12.95 -33.74
N ARG B 320 -1.19 13.49 -32.94
CA ARG B 320 -0.88 14.10 -31.66
C ARG B 320 -1.56 13.32 -30.49
N VAL B 321 -0.76 12.97 -29.49
CA VAL B 321 -1.27 12.38 -28.27
C VAL B 321 -1.69 13.48 -27.31
N ILE B 322 -2.91 13.37 -26.83
CA ILE B 322 -3.46 14.40 -25.89
C ILE B 322 -2.63 14.43 -24.57
N SER B 323 -2.17 15.62 -24.24
CA SER B 323 -1.26 15.93 -23.14
C SER B 323 0.12 15.39 -23.42
N GLY B 324 0.39 14.94 -24.63
CA GLY B 324 1.74 14.58 -25.04
C GLY B 324 2.14 13.15 -24.62
N GLY B 325 1.21 12.38 -24.06
CA GLY B 325 1.54 11.05 -23.54
C GLY B 325 0.64 10.61 -22.39
N THR B 326 1.12 9.62 -21.62
CA THR B 326 0.39 8.95 -20.59
C THR B 326 1.28 8.42 -19.41
N ASN B 327 0.70 8.48 -18.22
CA ASN B 327 1.24 7.85 -17.05
C ASN B 327 0.23 6.82 -16.49
N ASN B 328 -0.73 6.41 -17.31
CA ASN B 328 -1.60 5.31 -16.91
C ASN B 328 -1.85 4.34 -18.05
N HIS B 329 -3.04 3.74 -18.11
CA HIS B 329 -3.34 2.63 -18.99
C HIS B 329 -3.88 3.08 -20.32
N LEU B 330 -4.07 4.39 -20.47
CA LEU B 330 -4.71 4.86 -21.66
C LEU B 330 -4.13 6.20 -22.19
N PHE B 331 -4.56 6.52 -23.40
CA PHE B 331 -4.34 7.82 -24.00
C PHE B 331 -5.31 8.04 -25.14
N LEU B 332 -5.41 9.33 -25.48
CA LEU B 332 -6.14 9.83 -26.60
C LEU B 332 -5.16 10.29 -27.71
N VAL B 333 -5.58 10.03 -28.94
CA VAL B 333 -4.84 10.44 -30.11
C VAL B 333 -5.76 11.27 -30.98
N ASP B 334 -5.32 12.47 -31.39
CA ASP B 334 -6.08 13.26 -32.32
C ASP B 334 -5.73 12.69 -33.73
N VAL B 335 -6.75 12.27 -34.51
CA VAL B 335 -6.46 11.58 -35.77
C VAL B 335 -6.77 12.43 -37.01
N THR B 336 -7.22 13.65 -36.81
CA THR B 336 -7.82 14.38 -37.93
C THR B 336 -6.85 14.85 -39.00
N LYS B 337 -5.56 14.68 -38.87
CA LYS B 337 -4.70 15.01 -39.99
C LYS B 337 -4.65 13.87 -40.96
N VAL B 338 -4.92 12.66 -40.49
CA VAL B 338 -4.86 11.46 -41.32
C VAL B 338 -6.22 10.96 -41.75
N VAL B 339 -7.26 11.14 -40.92
CA VAL B 339 -8.62 10.75 -41.33
C VAL B 339 -9.58 11.77 -40.80
N GLU B 340 -10.80 11.71 -41.29
CA GLU B 340 -11.71 12.84 -41.14
C GLU B 340 -12.09 13.00 -39.68
N ASN B 341 -12.22 11.86 -38.97
CA ASN B 341 -12.65 11.90 -37.58
C ASN B 341 -12.45 10.57 -36.91
N GLY B 342 -12.72 10.53 -35.60
CA GLY B 342 -12.50 9.32 -34.78
C GLY B 342 -13.46 8.16 -35.03
N LYS B 343 -14.70 8.50 -35.33
CA LYS B 343 -15.65 7.51 -35.88
C LYS B 343 -15.06 6.77 -37.08
N VAL B 344 -14.50 7.50 -38.04
CA VAL B 344 -13.94 6.85 -39.22
C VAL B 344 -12.78 6.00 -38.79
N ALA B 345 -11.93 6.56 -37.91
CA ALA B 345 -10.80 5.79 -37.43
C ALA B 345 -11.27 4.52 -36.78
N GLN B 346 -12.33 4.64 -35.99
CA GLN B 346 -12.88 3.49 -35.27
C GLN B 346 -13.27 2.40 -36.27
N ASN B 347 -13.99 2.81 -37.33
CA ASN B 347 -14.51 1.82 -38.34
C ASN B 347 -13.38 1.19 -39.12
N VAL B 348 -12.42 2.02 -39.46
CA VAL B 348 -11.31 1.52 -40.20
C VAL B 348 -10.52 0.51 -39.44
N LEU B 349 -10.24 0.82 -38.20
CA LEU B 349 -9.55 -0.14 -37.38
C LEU B 349 -10.33 -1.46 -37.14
N GLU B 350 -11.64 -1.38 -37.01
CA GLU B 350 -12.40 -2.63 -36.94
C GLU B 350 -12.09 -3.56 -38.16
N GLU B 351 -11.77 -2.98 -39.31
CA GLU B 351 -11.49 -3.78 -40.50
C GLU B 351 -10.26 -4.63 -40.30
N VAL B 352 -9.34 -4.22 -39.40
CA VAL B 352 -8.17 -5.03 -39.21
C VAL B 352 -8.20 -5.78 -37.92
N ASN B 353 -9.41 -5.97 -37.40
CA ASN B 353 -9.59 -6.70 -36.17
C ASN B 353 -8.98 -5.98 -34.93
N ILE B 354 -9.10 -4.65 -34.91
CA ILE B 354 -8.68 -3.86 -33.74
C ILE B 354 -9.83 -3.05 -33.28
N THR B 355 -10.32 -3.32 -32.05
CA THR B 355 -11.42 -2.48 -31.51
C THR B 355 -10.93 -1.47 -30.49
N LEU B 356 -11.35 -0.25 -30.73
CA LEU B 356 -11.23 0.84 -29.79
C LEU B 356 -12.46 1.70 -29.97
N ASN B 357 -12.47 2.85 -29.31
CA ASN B 357 -13.55 3.78 -29.48
C ASN B 357 -13.12 5.20 -29.80
N LYS B 358 -13.88 5.85 -30.63
CA LYS B 358 -13.69 7.27 -30.87
C LYS B 358 -13.84 7.98 -29.55
N ASN B 359 -13.39 9.22 -29.46
CA ASN B 359 -13.50 9.92 -28.22
C ASN B 359 -13.26 11.37 -28.45
N SER B 360 -14.08 12.22 -27.86
CA SER B 360 -13.81 13.64 -27.86
C SER B 360 -12.47 13.95 -27.19
N ILE B 361 -11.88 15.05 -27.60
CA ILE B 361 -10.64 15.49 -27.04
C ILE B 361 -10.91 16.79 -26.35
N PRO B 362 -9.97 17.25 -25.54
CA PRO B 362 -10.28 18.52 -24.86
C PRO B 362 -10.69 19.61 -25.85
N TYR B 363 -11.73 20.38 -25.51
CA TYR B 363 -12.23 21.45 -26.34
C TYR B 363 -12.60 21.01 -27.74
N GLU B 364 -13.18 19.83 -27.80
CA GLU B 364 -13.51 19.15 -29.04
C GLU B 364 -14.32 20.07 -29.94
N GLN B 365 -13.93 20.15 -31.22
CA GLN B 365 -14.56 21.07 -32.20
C GLN B 365 -15.46 20.36 -33.19
N LEU B 366 -15.33 19.06 -33.37
CA LEU B 366 -16.27 18.36 -34.23
C LEU B 366 -17.46 17.92 -33.44
N SER B 367 -18.36 17.20 -34.09
CA SER B 367 -19.56 16.69 -33.44
C SER B 367 -19.24 15.57 -32.45
N PRO B 368 -20.01 15.46 -31.35
CA PRO B 368 -19.87 14.31 -30.44
C PRO B 368 -20.00 12.97 -31.10
N PHE B 369 -20.78 12.88 -32.19
CA PHE B 369 -20.92 11.62 -32.94
C PHE B 369 -19.72 11.38 -33.81
N LYS B 370 -18.98 12.43 -34.09
CA LYS B 370 -17.80 12.29 -34.95
C LYS B 370 -16.52 12.20 -34.09
N THR B 371 -16.32 13.24 -33.28
CA THR B 371 -15.08 13.48 -32.49
C THR B 371 -13.78 13.57 -33.33
N SER B 372 -12.75 14.18 -32.74
CA SER B 372 -11.41 14.20 -33.37
C SER B 372 -10.44 13.09 -33.00
N GLY B 373 -10.87 12.15 -32.16
CA GLY B 373 -9.94 11.35 -31.42
C GLY B 373 -10.32 9.92 -31.29
N ILE B 374 -9.31 9.12 -31.05
CA ILE B 374 -9.51 7.76 -30.55
C ILE B 374 -8.90 7.62 -29.18
N ARG B 375 -9.47 6.73 -28.40
CA ARG B 375 -8.94 6.37 -27.11
C ARG B 375 -8.42 4.95 -27.19
N VAL B 376 -7.20 4.76 -26.69
CA VAL B 376 -6.49 3.50 -26.76
C VAL B 376 -6.10 3.09 -25.37
N GLY B 377 -6.31 1.85 -24.99
CA GLY B 377 -5.79 1.37 -23.73
C GLY B 377 -5.17 -0.01 -23.79
N SER B 378 -4.36 -0.29 -22.79
CA SER B 378 -3.57 -1.47 -22.77
C SER B 378 -3.99 -2.62 -21.88
N PRO B 379 -5.00 -2.47 -20.98
CA PRO B 379 -5.16 -3.59 -20.07
C PRO B 379 -5.50 -4.93 -20.69
N ALA B 380 -6.35 -4.97 -21.74
CA ALA B 380 -6.78 -6.27 -22.30
C ALA B 380 -5.66 -7.03 -22.98
N ILE B 381 -4.91 -6.34 -23.84
CA ILE B 381 -3.74 -7.00 -24.41
C ILE B 381 -2.66 -7.32 -23.41
N THR B 382 -2.55 -6.50 -22.36
CA THR B 382 -1.61 -6.84 -21.33
C THR B 382 -2.06 -8.11 -20.63
N SER B 383 -3.36 -8.27 -20.41
CA SER B 383 -3.84 -9.49 -19.78
C SER B 383 -3.65 -10.71 -20.74
N ARG B 384 -3.62 -10.55 -22.06
CA ARG B 384 -3.27 -11.74 -22.91
C ARG B 384 -1.77 -12.07 -22.92
N GLY B 385 -0.96 -11.33 -22.19
CA GLY B 385 0.47 -11.61 -22.11
C GLY B 385 1.28 -10.82 -23.09
N MET B 386 0.70 -9.92 -23.86
CA MET B 386 1.54 -9.14 -24.73
C MET B 386 2.43 -8.08 -23.95
N GLY B 387 3.49 -7.61 -24.61
CA GLY B 387 4.49 -6.70 -24.05
C GLY B 387 4.75 -5.52 -24.95
N GLU B 388 5.86 -4.84 -24.70
CA GLU B 388 6.16 -3.61 -25.44
C GLU B 388 6.38 -3.77 -26.94
N ALA B 389 7.12 -4.81 -27.33
CA ALA B 389 7.30 -5.02 -28.77
C ALA B 389 5.93 -5.30 -29.44
N GLU B 390 5.10 -6.12 -28.81
CA GLU B 390 3.78 -6.40 -29.37
C GLU B 390 2.92 -5.17 -29.40
N SER B 391 3.02 -4.35 -28.35
CA SER B 391 2.23 -3.12 -28.26
C SER B 391 2.65 -2.12 -29.31
N ARG B 392 3.95 -1.99 -29.53
CA ARG B 392 4.48 -1.07 -30.60
C ARG B 392 4.03 -1.49 -31.96
N GLN B 393 4.07 -2.78 -32.18
CA GLN B 393 3.63 -3.36 -33.46
C GLN B 393 2.17 -3.00 -33.68
N ILE B 394 1.34 -3.26 -32.66
CA ILE B 394 -0.07 -2.89 -32.77
C ILE B 394 -0.25 -1.44 -33.12
N ALA B 395 0.54 -0.54 -32.51
CA ALA B 395 0.34 0.89 -32.88
C ALA B 395 0.81 1.19 -34.30
N GLU B 396 1.92 0.57 -34.72
CA GLU B 396 2.37 0.72 -36.14
C GLU B 396 1.24 0.30 -37.10
N TRP B 397 0.60 -0.84 -36.79
CA TRP B 397 -0.53 -1.30 -37.63
C TRP B 397 -1.66 -0.35 -37.68
N MET B 398 -1.97 0.28 -36.54
CA MET B 398 -3.05 1.26 -36.54
C MET B 398 -2.66 2.43 -37.38
N VAL B 399 -1.39 2.80 -37.29
CA VAL B 399 -0.93 3.92 -38.10
C VAL B 399 -1.07 3.56 -39.59
N GLU B 400 -0.59 2.37 -39.93
CA GLU B 400 -0.51 1.94 -41.34
C GLU B 400 -1.93 1.86 -41.86
N ALA B 401 -2.78 1.16 -41.11
CA ALA B 401 -4.22 1.08 -41.49
C ALA B 401 -4.86 2.42 -41.74
N LEU B 402 -4.64 3.35 -40.84
CA LEU B 402 -5.31 4.65 -41.00
C LEU B 402 -4.75 5.45 -42.18
N GLU B 403 -3.47 5.29 -42.46
CA GLU B 403 -2.83 6.03 -43.53
C GLU B 403 -3.45 5.50 -44.82
N ASN B 404 -3.57 4.18 -44.90
CA ASN B 404 -4.24 3.46 -45.98
C ASN B 404 -5.72 3.12 -45.82
N HIS B 405 -6.54 4.09 -45.40
CA HIS B 405 -7.91 3.73 -45.05
C HIS B 405 -8.66 3.21 -46.26
N ASP B 406 -8.44 3.88 -47.39
CA ASP B 406 -9.00 3.50 -48.69
C ASP B 406 -8.20 2.49 -49.51
N LYS B 407 -7.58 1.47 -48.91
CA LYS B 407 -6.76 0.53 -49.70
C LYS B 407 -6.91 -0.91 -49.27
N PRO B 408 -8.04 -1.54 -49.68
CA PRO B 408 -8.43 -2.85 -49.12
C PRO B 408 -7.32 -3.91 -49.11
N GLU B 409 -6.52 -3.97 -50.16
CA GLU B 409 -5.39 -4.94 -50.23
C GLU B 409 -4.40 -4.85 -49.05
N VAL B 410 -4.16 -3.63 -48.55
CA VAL B 410 -3.24 -3.41 -47.40
C VAL B 410 -3.90 -3.68 -46.03
N LEU B 411 -5.13 -3.20 -45.82
CA LEU B 411 -5.95 -3.61 -44.67
C LEU B 411 -6.07 -5.09 -44.57
N GLU B 412 -6.30 -5.73 -45.71
CA GLU B 412 -6.32 -7.16 -45.76
C GLU B 412 -5.00 -7.72 -45.28
N ARG B 413 -3.88 -7.18 -45.74
CA ARG B 413 -2.59 -7.68 -45.23
C ARG B 413 -2.42 -7.47 -43.69
N ILE B 414 -2.84 -6.30 -43.20
CA ILE B 414 -2.65 -5.97 -41.74
C ILE B 414 -3.43 -6.98 -40.89
N ARG B 415 -4.67 -7.21 -41.31
CA ARG B 415 -5.53 -8.26 -40.76
C ARG B 415 -4.87 -9.62 -40.68
N GLY B 416 -4.16 -9.98 -41.75
CA GLY B 416 -3.38 -11.20 -41.74
C GLY B 416 -2.26 -11.13 -40.73
N ASP B 417 -1.59 -9.99 -40.66
CA ASP B 417 -0.50 -9.85 -39.69
C ASP B 417 -1.10 -9.88 -38.27
N VAL B 418 -2.26 -9.24 -38.09
CA VAL B 418 -2.92 -9.29 -36.79
C VAL B 418 -3.14 -10.75 -36.32
N LYS B 419 -3.61 -11.60 -37.24
CA LYS B 419 -3.92 -13.01 -36.93
C LYS B 419 -2.72 -13.77 -36.41
N VAL B 420 -1.57 -13.51 -37.00
CA VAL B 420 -0.35 -14.17 -36.51
C VAL B 420 -0.09 -13.76 -35.08
N LEU B 421 -0.28 -12.46 -34.80
CA LEU B 421 -0.14 -12.00 -33.42
C LEU B 421 -1.14 -12.68 -32.48
N THR B 422 -2.42 -12.66 -32.89
CA THR B 422 -3.42 -13.20 -31.98
C THR B 422 -3.19 -14.67 -31.73
N ASP B 423 -2.75 -15.39 -32.76
CA ASP B 423 -2.44 -16.83 -32.59
C ASP B 423 -1.30 -17.02 -31.62
N ALA B 424 -0.33 -16.15 -31.68
CA ALA B 424 0.80 -16.27 -30.77
C ALA B 424 0.41 -15.96 -29.33
N PHE B 425 -0.66 -15.18 -29.13
CA PHE B 425 -1.07 -14.81 -27.76
C PHE B 425 -2.52 -15.17 -27.49
N PRO B 426 -2.76 -16.43 -27.15
CA PRO B 426 -4.13 -16.91 -26.98
C PRO B 426 -4.79 -16.31 -25.79
N LEU B 427 -6.07 -16.06 -25.92
CA LEU B 427 -6.81 -15.34 -24.90
C LEU B 427 -6.91 -16.12 -23.59
N TYR B 428 -7.22 -17.41 -23.69
CA TYR B 428 -7.39 -18.28 -22.53
C TYR B 428 -6.59 -19.58 -22.72
N ASP C 19 5.03 -1.61 28.17
CA ASP C 19 5.26 -2.98 27.63
C ASP C 19 5.41 -2.98 26.12
N TYR C 20 6.40 -2.23 25.64
CA TYR C 20 6.66 -2.21 24.18
C TYR C 20 7.03 -3.53 23.59
N LYS C 21 7.59 -4.45 24.36
CA LYS C 21 8.05 -5.71 23.79
C LYS C 21 6.94 -6.62 23.33
N ALA C 22 5.77 -6.42 23.95
CA ALA C 22 4.56 -7.18 23.56
C ALA C 22 4.09 -6.81 22.15
N PHE C 23 4.26 -5.56 21.72
CA PHE C 23 3.98 -5.17 20.32
C PHE C 23 4.83 -5.89 19.27
N ASP C 24 6.08 -6.26 19.61
CA ASP C 24 6.98 -6.83 18.57
C ASP C 24 7.79 -7.99 19.09
N PRO C 25 7.15 -9.15 19.26
CA PRO C 25 7.87 -10.29 19.80
C PRO C 25 8.91 -10.88 18.89
N GLU C 26 8.71 -10.91 17.59
CA GLU C 26 9.71 -11.52 16.74
C GLU C 26 11.08 -10.79 17.00
N LEU C 27 11.04 -9.47 17.07
CA LEU C 27 12.26 -8.69 17.23
C LEU C 27 12.83 -8.91 18.63
N TRP C 28 12.00 -8.80 19.64
CA TRP C 28 12.50 -8.81 21.00
C TRP C 28 12.93 -10.21 21.46
N ASN C 29 12.34 -11.26 20.92
CA ASN C 29 12.84 -12.61 21.14
C ASN C 29 14.16 -12.80 20.44
N ALA C 30 14.35 -12.25 19.25
CA ALA C 30 15.65 -12.34 18.59
C ALA C 30 16.77 -11.63 19.42
N ILE C 31 16.43 -10.54 20.09
CA ILE C 31 17.34 -9.93 21.02
C ILE C 31 17.75 -10.80 22.22
N ASP C 32 16.79 -11.41 22.94
CA ASP C 32 17.10 -12.48 23.90
C ASP C 32 17.92 -13.65 23.31
N ALA C 33 17.61 -14.09 22.11
CA ALA C 33 18.42 -15.12 21.50
C ALA C 33 19.87 -14.65 21.31
N GLU C 34 20.09 -13.37 20.98
CA GLU C 34 21.46 -12.90 20.85
C GLU C 34 22.15 -12.74 22.22
N ALA C 35 21.42 -12.27 23.22
CA ALA C 35 21.96 -12.14 24.57
C ALA C 35 22.35 -13.51 25.10
N GLU C 36 21.64 -14.54 24.65
CA GLU C 36 21.94 -15.91 25.03
C GLU C 36 23.16 -16.43 24.27
N ARG C 37 23.14 -16.26 22.95
CA ARG C 37 24.25 -16.67 22.13
C ARG C 37 25.54 -16.04 22.65
N GLN C 38 25.50 -14.76 23.00
CA GLN C 38 26.76 -14.09 23.42
C GLN C 38 27.21 -14.77 24.70
N GLN C 39 26.27 -15.11 25.57
CA GLN C 39 26.63 -15.77 26.82
C GLN C 39 27.29 -17.15 26.62
N ASN C 40 26.82 -17.92 25.65
CA ASN C 40 27.42 -19.23 25.36
C ASN C 40 28.60 -19.25 24.42
N ASN C 41 28.98 -18.09 23.90
CA ASN C 41 30.14 -18.02 22.98
C ASN C 41 31.37 -17.56 23.77
N ILE C 42 32.53 -18.01 23.28
CA ILE C 42 33.80 -17.49 23.73
C ILE C 42 34.25 -16.68 22.58
N GLU C 43 34.27 -15.38 22.84
CA GLU C 43 34.65 -14.38 21.84
C GLU C 43 36.13 -14.04 21.92
N LEU C 44 36.86 -14.42 20.90
CA LEU C 44 38.28 -14.16 20.80
C LEU C 44 38.57 -13.31 19.58
N ILE C 45 37.52 -12.83 18.94
CA ILE C 45 37.75 -11.88 17.88
C ILE C 45 38.37 -10.63 18.49
N ALA C 46 39.52 -10.23 17.97
CA ALA C 46 40.41 -9.31 18.70
C ALA C 46 39.89 -7.87 18.76
N SER C 47 39.03 -7.54 17.81
CA SER C 47 38.36 -6.24 17.69
C SER C 47 37.08 -6.14 18.47
N GLU C 48 36.65 -7.20 19.14
CA GLU C 48 35.43 -7.16 19.86
C GLU C 48 35.62 -6.93 21.33
N ASN C 49 34.56 -6.50 21.98
CA ASN C 49 34.56 -6.27 23.37
C ASN C 49 33.16 -6.32 23.91
N VAL C 50 33.02 -6.01 25.17
CA VAL C 50 31.78 -6.07 25.84
C VAL C 50 31.52 -4.76 26.55
N VAL C 51 30.64 -3.92 26.00
CA VAL C 51 30.39 -2.62 26.62
C VAL C 51 29.63 -2.68 27.93
N SER C 52 29.82 -1.66 28.77
CA SER C 52 29.10 -1.53 30.03
C SER C 52 27.63 -1.25 29.81
N LYS C 53 26.84 -1.49 30.84
CA LYS C 53 25.42 -1.15 30.76
C LYS C 53 25.29 0.33 30.57
N ALA C 54 26.19 1.11 31.13
CA ALA C 54 26.02 2.55 31.04
C ALA C 54 26.22 3.06 29.61
N VAL C 55 27.17 2.45 28.90
CA VAL C 55 27.40 2.85 27.53
C VAL C 55 26.16 2.52 26.68
N MET C 56 25.64 1.31 26.84
CA MET C 56 24.39 0.93 26.16
C MET C 56 23.25 1.88 26.45
N ALA C 57 23.06 2.22 27.72
CA ALA C 57 21.96 3.07 28.11
C ALA C 57 22.19 4.42 27.56
N ALA C 58 23.45 4.89 27.52
CA ALA C 58 23.63 6.22 26.99
C ALA C 58 23.17 6.26 25.51
N GLN C 59 23.49 5.24 24.74
CA GLN C 59 23.07 5.31 23.33
C GLN C 59 21.58 5.12 23.16
N GLY C 60 20.93 4.56 24.18
CA GLY C 60 19.53 4.40 24.18
C GLY C 60 18.76 5.51 24.79
N THR C 61 19.28 6.75 24.74
CA THR C 61 18.58 7.93 25.29
C THR C 61 17.90 8.82 24.17
N LEU C 62 17.09 9.75 24.61
CA LEU C 62 16.31 10.66 23.73
C LEU C 62 17.15 11.72 23.09
N LEU C 63 18.48 11.66 23.31
CA LEU C 63 19.36 12.50 22.56
C LEU C 63 19.29 12.10 21.08
N THR C 64 18.86 10.90 20.74
CA THR C 64 18.69 10.62 19.30
C THR C 64 17.70 11.56 18.61
N ASN C 65 16.82 12.23 19.41
CA ASN C 65 15.82 13.13 18.83
C ASN C 65 16.37 14.46 18.46
N LYS C 66 17.61 14.77 18.82
CA LYS C 66 18.10 16.12 18.57
C LYS C 66 19.30 16.12 17.56
N TYR C 67 19.12 16.80 16.46
CA TYR C 67 20.02 16.94 15.38
C TYR C 67 20.62 18.36 15.47
N ALA C 68 21.94 18.37 15.55
CA ALA C 68 22.65 19.53 16.04
C ALA C 68 23.91 19.79 15.24
N GLU C 69 23.72 20.15 13.98
CA GLU C 69 24.81 20.60 13.14
C GLU C 69 25.73 21.68 13.68
N GLY C 70 27.03 21.49 13.41
CA GLY C 70 28.09 22.36 13.91
C GLY C 70 28.74 21.79 15.15
N TYR C 71 29.52 22.62 15.81
CA TYR C 71 30.25 22.27 17.01
C TYR C 71 29.75 23.09 18.21
N PRO C 72 30.07 22.68 19.43
CA PRO C 72 29.63 23.41 20.64
C PRO C 72 29.84 24.93 20.56
N GLY C 73 28.80 25.70 20.93
CA GLY C 73 28.95 27.15 20.90
C GLY C 73 28.86 27.68 19.49
N LYS C 74 28.73 26.80 18.48
CA LYS C 74 28.73 27.28 17.08
C LYS C 74 27.79 26.43 16.26
N ARG C 75 26.59 26.19 16.81
CA ARG C 75 25.57 25.40 16.18
C ARG C 75 24.79 26.18 15.15
N TYR C 76 24.23 25.53 14.17
CA TYR C 76 23.44 26.24 13.17
C TYR C 76 22.05 26.50 13.78
N TYR C 77 21.45 25.50 14.44
CA TYR C 77 20.09 25.58 14.94
C TYR C 77 20.11 25.84 16.45
N GLY C 78 18.98 26.24 17.04
CA GLY C 78 18.98 26.52 18.49
C GLY C 78 18.57 25.23 19.16
N GLY C 79 18.34 25.30 20.48
CA GLY C 79 17.96 24.13 21.30
C GLY C 79 19.17 23.25 21.71
N THR C 80 20.37 23.79 21.60
CA THR C 80 21.59 22.93 21.66
C THR C 80 22.45 23.18 22.90
N ALA C 81 21.93 23.90 23.89
CA ALA C 81 22.77 24.24 25.07
C ALA C 81 23.17 23.03 25.88
N VAL C 82 22.26 22.07 25.97
CA VAL C 82 22.54 20.87 26.73
C VAL C 82 23.40 19.89 25.93
N ILE C 83 23.12 19.79 24.66
CA ILE C 83 23.87 18.92 23.77
C ILE C 83 25.33 19.40 23.80
N ASP C 84 25.52 20.72 23.85
CA ASP C 84 26.88 21.33 23.92
C ASP C 84 27.65 20.89 25.20
N VAL C 85 26.93 20.76 26.31
CA VAL C 85 27.53 20.26 27.54
C VAL C 85 28.00 18.80 27.36
N VAL C 86 27.13 17.98 26.80
CA VAL C 86 27.42 16.56 26.55
C VAL C 86 28.62 16.38 25.63
N GLU C 87 28.63 17.06 24.51
CA GLU C 87 29.73 16.96 23.60
C GLU C 87 31.00 17.51 24.20
N THR C 88 30.92 18.59 24.94
CA THR C 88 32.09 19.15 25.58
C THR C 88 32.64 18.21 26.61
N LEU C 89 31.81 17.44 27.32
CA LEU C 89 32.32 16.48 28.19
C LEU C 89 33.15 15.42 27.47
N ALA C 90 32.68 14.97 26.28
CA ALA C 90 33.36 13.89 25.55
C ALA C 90 34.65 14.48 25.07
N ILE C 91 34.59 15.70 24.56
CA ILE C 91 35.82 16.34 24.08
C ILE C 91 36.86 16.47 25.18
N GLU C 92 36.45 16.95 26.35
CA GLU C 92 37.39 17.18 27.42
C GLU C 92 37.96 15.89 27.99
N ARG C 93 37.14 14.85 28.10
CA ARG C 93 37.58 13.61 28.56
C ARG C 93 38.56 12.92 27.60
N ALA C 94 38.31 13.09 26.31
CA ALA C 94 39.25 12.57 25.36
C ALA C 94 40.58 13.27 25.43
N LYS C 95 40.56 14.59 25.43
CA LYS C 95 41.76 15.33 25.64
C LYS C 95 42.51 15.00 26.88
N LYS C 96 41.78 14.80 27.94
CA LYS C 96 42.40 14.41 29.17
C LYS C 96 43.00 12.99 29.16
N LEU C 97 42.21 12.04 28.77
CA LEU C 97 42.61 10.71 28.72
C LEU C 97 43.82 10.50 27.84
N PHE C 98 43.88 11.10 26.65
CA PHE C 98 44.99 10.80 25.74
C PHE C 98 46.04 11.89 25.71
N GLY C 99 45.83 12.98 26.43
CA GLY C 99 46.84 14.06 26.57
C GLY C 99 46.98 14.92 25.32
N ALA C 100 45.91 15.13 24.58
CA ALA C 100 45.94 15.93 23.38
C ALA C 100 45.27 17.30 23.59
N LYS C 101 45.72 18.30 22.84
CA LYS C 101 45.15 19.61 22.94
C LYS C 101 43.80 19.81 22.20
N PHE C 102 43.56 19.01 21.18
CA PHE C 102 42.33 19.07 20.38
C PHE C 102 41.73 17.69 20.17
N ALA C 103 40.43 17.62 20.27
CA ALA C 103 39.68 16.42 20.07
C ALA C 103 38.40 16.76 19.33
N ASN C 104 38.07 15.89 18.40
CA ASN C 104 36.78 15.87 17.70
C ASN C 104 36.14 14.50 17.87
N VAL C 105 34.97 14.48 18.47
CA VAL C 105 34.23 13.25 18.84
C VAL C 105 33.05 13.00 17.96
N GLN C 106 32.95 13.79 16.91
CA GLN C 106 31.84 13.60 15.97
C GLN C 106 31.94 12.59 14.84
N PRO C 107 33.17 12.08 14.47
CA PRO C 107 33.14 11.06 13.44
C PRO C 107 32.28 9.90 13.76
N HIS C 108 31.40 9.50 12.83
CA HIS C 108 30.46 8.39 13.01
C HIS C 108 31.14 7.03 13.10
N SER C 109 32.36 6.93 12.56
CA SER C 109 33.08 5.64 12.55
C SER C 109 34.59 5.92 12.47
N GLY C 110 35.40 4.89 12.69
CA GLY C 110 36.86 5.02 12.55
C GLY C 110 37.22 5.35 11.13
N SER C 111 36.47 4.82 10.19
CA SER C 111 36.79 5.16 8.77
C SER C 111 36.46 6.59 8.36
N GLN C 112 35.43 7.20 8.98
CA GLN C 112 35.11 8.59 8.74
C GLN C 112 36.16 9.39 9.40
N ALA C 113 36.59 8.97 10.57
CA ALA C 113 37.66 9.75 11.17
C ALA C 113 38.90 9.80 10.29
N ASN C 114 39.29 8.64 9.78
CA ASN C 114 40.49 8.56 8.85
C ASN C 114 40.30 9.42 7.62
N ALA C 115 39.13 9.27 7.02
CA ALA C 115 38.84 10.07 5.83
C ALA C 115 38.95 11.55 6.02
N ALA C 116 38.61 12.04 7.22
CA ALA C 116 38.77 13.45 7.50
C ALA C 116 40.16 13.87 7.60
N VAL C 117 40.99 12.96 8.13
CA VAL C 117 42.39 13.28 8.17
C VAL C 117 42.96 13.36 6.72
N TYR C 118 42.61 12.40 5.88
CA TYR C 118 43.07 12.46 4.47
C TYR C 118 42.68 13.80 3.81
N MET C 119 41.42 14.15 4.01
CA MET C 119 40.91 15.41 3.43
C MET C 119 41.65 16.57 3.99
N SER C 120 42.10 16.55 5.23
CA SER C 120 42.71 17.73 5.78
C SER C 120 44.15 17.88 5.49
N LEU C 121 44.83 16.77 5.24
CA LEU C 121 46.31 16.85 5.04
C LEU C 121 46.89 16.66 3.61
N ILE C 122 46.25 15.91 2.77
CA ILE C 122 46.76 15.56 1.46
C ILE C 122 45.65 15.76 0.38
N GLN C 123 45.98 15.49 -0.87
CA GLN C 123 45.08 15.77 -2.01
C GLN C 123 44.68 14.47 -2.58
N PRO C 124 43.52 14.44 -3.28
CA PRO C 124 43.22 13.25 -4.09
C PRO C 124 44.38 12.85 -5.01
N GLY C 125 44.65 11.57 -5.08
CA GLY C 125 45.84 11.13 -5.81
C GLY C 125 47.14 11.01 -5.06
N ASP C 126 47.25 11.58 -3.84
CA ASP C 126 48.57 11.52 -3.16
C ASP C 126 48.87 10.10 -2.63
N THR C 127 50.12 9.81 -2.44
CA THR C 127 50.52 8.51 -1.92
C THR C 127 50.44 8.48 -0.39
N VAL C 128 49.91 7.37 0.16
CA VAL C 128 49.78 7.11 1.57
C VAL C 128 50.37 5.77 1.81
N MET C 129 51.32 5.66 2.72
CA MET C 129 51.83 4.37 3.04
C MET C 129 51.16 3.91 4.32
N GLY C 130 50.80 2.65 4.40
CA GLY C 130 50.20 2.10 5.60
C GLY C 130 50.55 0.61 5.72
N MET C 131 50.28 0.05 6.88
CA MET C 131 50.72 -1.25 7.23
C MET C 131 49.79 -2.34 6.74
N ASP C 132 50.31 -3.26 5.95
CA ASP C 132 49.63 -4.55 5.77
C ASP C 132 48.23 -4.36 5.17
N LEU C 133 48.16 -3.54 4.13
CA LEU C 133 46.88 -3.08 3.49
C LEU C 133 46.26 -4.13 2.55
N PRO C 144 43.61 0.58 7.01
CA PRO C 144 43.06 1.95 7.11
C PRO C 144 42.61 2.60 5.74
N VAL C 145 42.42 1.75 4.69
CA VAL C 145 41.97 2.18 3.31
C VAL C 145 40.46 2.51 3.25
N SER C 146 39.59 1.57 3.67
CA SER C 146 38.11 1.72 3.68
C SER C 146 37.55 2.26 2.34
N PHE C 147 36.69 3.30 2.39
CA PHE C 147 36.15 3.98 1.17
C PHE C 147 37.07 4.97 0.44
N SER C 148 38.19 5.27 1.09
CA SER C 148 39.19 6.17 0.57
C SER C 148 40.13 5.47 -0.41
N GLY C 149 40.02 4.14 -0.54
CA GLY C 149 40.97 3.37 -1.36
C GLY C 149 41.05 3.80 -2.83
N LYS C 150 40.05 4.45 -3.39
CA LYS C 150 40.17 4.88 -4.78
C LYS C 150 40.48 6.34 -4.88
N THR C 151 40.54 7.04 -3.75
CA THR C 151 40.82 8.45 -3.81
C THR C 151 42.32 8.79 -3.70
N TYR C 152 43.05 7.84 -3.09
CA TYR C 152 44.45 8.03 -2.79
C TYR C 152 45.19 6.82 -3.29
N ASN C 153 46.47 6.96 -3.45
CA ASN C 153 47.37 5.85 -3.77
C ASN C 153 48.02 5.17 -2.54
N PHE C 154 47.39 4.12 -2.04
CA PHE C 154 47.84 3.43 -0.89
C PHE C 154 48.93 2.45 -1.25
N VAL C 155 50.02 2.49 -0.53
CA VAL C 155 51.18 1.62 -0.73
C VAL C 155 51.48 0.95 0.63
N SER C 156 51.67 -0.36 0.63
CA SER C 156 51.72 -1.14 1.85
C SER C 156 53.17 -1.38 2.32
N TYR C 157 53.45 -1.40 3.63
CA TYR C 157 54.67 -1.94 4.20
C TYR C 157 54.16 -3.01 5.13
N ASN C 158 55.00 -3.94 5.52
CA ASN C 158 54.69 -4.84 6.65
C ASN C 158 55.97 -5.07 7.46
N VAL C 159 56.31 -6.32 7.74
CA VAL C 159 57.35 -6.67 8.70
C VAL C 159 58.47 -7.42 8.02
N ASP C 160 59.62 -7.49 8.65
CA ASP C 160 60.69 -8.27 8.13
C ASP C 160 60.28 -9.73 8.08
N LYS C 161 60.70 -10.42 7.02
CA LYS C 161 60.36 -11.84 6.83
C LYS C 161 60.85 -12.81 7.90
N GLU C 162 62.09 -12.65 8.34
CA GLU C 162 62.65 -13.56 9.33
C GLU C 162 62.15 -13.24 10.76
N SER C 163 62.35 -11.99 11.20
CA SER C 163 61.98 -11.56 12.60
C SER C 163 60.47 -11.38 12.76
N GLU C 164 59.76 -11.16 11.62
CA GLU C 164 58.33 -10.76 11.65
C GLU C 164 58.10 -9.50 12.52
N LEU C 165 59.13 -8.65 12.63
CA LEU C 165 59.03 -7.40 13.32
C LEU C 165 59.06 -6.21 12.34
N LEU C 166 58.54 -5.05 12.73
CA LEU C 166 58.74 -3.85 11.95
C LEU C 166 60.19 -3.59 11.83
N ASP C 167 60.65 -3.21 10.62
CA ASP C 167 61.99 -2.85 10.37
C ASP C 167 61.99 -1.44 9.89
N TYR C 168 62.48 -0.57 10.76
CA TYR C 168 62.35 0.82 10.55
C TYR C 168 63.29 1.27 9.47
N ASP C 169 64.41 0.57 9.30
CA ASP C 169 65.31 0.95 8.24
C ASP C 169 64.72 0.58 6.87
N ALA C 170 64.13 -0.59 6.75
CA ALA C 170 63.40 -0.99 5.46
C ALA C 170 62.20 -0.09 5.20
N ILE C 171 61.47 0.30 6.24
CA ILE C 171 60.36 1.20 6.05
C ILE C 171 60.89 2.56 5.58
N LEU C 172 61.98 3.07 6.15
CA LEU C 172 62.53 4.32 5.67
C LEU C 172 62.97 4.25 4.17
N ALA C 173 63.66 3.17 3.82
CA ALA C 173 64.14 2.97 2.46
C ALA C 173 62.93 2.89 1.47
N GLN C 174 61.89 2.17 1.83
CA GLN C 174 60.65 2.21 1.10
C GLN C 174 60.03 3.58 0.96
N ALA C 175 59.96 4.35 2.05
CA ALA C 175 59.44 5.72 2.00
C ALA C 175 60.30 6.69 1.17
N LYS C 176 61.62 6.51 1.17
CA LYS C 176 62.45 7.24 0.20
C LYS C 176 62.14 6.89 -1.29
N GLU C 177 61.74 5.68 -1.62
CA GLU C 177 61.36 5.32 -3.04
C GLU C 177 59.95 5.87 -3.44
N VAL C 178 59.03 5.67 -2.52
CA VAL C 178 57.60 5.96 -2.73
C VAL C 178 57.19 7.41 -2.47
N ARG C 179 57.99 8.09 -1.66
CA ARG C 179 57.73 9.43 -1.20
C ARG C 179 56.28 9.75 -0.83
N PRO C 180 55.71 9.07 0.14
CA PRO C 180 54.36 9.38 0.51
C PRO C 180 54.16 10.79 1.10
N LYS C 181 52.94 11.31 0.95
CA LYS C 181 52.62 12.56 1.56
C LYS C 181 52.22 12.34 3.01
N LEU C 182 51.81 11.13 3.30
CA LEU C 182 51.32 10.75 4.58
C LEU C 182 51.70 9.30 4.84
N ILE C 183 52.19 9.04 6.05
CA ILE C 183 52.42 7.69 6.52
C ILE C 183 51.45 7.37 7.59
N VAL C 184 50.85 6.20 7.51
CA VAL C 184 49.96 5.70 8.54
C VAL C 184 50.58 4.59 9.33
N ALA C 185 50.61 4.74 10.65
CA ALA C 185 51.06 3.60 11.45
C ALA C 185 49.85 3.07 12.24
N GLY C 186 49.88 1.81 12.60
CA GLY C 186 48.70 1.16 13.17
C GLY C 186 48.31 -0.02 12.33
N ALA C 187 47.92 -1.11 12.99
CA ALA C 187 47.53 -2.37 12.26
C ALA C 187 46.66 -3.20 13.11
N SER C 188 46.00 -4.10 12.44
CA SER C 188 44.96 -4.83 13.11
C SER C 188 45.44 -6.25 13.44
N ALA C 189 46.67 -6.55 13.10
CA ALA C 189 47.18 -7.85 13.50
C ALA C 189 48.67 -7.95 13.89
N TYR C 190 49.33 -6.87 14.16
CA TYR C 190 50.67 -6.82 14.67
C TYR C 190 50.57 -6.95 16.22
N SER C 191 51.36 -7.87 16.79
CA SER C 191 51.34 -8.17 18.21
C SER C 191 52.36 -7.41 19.09
N ARG C 192 53.20 -6.58 18.51
CA ARG C 192 54.32 -6.01 19.23
C ARG C 192 54.23 -4.48 19.35
N ILE C 193 55.03 -3.93 20.23
CA ILE C 193 54.88 -2.53 20.56
C ILE C 193 55.36 -1.76 19.35
N ILE C 194 54.65 -0.71 18.93
CA ILE C 194 55.10 0.16 17.85
C ILE C 194 55.85 1.33 18.37
N ASP C 195 56.96 1.67 17.69
CA ASP C 195 57.82 2.75 18.15
C ASP C 195 57.40 4.01 17.36
N PHE C 196 56.52 4.82 17.94
CA PHE C 196 55.97 5.96 17.25
C PHE C 196 56.97 7.05 17.06
N ALA C 197 57.94 7.17 17.94
CA ALA C 197 58.98 8.15 17.68
C ALA C 197 59.75 7.80 16.39
N LYS C 198 60.02 6.53 16.15
CA LYS C 198 60.72 6.13 14.91
C LYS C 198 59.84 6.41 13.64
N PHE C 199 58.54 6.20 13.74
CA PHE C 199 57.65 6.53 12.61
C PHE C 199 57.68 8.00 12.33
N ARG C 200 57.77 8.83 13.36
CA ARG C 200 57.73 10.23 13.11
C ARG C 200 59.07 10.69 12.52
N GLU C 201 60.14 10.04 12.98
CA GLU C 201 61.47 10.30 12.45
C GLU C 201 61.48 10.00 10.91
N ILE C 202 60.94 8.85 10.56
CA ILE C 202 60.78 8.39 9.11
C ILE C 202 59.95 9.39 8.32
N ALA C 203 58.83 9.77 8.89
CA ALA C 203 58.02 10.76 8.26
C ALA C 203 58.74 12.06 8.04
N ASP C 204 59.43 12.55 9.07
CA ASP C 204 60.12 13.79 8.95
C ASP C 204 61.25 13.63 7.93
N ALA C 205 61.89 12.47 7.85
CA ALA C 205 63.01 12.31 6.92
C ALA C 205 62.60 12.43 5.45
N VAL C 206 61.37 12.08 5.09
CA VAL C 206 60.88 12.21 3.73
C VAL C 206 59.81 13.29 3.59
N GLY C 207 59.57 14.09 4.63
CA GLY C 207 58.68 15.26 4.50
C GLY C 207 57.21 14.85 4.48
N ALA C 208 56.83 13.70 5.04
CA ALA C 208 55.45 13.27 5.05
C ALA C 208 54.79 13.66 6.41
N TYR C 209 53.47 13.79 6.43
CA TYR C 209 52.74 13.82 7.68
C TYR C 209 52.76 12.40 8.26
N LEU C 210 52.67 12.28 9.58
CA LEU C 210 52.33 11.02 10.23
C LEU C 210 50.96 11.02 10.84
N MET C 211 50.21 10.00 10.54
CA MET C 211 48.97 9.75 11.17
C MET C 211 49.07 8.42 11.86
N VAL C 212 48.52 8.29 13.06
CA VAL C 212 48.42 7.02 13.63
C VAL C 212 46.96 6.64 13.84
N ASP C 213 46.60 5.45 13.35
CA ASP C 213 45.31 4.85 13.64
C ASP C 213 45.44 3.83 14.72
N MET C 214 45.09 4.24 15.94
CA MET C 214 45.31 3.43 17.13
C MET C 214 44.12 2.63 17.53
N ALA C 215 43.22 2.44 16.61
CA ALA C 215 41.93 1.86 16.89
C ALA C 215 42.06 0.58 17.70
N HIS C 216 42.92 -0.32 17.25
CA HIS C 216 43.02 -1.58 17.92
C HIS C 216 43.65 -1.56 19.32
N ILE C 217 44.57 -0.62 19.55
CA ILE C 217 45.33 -0.52 20.77
C ILE C 217 44.88 0.63 21.66
N ALA C 218 43.82 1.32 21.29
CA ALA C 218 43.54 2.59 22.03
C ALA C 218 43.30 2.37 23.45
N GLY C 219 42.68 1.28 23.80
CA GLY C 219 42.47 1.03 25.20
C GLY C 219 43.76 0.73 25.96
N LEU C 220 44.72 0.10 25.28
CA LEU C 220 46.00 -0.18 25.91
C LEU C 220 46.83 1.13 25.96
N VAL C 221 46.60 2.04 25.01
CA VAL C 221 47.17 3.33 25.14
C VAL C 221 46.56 4.00 26.39
N ALA C 222 45.26 3.94 26.52
CA ALA C 222 44.58 4.61 27.65
C ALA C 222 44.98 3.98 28.98
N SER C 223 45.22 2.65 29.05
CA SER C 223 45.59 1.99 30.27
C SER C 223 47.03 2.16 30.70
N GLY C 224 47.86 2.64 29.79
CA GLY C 224 49.32 2.82 29.98
C GLY C 224 50.15 1.69 29.48
N HIS C 225 49.54 0.65 28.90
CA HIS C 225 50.33 -0.50 28.43
C HIS C 225 50.84 -0.43 27.02
N HIS C 226 50.40 0.56 26.24
CA HIS C 226 51.02 0.77 25.00
C HIS C 226 51.45 2.22 24.95
N PRO C 227 52.65 2.48 24.51
CA PRO C 227 53.10 3.84 24.36
C PRO C 227 52.16 4.66 23.46
N SER C 228 52.00 5.94 23.77
CA SER C 228 51.09 6.79 23.05
C SER C 228 51.69 7.32 21.79
N PRO C 229 50.87 7.41 20.74
CA PRO C 229 51.28 8.07 19.54
C PRO C 229 51.05 9.56 19.54
N VAL C 230 50.28 10.04 20.51
CA VAL C 230 49.86 11.45 20.51
C VAL C 230 50.99 12.44 20.44
N PRO C 231 52.11 12.20 21.15
CA PRO C 231 53.19 13.18 21.01
C PRO C 231 53.95 13.18 19.70
N TYR C 232 53.74 12.20 18.84
CA TYR C 232 54.56 11.97 17.65
C TYR C 232 53.76 12.07 16.34
N ALA C 233 52.50 11.67 16.33
CA ALA C 233 51.65 11.71 15.13
C ALA C 233 51.17 13.11 14.98
N HIS C 234 51.19 13.61 13.76
CA HIS C 234 50.49 14.87 13.50
C HIS C 234 49.02 14.82 13.87
N VAL C 235 48.39 13.67 13.55
CA VAL C 235 47.02 13.39 13.92
C VAL C 235 46.91 11.96 14.30
N THR C 236 46.14 11.69 15.34
CA THR C 236 45.77 10.34 15.78
C THR C 236 44.32 10.07 15.69
N THR C 237 43.96 8.91 15.21
CA THR C 237 42.59 8.57 15.09
C THR C 237 42.43 7.27 15.82
N THR C 238 41.18 6.97 16.04
CA THR C 238 40.75 5.75 16.75
C THR C 238 39.25 5.57 16.58
N THR C 239 38.85 4.32 16.69
CA THR C 239 37.50 4.03 17.01
C THR C 239 37.29 4.15 18.50
N THR C 240 36.03 4.33 18.91
CA THR C 240 35.70 4.35 20.33
C THR C 240 35.35 2.98 20.85
N HIS C 241 35.05 2.05 19.95
CA HIS C 241 34.89 0.66 20.28
C HIS C 241 36.29 -0.05 20.10
N LYS C 242 36.33 -1.37 20.41
CA LYS C 242 37.55 -2.26 20.42
C LYS C 242 38.15 -2.22 21.82
N THR C 243 39.45 -2.10 21.97
CA THR C 243 40.03 -2.09 23.36
C THR C 243 39.55 -0.94 24.24
N LEU C 244 39.23 0.23 23.67
CA LEU C 244 38.73 1.31 24.48
C LEU C 244 37.37 1.00 25.08
N ARG C 245 36.69 0.01 24.53
CA ARG C 245 35.48 -0.52 25.10
C ARG C 245 34.29 0.45 25.08
N GLY C 246 34.19 1.29 24.08
CA GLY C 246 33.01 2.22 23.93
C GLY C 246 32.05 1.83 22.84
N PRO C 247 31.20 2.77 22.45
CA PRO C 247 30.28 2.55 21.38
C PRO C 247 31.00 2.62 20.06
N ARG C 248 30.34 2.10 19.04
CA ARG C 248 30.79 2.23 17.70
C ARG C 248 30.91 3.70 17.35
N GLY C 249 32.03 4.10 16.81
CA GLY C 249 32.24 5.50 16.46
C GLY C 249 33.69 5.89 16.33
N GLY C 250 33.97 7.16 16.01
CA GLY C 250 35.32 7.58 15.79
C GLY C 250 35.77 8.70 16.69
N LEU C 251 37.04 9.03 16.65
CA LEU C 251 37.63 10.13 17.42
C LEU C 251 38.89 10.52 16.74
N ILE C 252 39.15 11.81 16.69
CA ILE C 252 40.35 12.37 16.15
C ILE C 252 41.00 13.33 17.17
N LEU C 253 42.31 13.21 17.28
CA LEU C 253 43.12 13.94 18.22
C LEU C 253 44.24 14.63 17.53
N THR C 254 44.57 15.86 17.93
CA THR C 254 45.77 16.51 17.42
C THR C 254 46.26 17.52 18.38
N ASP C 255 47.54 17.85 18.32
CA ASP C 255 48.11 18.98 19.11
C ASP C 255 48.23 20.26 18.27
N ASP C 256 47.92 20.22 16.99
CA ASP C 256 48.20 21.34 16.15
C ASP C 256 46.90 22.06 15.79
N GLU C 257 46.81 23.29 16.27
CA GLU C 257 45.58 24.09 16.12
C GLU C 257 45.13 24.38 14.68
N ASP C 258 46.08 24.62 13.79
CA ASP C 258 45.77 24.77 12.35
C ASP C 258 45.26 23.49 11.78
N ILE C 259 45.83 22.36 12.18
CA ILE C 259 45.28 21.09 11.72
C ILE C 259 43.90 20.80 12.31
N ALA C 260 43.69 21.11 13.59
CA ALA C 260 42.38 20.91 14.23
C ALA C 260 41.28 21.59 13.45
N LYS C 261 41.56 22.81 13.05
CA LYS C 261 40.56 23.56 12.35
C LYS C 261 40.24 22.92 11.00
N LYS C 262 41.26 22.36 10.29
CA LYS C 262 40.98 21.63 9.06
C LYS C 262 40.21 20.38 9.30
N LEU C 263 40.58 19.66 10.34
CA LEU C 263 39.91 18.44 10.69
C LEU C 263 38.45 18.72 10.97
N ASN C 264 38.17 19.77 11.72
CA ASN C 264 36.77 20.02 12.10
C ASN C 264 35.88 20.31 10.90
N SER C 265 36.39 21.12 9.99
CA SER C 265 35.70 21.35 8.72
C SER C 265 35.58 20.16 7.85
N ALA C 266 36.58 19.26 7.87
CA ALA C 266 36.50 18.07 7.02
C ALA C 266 35.46 17.18 7.57
N VAL C 267 35.35 17.04 8.89
CA VAL C 267 34.31 16.15 9.43
C VAL C 267 32.88 16.73 9.17
N PHE C 268 32.72 18.04 9.35
CA PHE C 268 31.45 18.74 9.08
C PHE C 268 31.75 20.14 8.58
N PRO C 269 31.20 20.50 7.41
CA PRO C 269 30.27 19.78 6.56
C PRO C 269 30.93 18.86 5.52
N GLY C 270 32.22 18.60 5.63
CA GLY C 270 32.87 17.88 4.51
C GLY C 270 32.38 16.48 4.36
N LEU C 271 32.34 15.70 5.41
CA LEU C 271 32.03 14.27 5.28
C LEU C 271 30.69 13.89 5.83
N GLN C 272 30.22 14.65 6.78
CA GLN C 272 29.10 14.26 7.59
C GLN C 272 28.14 15.45 7.68
N GLY C 273 26.91 15.18 8.01
CA GLY C 273 26.07 16.20 8.62
C GLY C 273 26.24 16.30 10.12
N GLY C 274 25.12 16.31 10.82
CA GLY C 274 25.12 16.48 12.23
C GLY C 274 25.55 15.20 12.92
N PRO C 275 26.05 15.32 14.14
CA PRO C 275 26.57 14.20 14.82
C PRO C 275 25.50 13.34 15.43
N LEU C 276 25.89 12.17 15.93
CA LEU C 276 24.98 11.28 16.66
C LEU C 276 25.16 11.59 18.17
N GLU C 277 24.35 12.49 18.72
CA GLU C 277 24.64 12.99 20.09
C GLU C 277 24.45 11.94 21.17
N HIS C 278 23.50 11.08 20.96
CA HIS C 278 23.37 9.93 21.86
C HIS C 278 24.59 9.02 21.88
N VAL C 279 25.27 8.88 20.73
CA VAL C 279 26.50 8.06 20.67
C VAL C 279 27.59 8.84 21.30
N ILE C 280 27.63 10.15 21.09
CA ILE C 280 28.59 11.01 21.80
C ILE C 280 28.44 10.92 23.32
N ALA C 281 27.20 10.92 23.84
CA ALA C 281 26.98 10.62 25.23
C ALA C 281 27.65 9.32 25.63
N ALA C 282 27.58 8.33 24.79
CA ALA C 282 28.09 7.03 25.16
C ALA C 282 29.64 7.04 25.09
N LYS C 283 30.20 7.81 24.15
CA LYS C 283 31.65 8.09 24.13
C LYS C 283 32.08 8.73 25.44
N ALA C 284 31.35 9.75 25.92
CA ALA C 284 31.60 10.35 27.23
C ALA C 284 31.70 9.38 28.38
N VAL C 285 30.74 8.51 28.48
CA VAL C 285 30.64 7.48 29.50
C VAL C 285 31.83 6.55 29.41
N ALA C 286 32.15 6.11 28.19
CA ALA C 286 33.24 5.20 28.03
C ALA C 286 34.56 5.87 28.34
N LEU C 287 34.72 7.14 27.99
CA LEU C 287 35.95 7.81 28.25
C LEU C 287 36.12 8.00 29.76
N LYS C 288 35.05 8.27 30.48
CA LYS C 288 35.19 8.34 31.91
C LYS C 288 35.58 7.01 32.55
N GLU C 289 34.97 5.97 32.09
CA GLU C 289 35.35 4.64 32.54
C GLU C 289 36.83 4.39 32.25
N ALA C 290 37.38 4.89 31.13
CA ALA C 290 38.75 4.61 30.81
C ALA C 290 39.71 5.49 31.60
N LEU C 291 39.22 6.61 32.12
CA LEU C 291 39.98 7.45 33.03
C LEU C 291 40.06 6.88 34.47
N ASP C 292 39.23 5.91 34.79
CA ASP C 292 39.23 5.33 36.11
C ASP C 292 40.42 4.42 36.35
N PRO C 293 41.02 4.40 37.58
CA PRO C 293 42.16 3.49 37.89
C PRO C 293 41.90 2.05 37.59
N ALA C 294 40.66 1.62 37.73
CA ALA C 294 40.32 0.27 37.39
C ALA C 294 40.57 -0.10 35.93
N PHE C 295 40.53 0.87 35.04
CA PHE C 295 40.80 0.55 33.62
C PHE C 295 42.25 0.10 33.43
N LYS C 296 43.17 0.61 34.22
CA LYS C 296 44.55 0.13 34.14
C LYS C 296 44.65 -1.35 34.44
N GLU C 297 43.87 -1.84 35.37
CA GLU C 297 43.83 -3.27 35.64
C GLU C 297 43.26 -4.09 34.54
N TYR C 298 42.21 -3.57 33.93
CA TYR C 298 41.66 -4.26 32.82
C TYR C 298 42.80 -4.42 31.79
N GLY C 299 43.47 -3.32 31.49
CA GLY C 299 44.48 -3.37 30.42
C GLY C 299 45.60 -4.37 30.81
N GLU C 300 45.93 -4.48 32.08
CA GLU C 300 46.91 -5.47 32.52
C GLU C 300 46.43 -6.85 32.31
N ASN C 301 45.16 -7.08 32.61
CA ASN C 301 44.58 -8.41 32.38
C ASN C 301 44.50 -8.74 30.88
N VAL C 302 44.27 -7.72 30.06
CA VAL C 302 44.23 -7.94 28.63
C VAL C 302 45.62 -8.45 28.20
N ILE C 303 46.65 -7.75 28.63
CA ILE C 303 48.01 -8.11 28.27
C ILE C 303 48.29 -9.55 28.76
N LYS C 304 48.01 -9.85 30.02
CA LYS C 304 48.26 -11.18 30.57
C LYS C 304 47.50 -12.31 29.93
N ASN C 305 46.26 -12.04 29.60
CA ASN C 305 45.45 -13.10 29.01
C ASN C 305 45.86 -13.42 27.65
N ALA C 306 46.18 -12.39 26.86
CA ALA C 306 46.69 -12.66 25.54
C ALA C 306 48.00 -13.50 25.62
N ALA C 307 48.88 -13.11 26.55
CA ALA C 307 50.21 -13.76 26.69
C ALA C 307 50.05 -15.25 27.03
N ALA C 308 49.08 -15.56 27.87
CA ALA C 308 48.85 -16.88 28.34
C ALA C 308 48.38 -17.77 27.17
N MET C 309 47.59 -17.23 26.25
CA MET C 309 47.08 -18.04 25.22
C MET C 309 48.17 -18.20 24.25
N ALA C 310 48.93 -17.14 23.98
CA ALA C 310 49.98 -17.28 23.03
C ALA C 310 51.01 -18.34 23.53
N ASP C 311 51.14 -18.53 24.84
CA ASP C 311 52.18 -19.42 25.39
C ASP C 311 51.86 -20.89 25.05
N VAL C 312 50.57 -21.21 25.13
CA VAL C 312 50.07 -22.53 24.79
C VAL C 312 50.44 -22.84 23.34
N PHE C 313 50.25 -21.94 22.41
CA PHE C 313 50.70 -22.22 21.05
C PHE C 313 52.21 -22.25 20.84
N ASN C 314 52.90 -21.39 21.60
CA ASN C 314 54.35 -21.32 21.55
C ASN C 314 54.94 -22.70 21.99
N GLN C 315 54.51 -23.22 23.14
CA GLN C 315 54.98 -24.50 23.65
C GLN C 315 54.79 -25.63 22.64
N HIS C 316 53.53 -25.88 22.28
CA HIS C 316 53.21 -26.93 21.32
C HIS C 316 54.16 -26.89 20.13
N PRO C 317 54.42 -28.05 19.53
CA PRO C 317 55.41 -28.12 18.43
C PRO C 317 54.81 -27.94 17.04
N ASP C 318 53.53 -28.16 16.89
CA ASP C 318 52.90 -27.99 15.58
C ASP C 318 52.20 -26.64 15.31
N PHE C 319 52.30 -25.68 16.22
CA PHE C 319 51.73 -24.33 16.00
C PHE C 319 52.84 -23.34 16.15
N ARG C 320 52.90 -22.35 15.26
CA ARG C 320 53.85 -21.26 15.41
C ARG C 320 53.12 -19.87 15.58
N VAL C 321 53.48 -19.13 16.63
CA VAL C 321 52.96 -17.79 16.87
C VAL C 321 53.77 -16.81 16.12
N ILE C 322 53.10 -15.91 15.42
CA ILE C 322 53.80 -14.96 14.59
C ILE C 322 54.59 -14.01 15.50
N SER C 323 55.87 -13.81 15.14
CA SER C 323 56.84 -13.03 15.92
C SER C 323 57.20 -13.70 17.22
N GLY C 324 56.73 -14.90 17.46
CA GLY C 324 57.08 -15.62 18.69
C GLY C 324 56.30 -15.24 19.92
N GLY C 325 55.27 -14.42 19.79
CA GLY C 325 54.58 -14.00 20.99
C GLY C 325 53.86 -12.65 20.79
N THR C 326 53.51 -12.01 21.90
CA THR C 326 52.81 -10.76 21.92
C THR C 326 53.16 -9.87 23.10
N ASN C 327 53.11 -8.53 22.85
CA ASN C 327 53.10 -7.50 23.91
C ASN C 327 51.78 -6.67 23.90
N ASN C 328 50.80 -7.13 23.16
CA ASN C 328 49.50 -6.47 23.18
C ASN C 328 48.34 -7.44 23.40
N HIS C 329 47.16 -7.12 22.85
CA HIS C 329 45.92 -7.84 23.16
C HIS C 329 45.73 -9.01 22.17
N LEU C 330 46.57 -9.15 21.16
CA LEU C 330 46.31 -10.16 20.15
C LEU C 330 47.59 -10.92 19.75
N PHE C 331 47.41 -12.01 19.02
CA PHE C 331 48.47 -12.64 18.25
C PHE C 331 47.89 -13.42 17.06
N LEU C 332 48.76 -13.73 16.09
CA LEU C 332 48.45 -14.59 14.98
C LEU C 332 49.16 -15.95 15.21
N VAL C 333 48.46 -17.05 14.89
CA VAL C 333 49.02 -18.40 14.89
C VAL C 333 48.97 -19.04 13.49
N ASP C 334 50.12 -19.52 12.97
CA ASP C 334 50.16 -20.34 11.72
C ASP C 334 49.65 -21.76 12.03
N VAL C 335 48.52 -22.16 11.46
CA VAL C 335 47.87 -23.41 11.88
C VAL C 335 48.12 -24.53 10.83
N THR C 336 48.88 -24.22 9.77
CA THR C 336 48.92 -25.05 8.62
C THR C 336 49.63 -26.41 8.79
N LYS C 337 50.23 -26.68 9.94
CA LYS C 337 50.82 -27.98 10.16
C LYS C 337 49.74 -28.84 10.77
N VAL C 338 48.61 -28.28 11.18
CA VAL C 338 47.59 -29.12 11.81
C VAL C 338 46.28 -29.20 10.98
N VAL C 339 45.82 -28.08 10.39
CA VAL C 339 44.68 -28.12 9.48
C VAL C 339 45.13 -27.41 8.24
N GLU C 340 44.34 -27.55 7.22
CA GLU C 340 44.72 -27.12 5.90
C GLU C 340 44.97 -25.63 5.80
N ASN C 341 44.10 -24.84 6.45
CA ASN C 341 44.21 -23.39 6.38
C ASN C 341 43.44 -22.62 7.49
N GLY C 342 43.58 -21.29 7.51
CA GLY C 342 42.90 -20.54 8.59
C GLY C 342 41.38 -20.57 8.52
N LYS C 343 40.87 -20.56 7.29
CA LYS C 343 39.42 -20.72 7.16
C LYS C 343 38.93 -22.03 7.79
N VAL C 344 39.61 -23.15 7.50
CA VAL C 344 39.15 -24.39 8.16
C VAL C 344 39.20 -24.27 9.65
N ALA C 345 40.30 -23.70 10.17
CA ALA C 345 40.46 -23.56 11.64
C ALA C 345 39.33 -22.74 12.25
N GLN C 346 39.01 -21.63 11.61
CA GLN C 346 37.86 -20.82 12.13
C GLN C 346 36.57 -21.61 12.21
N ASN C 347 36.27 -22.35 11.12
CA ASN C 347 35.03 -23.21 11.14
C ASN C 347 35.08 -24.25 12.16
N VAL C 348 36.22 -24.93 12.30
CA VAL C 348 36.30 -25.94 13.36
C VAL C 348 36.04 -25.35 14.73
N LEU C 349 36.72 -24.25 15.03
CA LEU C 349 36.51 -23.66 16.35
C LEU C 349 35.09 -23.17 16.56
N GLU C 350 34.43 -22.65 15.51
CA GLU C 350 32.98 -22.31 15.70
C GLU C 350 32.18 -23.52 16.23
N GLU C 351 32.57 -24.72 15.83
CA GLU C 351 31.93 -25.94 16.32
C GLU C 351 31.93 -26.04 17.85
N VAL C 352 32.98 -25.53 18.49
CA VAL C 352 33.10 -25.64 19.94
C VAL C 352 32.74 -24.37 20.67
N ASN C 353 31.96 -23.50 20.01
CA ASN C 353 31.56 -22.22 20.62
C ASN C 353 32.66 -21.19 20.93
N ILE C 354 33.62 -21.15 20.03
CA ILE C 354 34.73 -20.23 20.11
C ILE C 354 34.77 -19.53 18.79
N THR C 355 34.60 -18.17 18.82
CA THR C 355 34.74 -17.41 17.55
C THR C 355 36.04 -16.67 17.46
N LEU C 356 36.63 -16.69 16.26
CA LEU C 356 37.81 -15.94 15.97
C LEU C 356 37.90 -15.74 14.50
N ASN C 357 38.96 -15.16 13.96
CA ASN C 357 39.00 -15.09 12.53
C ASN C 357 40.25 -15.61 11.90
N LYS C 358 40.11 -16.13 10.70
CA LYS C 358 41.25 -16.53 9.93
C LYS C 358 42.01 -15.27 9.64
N ASN C 359 43.26 -15.37 9.28
CA ASN C 359 44.04 -14.15 9.10
C ASN C 359 45.26 -14.46 8.33
N SER C 360 45.56 -13.65 7.33
CA SER C 360 46.79 -13.79 6.64
C SER C 360 47.94 -13.61 7.59
N ILE C 361 49.04 -14.35 7.33
CA ILE C 361 50.27 -14.21 8.09
C ILE C 361 51.27 -13.45 7.21
N PRO C 362 52.37 -13.03 7.81
CA PRO C 362 53.28 -12.29 6.97
C PRO C 362 53.82 -13.13 5.80
N TYR C 363 54.02 -12.54 4.65
CA TYR C 363 54.42 -13.28 3.43
C TYR C 363 53.52 -14.48 3.15
N GLU C 364 52.24 -14.34 3.48
CA GLU C 364 51.26 -15.38 3.31
C GLU C 364 51.40 -16.03 1.90
N GLN C 365 51.39 -17.35 1.84
CA GLN C 365 51.53 -18.13 0.56
C GLN C 365 50.16 -18.55 0.06
N LEU C 366 49.29 -18.95 0.98
CA LEU C 366 47.96 -19.34 0.61
C LEU C 366 47.14 -18.18 0.13
N SER C 367 45.95 -18.54 -0.29
CA SER C 367 45.00 -17.64 -0.87
C SER C 367 44.42 -16.67 0.18
N PRO C 368 44.16 -15.43 -0.22
CA PRO C 368 43.56 -14.51 0.76
C PRO C 368 42.26 -15.05 1.34
N PHE C 369 41.48 -15.85 0.62
CA PHE C 369 40.28 -16.50 1.20
C PHE C 369 40.58 -17.67 2.15
N LYS C 370 41.76 -18.25 2.07
CA LYS C 370 42.06 -19.38 2.95
C LYS C 370 42.92 -18.98 4.16
N THR C 371 44.06 -18.34 3.82
CA THR C 371 45.15 -17.94 4.75
C THR C 371 45.80 -19.10 5.50
N SER C 372 46.98 -18.83 6.03
CA SER C 372 47.64 -19.85 6.86
C SER C 372 47.35 -19.66 8.33
N GLY C 373 46.67 -18.57 8.69
CA GLY C 373 46.54 -18.21 10.14
C GLY C 373 45.19 -18.04 10.77
N ILE C 374 45.21 -17.97 12.09
CA ILE C 374 44.16 -17.37 12.87
C ILE C 374 44.66 -16.20 13.75
N ARG C 375 43.74 -15.27 14.00
CA ARG C 375 43.99 -14.14 14.91
C ARG C 375 43.18 -14.33 16.14
N VAL C 376 43.82 -14.25 17.29
CA VAL C 376 43.24 -14.49 18.57
C VAL C 376 43.47 -13.26 19.43
N GLY C 377 42.39 -12.86 20.11
CA GLY C 377 42.39 -11.70 20.95
C GLY C 377 41.86 -11.90 22.33
N SER C 378 42.37 -11.14 23.29
CA SER C 378 41.85 -11.23 24.66
C SER C 378 40.82 -10.25 25.25
N PRO C 379 40.55 -9.12 24.60
CA PRO C 379 39.73 -8.13 25.33
C PRO C 379 38.37 -8.59 25.75
N ALA C 380 37.67 -9.32 24.91
CA ALA C 380 36.30 -9.67 25.30
C ALA C 380 36.27 -10.66 26.45
N ILE C 381 37.14 -11.66 26.44
CA ILE C 381 37.08 -12.59 27.58
C ILE C 381 37.57 -11.96 28.83
N THR C 382 38.46 -10.97 28.67
CA THR C 382 38.95 -10.27 29.86
C THR C 382 37.81 -9.47 30.41
N SER C 383 37.02 -8.81 29.54
CA SER C 383 35.94 -7.98 30.04
C SER C 383 34.85 -8.85 30.70
N ARG C 384 34.72 -10.11 30.35
CA ARG C 384 33.82 -10.97 31.20
C ARG C 384 34.48 -11.60 32.40
N GLY C 385 35.68 -11.16 32.76
CA GLY C 385 36.26 -11.56 34.05
C GLY C 385 37.23 -12.72 34.02
N MET C 386 37.45 -13.36 32.90
CA MET C 386 38.40 -14.45 32.83
C MET C 386 39.86 -13.98 33.08
N GLY C 387 40.68 -14.85 33.66
CA GLY C 387 42.07 -14.59 34.00
C GLY C 387 42.91 -15.56 33.23
N GLU C 388 44.18 -15.64 33.65
CA GLU C 388 45.19 -16.41 32.89
C GLU C 388 44.88 -17.89 32.88
N ALA C 389 44.33 -18.39 33.96
CA ALA C 389 43.97 -19.83 34.02
C ALA C 389 42.97 -20.16 32.90
N GLU C 390 41.96 -19.31 32.81
CA GLU C 390 40.90 -19.51 31.82
C GLU C 390 41.42 -19.36 30.41
N SER C 391 42.27 -18.35 30.22
CA SER C 391 42.81 -18.08 28.92
C SER C 391 43.62 -19.27 28.44
N ARG C 392 44.38 -19.84 29.37
CA ARG C 392 45.24 -20.98 29.03
C ARG C 392 44.31 -22.16 28.69
N GLN C 393 43.29 -22.37 29.46
CA GLN C 393 42.36 -23.45 29.11
C GLN C 393 41.78 -23.29 27.67
N ILE C 394 41.33 -22.07 27.39
CA ILE C 394 40.68 -21.84 26.12
C ILE C 394 41.62 -22.17 25.02
N ALA C 395 42.87 -21.80 25.17
CA ALA C 395 43.76 -22.14 24.10
C ALA C 395 44.07 -23.65 24.05
N GLU C 396 44.04 -24.33 25.19
CA GLU C 396 44.17 -25.84 25.16
C GLU C 396 43.07 -26.45 24.29
N TRP C 397 41.84 -25.97 24.51
CA TRP C 397 40.68 -26.42 23.74
C TRP C 397 40.90 -26.13 22.27
N MET C 398 41.49 -25.00 21.94
CA MET C 398 41.64 -24.68 20.56
C MET C 398 42.57 -25.69 19.92
N VAL C 399 43.66 -25.96 20.61
CA VAL C 399 44.66 -26.90 20.12
C VAL C 399 43.97 -28.26 19.93
N GLU C 400 43.30 -28.72 20.99
CA GLU C 400 42.66 -29.98 20.97
C GLU C 400 41.64 -30.00 19.83
N ALA C 401 40.74 -29.01 19.79
CA ALA C 401 39.72 -29.00 18.76
C ALA C 401 40.36 -29.04 17.43
N LEU C 402 41.44 -28.29 17.20
CA LEU C 402 42.01 -28.30 15.86
C LEU C 402 42.65 -29.65 15.49
N GLU C 403 43.27 -30.29 16.49
CA GLU C 403 43.98 -31.58 16.33
C GLU C 403 42.97 -32.68 16.00
N ASN C 404 41.74 -32.52 16.43
CA ASN C 404 40.70 -33.46 16.20
C ASN C 404 39.55 -32.90 15.36
N HIS C 405 39.90 -32.16 14.31
CA HIS C 405 38.91 -31.44 13.53
C HIS C 405 37.93 -32.38 12.88
N ASP C 406 38.45 -33.53 12.44
CA ASP C 406 37.63 -34.59 11.86
C ASP C 406 36.96 -35.56 12.87
N LYS C 407 36.92 -35.25 14.17
CA LYS C 407 36.32 -36.17 15.12
C LYS C 407 35.17 -35.60 15.90
N PRO C 408 33.99 -35.55 15.29
CA PRO C 408 32.86 -34.79 15.88
C PRO C 408 32.54 -35.11 17.36
N GLU C 409 32.91 -36.28 17.81
CA GLU C 409 32.56 -36.68 19.17
C GLU C 409 33.48 -35.99 20.20
N VAL C 410 34.68 -35.66 19.73
CA VAL C 410 35.65 -34.85 20.51
C VAL C 410 35.19 -33.37 20.64
N LEU C 411 34.92 -32.76 19.47
CA LEU C 411 34.32 -31.41 19.35
C LEU C 411 33.15 -31.26 20.28
N GLU C 412 32.27 -32.26 20.31
CA GLU C 412 31.16 -32.21 21.22
C GLU C 412 31.62 -32.24 22.67
N ARG C 413 32.68 -32.97 22.97
CA ARG C 413 33.11 -32.95 24.37
C ARG C 413 33.73 -31.58 24.77
N ILE C 414 34.54 -31.00 23.89
CA ILE C 414 35.10 -29.66 24.18
C ILE C 414 33.96 -28.65 24.39
N ARG C 415 32.94 -28.78 23.53
CA ARG C 415 31.75 -27.94 23.59
C ARG C 415 31.12 -28.02 24.93
N GLY C 416 31.06 -29.24 25.48
CA GLY C 416 30.49 -29.38 26.83
C GLY C 416 31.35 -28.66 27.85
N ASP C 417 32.66 -28.76 27.65
CA ASP C 417 33.61 -28.14 28.63
C ASP C 417 33.52 -26.63 28.56
N VAL C 418 33.47 -26.14 27.32
CA VAL C 418 33.27 -24.69 27.08
C VAL C 418 32.05 -24.17 27.80
N LYS C 419 30.99 -24.96 27.77
CA LYS C 419 29.77 -24.55 28.47
C LYS C 419 29.93 -24.40 29.99
N VAL C 420 30.75 -25.26 30.58
CA VAL C 420 31.03 -25.13 32.02
C VAL C 420 31.71 -23.79 32.29
N LEU C 421 32.68 -23.50 31.44
CA LEU C 421 33.41 -22.21 31.62
C LEU C 421 32.49 -21.00 31.39
N THR C 422 31.73 -21.00 30.28
CA THR C 422 30.87 -19.84 30.05
C THR C 422 29.86 -19.71 31.13
N ASP C 423 29.28 -20.83 31.57
CA ASP C 423 28.37 -20.80 32.74
C ASP C 423 28.99 -20.14 33.98
N ALA C 424 30.27 -20.42 34.25
CA ALA C 424 30.98 -19.84 35.41
C ALA C 424 31.33 -18.37 35.25
N PHE C 425 31.42 -17.89 34.00
CA PHE C 425 31.68 -16.46 33.82
C PHE C 425 30.54 -15.67 33.15
N PRO C 426 29.51 -15.30 33.93
CA PRO C 426 28.35 -14.67 33.34
C PRO C 426 28.74 -13.46 32.58
N LEU C 427 28.05 -13.19 31.48
CA LEU C 427 28.45 -12.15 30.56
C LEU C 427 27.98 -10.84 31.09
N TYR C 428 26.76 -10.76 31.64
CA TYR C 428 26.27 -9.50 32.27
C TYR C 428 25.63 -9.78 33.64
N ASP D 19 -5.83 -25.60 -12.70
CA ASP D 19 -6.61 -25.74 -11.43
C ASP D 19 -6.59 -24.47 -10.57
N TYR D 20 -7.58 -23.64 -10.83
CA TYR D 20 -7.68 -22.34 -10.17
C TYR D 20 -8.03 -22.40 -8.66
N LYS D 21 -8.63 -23.48 -8.19
CA LYS D 21 -9.21 -23.51 -6.84
C LYS D 21 -8.16 -23.66 -5.75
N ALA D 22 -6.99 -24.14 -6.14
CA ALA D 22 -5.86 -24.27 -5.23
C ALA D 22 -5.33 -22.89 -4.76
N PHE D 23 -5.35 -21.90 -5.66
CA PHE D 23 -5.06 -20.50 -5.32
C PHE D 23 -5.96 -19.97 -4.22
N ASP D 24 -7.24 -20.32 -4.21
CA ASP D 24 -8.10 -19.71 -3.24
C ASP D 24 -8.99 -20.69 -2.44
N PRO D 25 -8.35 -21.45 -1.57
CA PRO D 25 -9.15 -22.51 -0.97
C PRO D 25 -10.26 -21.94 -0.07
N GLU D 26 -9.99 -20.79 0.49
CA GLU D 26 -10.91 -20.22 1.43
C GLU D 26 -12.23 -19.86 0.69
N LEU D 27 -12.13 -19.43 -0.56
CA LEU D 27 -13.37 -19.09 -1.29
C LEU D 27 -14.09 -20.39 -1.77
N TRP D 28 -13.36 -21.24 -2.45
CA TRP D 28 -13.92 -22.45 -3.03
C TRP D 28 -14.43 -23.48 -1.98
N ASN D 29 -13.84 -23.46 -0.78
CA ASN D 29 -14.40 -24.25 0.32
C ASN D 29 -15.77 -23.76 0.74
N ALA D 30 -15.92 -22.44 0.84
CA ALA D 30 -17.21 -21.85 1.10
C ALA D 30 -18.22 -22.09 -0.03
N ILE D 31 -17.80 -22.10 -1.29
CA ILE D 31 -18.73 -22.46 -2.36
C ILE D 31 -19.19 -23.88 -2.08
N ASP D 32 -18.28 -24.83 -1.94
CA ASP D 32 -18.68 -26.21 -1.58
C ASP D 32 -19.59 -26.24 -0.36
N ALA D 33 -19.32 -25.46 0.68
CA ALA D 33 -20.23 -25.54 1.85
C ALA D 33 -21.62 -25.08 1.53
N GLU D 34 -21.75 -24.13 0.61
CA GLU D 34 -23.06 -23.58 0.29
C GLU D 34 -23.78 -24.55 -0.61
N ALA D 35 -23.08 -25.28 -1.47
CA ALA D 35 -23.78 -26.34 -2.22
C ALA D 35 -24.37 -27.37 -1.24
N GLU D 36 -23.53 -27.81 -0.31
CA GLU D 36 -23.98 -28.69 0.74
C GLU D 36 -25.11 -28.14 1.58
N ARG D 37 -25.04 -26.88 1.97
CA ARG D 37 -26.14 -26.32 2.75
C ARG D 37 -27.42 -26.24 1.93
N GLN D 38 -27.32 -25.99 0.64
CA GLN D 38 -28.56 -25.87 -0.16
C GLN D 38 -29.17 -27.27 -0.23
N GLN D 39 -28.31 -28.25 -0.44
CA GLN D 39 -28.70 -29.64 -0.52
C GLN D 39 -29.47 -30.13 0.72
N ASN D 40 -29.01 -29.80 1.93
CA ASN D 40 -29.67 -30.24 3.15
C ASN D 40 -30.76 -29.32 3.63
N ASN D 41 -31.03 -28.24 2.91
CA ASN D 41 -32.11 -27.33 3.32
C ASN D 41 -33.42 -27.59 2.49
N ILE D 42 -34.56 -27.32 3.10
CA ILE D 42 -35.82 -27.41 2.40
C ILE D 42 -36.18 -25.98 2.23
N GLU D 43 -36.08 -25.53 0.99
CA GLU D 43 -36.28 -24.11 0.72
C GLU D 43 -37.73 -23.83 0.36
N LEU D 44 -38.44 -23.16 1.27
CA LEU D 44 -39.81 -22.72 1.06
C LEU D 44 -40.03 -21.24 0.87
N ILE D 45 -38.96 -20.46 0.72
CA ILE D 45 -39.10 -19.04 0.39
C ILE D 45 -39.62 -18.95 -1.06
N ALA D 46 -40.76 -18.31 -1.19
CA ALA D 46 -41.60 -18.35 -2.38
C ALA D 46 -40.95 -17.69 -3.59
N SER D 47 -40.08 -16.70 -3.36
CA SER D 47 -39.30 -16.11 -4.41
C SER D 47 -38.07 -16.87 -4.84
N GLU D 48 -37.72 -17.98 -4.19
CA GLU D 48 -36.50 -18.70 -4.56
C GLU D 48 -36.78 -19.83 -5.51
N ASN D 49 -35.72 -20.27 -6.15
CA ASN D 49 -35.81 -21.40 -7.00
C ASN D 49 -34.48 -22.06 -7.20
N VAL D 50 -34.41 -23.04 -8.08
CA VAL D 50 -33.19 -23.75 -8.29
C VAL D 50 -32.89 -23.72 -9.77
N VAL D 51 -31.88 -22.98 -10.17
CA VAL D 51 -31.62 -22.83 -11.61
C VAL D 51 -30.86 -23.99 -12.15
N SER D 52 -30.90 -24.14 -13.47
CA SER D 52 -30.27 -25.27 -14.12
C SER D 52 -28.78 -25.07 -14.25
N LYS D 53 -28.07 -26.16 -14.48
CA LYS D 53 -26.68 -26.06 -14.76
C LYS D 53 -26.42 -25.19 -15.96
N ALA D 54 -27.32 -25.20 -16.92
CA ALA D 54 -27.05 -24.50 -18.14
C ALA D 54 -27.13 -22.98 -17.93
N VAL D 55 -28.04 -22.55 -17.09
CA VAL D 55 -28.19 -21.14 -16.80
C VAL D 55 -26.91 -20.63 -16.08
N MET D 56 -26.50 -21.32 -15.04
CA MET D 56 -25.25 -21.03 -14.29
C MET D 56 -24.06 -20.99 -15.22
N ALA D 57 -24.01 -21.90 -16.16
CA ALA D 57 -22.89 -21.97 -17.06
C ALA D 57 -22.89 -20.81 -18.01
N ALA D 58 -24.07 -20.38 -18.43
CA ALA D 58 -24.13 -19.24 -19.33
C ALA D 58 -23.61 -17.91 -18.69
N GLN D 59 -24.03 -17.68 -17.46
CA GLN D 59 -23.60 -16.58 -16.59
C GLN D 59 -22.06 -16.58 -16.48
N GLY D 60 -21.50 -17.78 -16.31
CA GLY D 60 -20.08 -17.98 -16.20
C GLY D 60 -19.34 -18.04 -17.50
N THR D 61 -19.79 -17.34 -18.54
CA THR D 61 -19.07 -17.30 -19.81
C THR D 61 -18.21 -16.02 -20.00
N LEU D 62 -17.32 -16.11 -20.99
CA LEU D 62 -16.46 -15.01 -21.32
C LEU D 62 -17.20 -13.83 -21.92
N LEU D 63 -18.52 -13.95 -22.12
CA LEU D 63 -19.29 -12.77 -22.49
C LEU D 63 -19.19 -11.66 -21.49
N THR D 64 -18.84 -11.95 -20.23
CA THR D 64 -18.58 -10.86 -19.23
C THR D 64 -17.48 -9.89 -19.72
N ASN D 65 -16.57 -10.31 -20.60
CA ASN D 65 -15.51 -9.45 -21.11
C ASN D 65 -16.02 -8.39 -22.08
N LYS D 66 -17.24 -8.47 -22.58
CA LYS D 66 -17.59 -7.56 -23.66
C LYS D 66 -18.67 -6.56 -23.24
N TYR D 67 -18.38 -5.28 -23.34
CA TYR D 67 -19.25 -4.21 -22.87
C TYR D 67 -19.74 -3.54 -24.13
N ALA D 68 -21.06 -3.55 -24.29
CA ALA D 68 -21.67 -3.20 -25.56
C ALA D 68 -22.87 -2.31 -25.31
N GLU D 69 -22.64 -1.00 -25.21
CA GLU D 69 -23.74 -0.09 -25.04
C GLU D 69 -24.60 -0.02 -26.30
N GLY D 70 -25.89 0.18 -26.04
CA GLY D 70 -26.92 0.32 -27.07
C GLY D 70 -27.64 -0.99 -27.24
N TYR D 71 -28.42 -1.09 -28.32
CA TYR D 71 -29.31 -2.23 -28.54
C TYR D 71 -28.84 -2.89 -29.82
N PRO D 72 -29.31 -4.10 -30.12
CA PRO D 72 -28.75 -4.82 -31.32
C PRO D 72 -28.89 -4.03 -32.62
N GLY D 73 -27.83 -4.05 -33.44
CA GLY D 73 -27.78 -3.22 -34.66
C GLY D 73 -27.67 -1.72 -34.46
N LYS D 74 -27.50 -1.27 -33.24
CA LYS D 74 -27.42 0.16 -32.92
C LYS D 74 -26.49 0.32 -31.71
N ARG D 75 -25.35 -0.36 -31.79
CA ARG D 75 -24.33 -0.36 -30.73
C ARG D 75 -23.33 0.78 -30.93
N TYR D 76 -22.81 1.35 -29.86
CA TYR D 76 -21.83 2.44 -30.02
C TYR D 76 -20.50 1.88 -30.54
N TYR D 77 -20.03 0.81 -29.94
CA TYR D 77 -18.72 0.32 -30.21
C TYR D 77 -18.88 -0.84 -31.20
N GLY D 78 -17.77 -1.34 -31.75
CA GLY D 78 -17.79 -2.48 -32.69
C GLY D 78 -17.53 -3.75 -31.91
N GLY D 79 -17.36 -4.87 -32.60
CA GLY D 79 -17.09 -6.14 -31.97
C GLY D 79 -18.37 -6.79 -31.49
N THR D 80 -19.52 -6.25 -31.89
CA THR D 80 -20.80 -6.63 -31.29
C THR D 80 -21.73 -7.58 -32.13
N ALA D 81 -21.23 -8.23 -33.19
CA ALA D 81 -22.10 -8.96 -34.10
C ALA D 81 -22.65 -10.19 -33.44
N VAL D 82 -21.80 -10.93 -32.74
CA VAL D 82 -22.25 -12.08 -31.97
C VAL D 82 -23.11 -11.80 -30.73
N ILE D 83 -22.71 -10.80 -29.93
CA ILE D 83 -23.54 -10.29 -28.87
C ILE D 83 -24.94 -9.91 -29.38
N ASP D 84 -25.04 -9.32 -30.56
CA ASP D 84 -26.37 -9.04 -31.16
C ASP D 84 -27.21 -10.34 -31.37
N VAL D 85 -26.56 -11.39 -31.82
CA VAL D 85 -27.21 -12.68 -31.96
C VAL D 85 -27.74 -13.14 -30.62
N VAL D 86 -26.87 -13.14 -29.62
CA VAL D 86 -27.26 -13.58 -28.29
C VAL D 86 -28.44 -12.79 -27.74
N GLU D 87 -28.33 -11.48 -27.77
CA GLU D 87 -29.36 -10.66 -27.20
C GLU D 87 -30.68 -10.82 -27.98
N THR D 88 -30.57 -10.98 -29.29
CA THR D 88 -31.78 -11.15 -30.14
C THR D 88 -32.47 -12.48 -29.82
N LEU D 89 -31.73 -13.57 -29.66
CA LEU D 89 -32.33 -14.79 -29.14
C LEU D 89 -33.15 -14.53 -27.91
N ALA D 90 -32.59 -13.81 -26.94
CA ALA D 90 -33.30 -13.60 -25.71
C ALA D 90 -34.55 -12.80 -26.00
N ILE D 91 -34.48 -11.78 -26.85
CA ILE D 91 -35.64 -10.91 -27.03
C ILE D 91 -36.71 -11.70 -27.74
N GLU D 92 -36.30 -12.49 -28.72
CA GLU D 92 -37.24 -13.22 -29.51
C GLU D 92 -37.95 -14.24 -28.65
N ARG D 93 -37.20 -14.92 -27.81
CA ARG D 93 -37.77 -15.92 -26.96
C ARG D 93 -38.69 -15.33 -25.88
N ALA D 94 -38.37 -14.17 -25.36
CA ALA D 94 -39.28 -13.48 -24.43
C ALA D 94 -40.59 -13.15 -25.15
N LYS D 95 -40.51 -12.68 -26.39
CA LYS D 95 -41.68 -12.37 -27.19
C LYS D 95 -42.54 -13.59 -27.49
N LYS D 96 -41.90 -14.64 -27.93
CA LYS D 96 -42.61 -15.85 -28.18
C LYS D 96 -43.18 -16.48 -26.92
N LEU D 97 -42.42 -16.57 -25.86
CA LEU D 97 -42.91 -17.11 -24.63
C LEU D 97 -44.08 -16.33 -24.11
N PHE D 98 -44.01 -15.03 -24.08
CA PHE D 98 -45.07 -14.32 -23.40
C PHE D 98 -46.08 -13.65 -24.34
N GLY D 99 -45.84 -13.78 -25.64
CA GLY D 99 -46.75 -13.29 -26.68
C GLY D 99 -46.73 -11.79 -26.73
N ALA D 100 -45.59 -11.15 -26.60
CA ALA D 100 -45.59 -9.69 -26.57
C ALA D 100 -44.95 -9.24 -27.85
N LYS D 101 -45.39 -8.10 -28.38
CA LYS D 101 -44.73 -7.54 -29.57
C LYS D 101 -43.36 -6.93 -29.28
N PHE D 102 -43.15 -6.41 -28.07
CA PHE D 102 -41.85 -5.80 -27.74
C PHE D 102 -41.34 -6.32 -26.40
N ALA D 103 -40.08 -6.74 -26.42
CA ALA D 103 -39.38 -7.13 -25.23
C ALA D 103 -38.06 -6.37 -25.15
N ASN D 104 -37.73 -5.98 -23.93
CA ASN D 104 -36.42 -5.49 -23.56
C ASN D 104 -35.79 -6.38 -22.49
N VAL D 105 -34.68 -7.01 -22.83
CA VAL D 105 -34.04 -7.86 -21.90
C VAL D 105 -32.79 -7.26 -21.19
N GLN D 106 -32.64 -5.94 -21.25
CA GLN D 106 -31.41 -5.32 -20.67
C GLN D 106 -31.47 -5.03 -19.18
N PRO D 107 -32.68 -4.79 -18.65
CA PRO D 107 -32.71 -4.43 -17.22
C PRO D 107 -31.91 -5.40 -16.33
N HIS D 108 -31.05 -4.85 -15.49
CA HIS D 108 -30.15 -5.59 -14.62
C HIS D 108 -30.91 -6.25 -13.50
N SER D 109 -32.08 -5.73 -13.19
CA SER D 109 -32.91 -6.27 -12.15
C SER D 109 -34.39 -5.95 -12.37
N GLY D 110 -35.21 -6.52 -11.50
CA GLY D 110 -36.63 -6.21 -11.54
C GLY D 110 -36.89 -4.78 -11.14
N SER D 111 -36.17 -4.32 -10.10
CA SER D 111 -36.27 -2.89 -9.70
C SER D 111 -35.97 -1.95 -10.85
N GLN D 112 -34.98 -2.28 -11.67
CA GLN D 112 -34.63 -1.45 -12.84
C GLN D 112 -35.71 -1.42 -13.90
N ALA D 113 -36.28 -2.61 -14.16
CA ALA D 113 -37.34 -2.74 -15.11
C ALA D 113 -38.50 -1.85 -14.70
N ASN D 114 -38.84 -1.89 -13.44
CA ASN D 114 -39.94 -1.09 -12.98
C ASN D 114 -39.66 0.40 -13.04
N ALA D 115 -38.47 0.79 -12.60
CA ALA D 115 -38.04 2.20 -12.68
C ALA D 115 -38.19 2.74 -14.09
N ALA D 116 -37.80 1.97 -15.08
CA ALA D 116 -37.88 2.43 -16.46
C ALA D 116 -39.32 2.72 -16.86
N VAL D 117 -40.22 1.87 -16.39
CA VAL D 117 -41.61 2.09 -16.63
C VAL D 117 -42.11 3.38 -15.99
N TYR D 118 -41.78 3.65 -14.75
CA TYR D 118 -42.20 4.89 -14.14
C TYR D 118 -41.66 6.06 -14.93
N MET D 119 -40.37 6.06 -15.20
CA MET D 119 -39.79 7.13 -16.02
C MET D 119 -40.52 7.27 -17.34
N SER D 120 -40.99 6.17 -17.93
CA SER D 120 -41.54 6.28 -19.24
C SER D 120 -42.99 6.74 -19.27
N LEU D 121 -43.72 6.64 -18.17
CA LEU D 121 -45.16 6.77 -18.28
C LEU D 121 -45.75 7.87 -17.45
N ILE D 122 -45.03 8.28 -16.44
CA ILE D 122 -45.51 9.33 -15.57
C ILE D 122 -44.43 10.36 -15.18
N GLN D 123 -44.79 11.25 -14.25
CA GLN D 123 -43.91 12.35 -13.83
C GLN D 123 -43.70 12.27 -12.35
N PRO D 124 -42.50 12.64 -11.91
CA PRO D 124 -42.23 12.79 -10.49
C PRO D 124 -43.39 13.44 -9.75
N GLY D 125 -43.78 12.84 -8.65
CA GLY D 125 -44.88 13.32 -7.88
C GLY D 125 -46.22 12.88 -8.36
N ASP D 126 -46.36 12.28 -9.57
CA ASP D 126 -47.67 11.64 -9.89
C ASP D 126 -48.11 10.59 -8.83
N THR D 127 -49.43 10.46 -8.68
CA THR D 127 -50.03 9.40 -7.90
C THR D 127 -50.01 8.07 -8.65
N VAL D 128 -49.52 7.08 -7.92
CA VAL D 128 -49.46 5.69 -8.36
C VAL D 128 -50.22 4.89 -7.34
N MET D 129 -51.08 4.00 -7.84
CA MET D 129 -51.76 3.01 -6.99
C MET D 129 -51.12 1.63 -7.22
N GLY D 130 -50.80 0.97 -6.12
CA GLY D 130 -50.30 -0.40 -6.13
C GLY D 130 -50.70 -1.12 -4.86
N MET D 131 -50.38 -2.41 -4.80
CA MET D 131 -50.89 -3.26 -3.75
C MET D 131 -50.11 -3.11 -2.45
N ASP D 132 -50.83 -2.84 -1.37
CA ASP D 132 -50.28 -2.60 -0.02
C ASP D 132 -49.31 -3.68 0.45
N LEU D 133 -48.27 -3.28 1.20
CA LEU D 133 -47.21 -4.18 1.78
C LEU D 133 -47.60 -5.33 2.75
N SER D 134 -48.88 -5.46 3.14
CA SER D 134 -49.36 -6.60 3.96
C SER D 134 -50.42 -7.51 3.27
N ALA D 135 -51.15 -6.94 2.29
CA ALA D 135 -51.96 -7.75 1.37
C ALA D 135 -51.03 -8.60 0.48
N GLY D 136 -49.83 -8.07 0.16
CA GLY D 136 -48.78 -8.81 -0.56
C GLY D 136 -48.01 -7.99 -1.57
N GLY D 137 -47.37 -6.89 -1.14
CA GLY D 137 -46.73 -5.92 -2.04
C GLY D 137 -45.21 -5.75 -1.97
N HIS D 138 -44.57 -5.81 -3.13
CA HIS D 138 -43.10 -5.72 -3.28
C HIS D 138 -42.52 -4.30 -2.98
N LEU D 139 -42.04 -4.07 -1.74
CA LEU D 139 -41.53 -2.73 -1.31
C LEU D 139 -40.44 -2.18 -2.25
N THR D 140 -40.76 -1.05 -2.90
CA THR D 140 -39.91 -0.39 -3.92
C THR D 140 -38.47 -0.05 -3.43
N HIS D 141 -37.51 -0.59 -4.14
CA HIS D 141 -36.12 -0.17 -4.05
C HIS D 141 -35.85 0.69 -5.28
N GLY D 142 -35.20 1.83 -5.04
CA GLY D 142 -34.83 2.74 -6.10
C GLY D 142 -35.93 3.19 -7.05
N ALA D 143 -37.04 3.72 -6.50
CA ALA D 143 -37.92 4.57 -7.30
C ALA D 143 -37.05 5.78 -7.78
N PRO D 144 -37.13 6.16 -9.09
CA PRO D 144 -36.44 7.42 -9.53
C PRO D 144 -36.85 8.72 -8.74
N VAL D 145 -35.86 9.59 -8.51
CA VAL D 145 -35.99 10.75 -7.61
C VAL D 145 -35.76 11.99 -8.47
N SER D 146 -36.63 13.00 -8.34
CA SER D 146 -36.52 14.24 -9.14
C SER D 146 -35.52 15.18 -8.49
N PHE D 147 -35.15 16.23 -9.21
CA PHE D 147 -34.32 17.31 -8.72
C PHE D 147 -34.91 17.94 -7.43
N SER D 148 -36.24 17.97 -7.29
CA SER D 148 -36.89 18.43 -6.01
C SER D 148 -37.00 17.37 -4.89
N GLY D 149 -36.66 16.12 -5.13
CA GLY D 149 -36.79 15.10 -4.07
C GLY D 149 -38.03 14.18 -4.14
N LYS D 150 -38.92 14.38 -5.11
CA LYS D 150 -40.12 13.55 -5.21
C LYS D 150 -39.86 12.27 -5.99
N THR D 151 -40.38 11.16 -5.51
CA THR D 151 -40.47 10.01 -6.40
C THR D 151 -41.88 10.17 -6.86
N TYR D 152 -42.80 9.49 -6.20
CA TYR D 152 -44.15 9.39 -6.65
C TYR D 152 -45.01 9.41 -5.43
N ASN D 153 -46.24 9.79 -5.58
CA ASN D 153 -47.14 9.68 -4.44
C ASN D 153 -47.84 8.32 -4.45
N PHE D 154 -47.26 7.35 -3.72
CA PHE D 154 -47.73 5.96 -3.77
C PHE D 154 -48.96 5.83 -2.87
N VAL D 155 -50.10 5.43 -3.45
CA VAL D 155 -51.34 5.15 -2.70
C VAL D 155 -51.74 3.67 -2.91
N SER D 156 -51.85 2.94 -1.82
CA SER D 156 -51.96 1.51 -1.90
C SER D 156 -53.37 1.07 -1.78
N TYR D 157 -53.70 0.01 -2.47
CA TYR D 157 -54.97 -0.61 -2.30
C TYR D 157 -54.74 -1.89 -1.59
N ASN D 158 -55.77 -2.32 -0.88
CA ASN D 158 -55.70 -3.51 -0.07
C ASN D 158 -56.59 -4.66 -0.62
N VAL D 159 -56.79 -5.67 0.20
CA VAL D 159 -57.77 -6.71 -0.08
C VAL D 159 -58.92 -6.52 0.88
N ASP D 160 -60.07 -7.04 0.51
CA ASP D 160 -61.22 -7.00 1.41
C ASP D 160 -60.89 -7.62 2.74
N LYS D 161 -61.30 -6.95 3.81
CA LYS D 161 -61.05 -7.40 5.15
C LYS D 161 -61.62 -8.80 5.51
N GLU D 162 -62.86 -9.11 5.09
CA GLU D 162 -63.53 -10.40 5.38
C GLU D 162 -62.96 -11.51 4.51
N SER D 163 -63.05 -11.37 3.19
CA SER D 163 -62.64 -12.41 2.24
C SER D 163 -61.15 -12.48 2.04
N GLU D 164 -60.45 -11.36 2.28
CA GLU D 164 -59.04 -11.24 1.91
C GLU D 164 -58.78 -11.42 0.42
N LEU D 165 -59.72 -11.02 -0.41
CA LEU D 165 -59.53 -11.05 -1.87
C LEU D 165 -59.60 -9.64 -2.43
N LEU D 166 -58.99 -9.46 -3.60
CA LEU D 166 -59.08 -8.21 -4.30
C LEU D 166 -60.53 -7.94 -4.53
N ASP D 167 -60.99 -6.73 -4.23
CA ASP D 167 -62.32 -6.26 -4.51
C ASP D 167 -62.27 -5.21 -5.60
N TYR D 168 -62.55 -5.62 -6.82
CA TYR D 168 -62.39 -4.72 -7.91
C TYR D 168 -63.33 -3.49 -7.84
N ASP D 169 -64.46 -3.60 -7.17
CA ASP D 169 -65.36 -2.44 -7.00
C ASP D 169 -64.75 -1.39 -6.09
N ALA D 170 -64.21 -1.83 -4.95
CA ALA D 170 -63.62 -0.89 -3.98
C ALA D 170 -62.43 -0.22 -4.62
N ILE D 171 -61.63 -0.98 -5.36
CA ILE D 171 -60.44 -0.41 -5.98
C ILE D 171 -60.86 0.63 -6.98
N LEU D 172 -61.89 0.33 -7.76
CA LEU D 172 -62.44 1.35 -8.67
C LEU D 172 -62.85 2.63 -7.96
N ALA D 173 -63.63 2.52 -6.91
CA ALA D 173 -64.11 3.72 -6.19
C ALA D 173 -62.92 4.46 -5.62
N GLN D 174 -61.91 3.70 -5.20
CA GLN D 174 -60.69 4.30 -4.70
C GLN D 174 -59.95 5.03 -5.81
N ALA D 175 -59.88 4.44 -6.98
CA ALA D 175 -59.21 5.10 -8.08
C ALA D 175 -59.93 6.41 -8.49
N LYS D 176 -61.24 6.41 -8.45
CA LYS D 176 -61.98 7.61 -8.81
C LYS D 176 -61.72 8.72 -7.84
N GLU D 177 -61.68 8.42 -6.57
CA GLU D 177 -61.37 9.38 -5.54
C GLU D 177 -59.90 9.88 -5.70
N VAL D 178 -58.97 8.94 -5.83
CA VAL D 178 -57.52 9.26 -5.87
C VAL D 178 -56.98 9.76 -7.23
N ARG D 179 -57.59 9.35 -8.32
CA ARG D 179 -57.13 9.68 -9.67
C ARG D 179 -55.66 9.42 -9.90
N PRO D 180 -55.21 8.15 -9.84
CA PRO D 180 -53.81 7.88 -10.06
C PRO D 180 -53.49 7.98 -11.52
N LYS D 181 -52.23 8.27 -11.84
CA LYS D 181 -51.79 8.33 -13.23
C LYS D 181 -51.11 7.03 -13.63
N LEU D 182 -51.15 6.04 -12.74
CA LEU D 182 -50.53 4.74 -13.00
C LEU D 182 -50.92 3.71 -11.95
N ILE D 183 -51.57 2.63 -12.40
CA ILE D 183 -51.99 1.54 -11.52
C ILE D 183 -51.07 0.36 -11.74
N VAL D 184 -50.54 -0.16 -10.63
CA VAL D 184 -49.67 -1.32 -10.68
C VAL D 184 -50.35 -2.50 -10.02
N ALA D 185 -50.48 -3.58 -10.78
CA ALA D 185 -51.01 -4.81 -10.19
C ALA D 185 -49.89 -5.81 -10.15
N GLY D 186 -49.96 -6.71 -9.19
CA GLY D 186 -48.94 -7.73 -9.00
C GLY D 186 -48.56 -7.78 -7.53
N ALA D 187 -48.10 -8.93 -7.08
CA ALA D 187 -47.97 -9.10 -5.66
C ALA D 187 -46.95 -10.15 -5.33
N SER D 188 -46.38 -10.02 -4.15
CA SER D 188 -45.39 -10.96 -3.69
C SER D 188 -45.91 -11.92 -2.57
N ALA D 189 -47.13 -11.67 -2.11
CA ALA D 189 -47.72 -12.56 -1.14
C ALA D 189 -49.23 -12.74 -1.31
N TYR D 190 -49.78 -12.61 -2.51
CA TYR D 190 -51.19 -12.89 -2.75
C TYR D 190 -51.31 -14.22 -3.51
N SER D 191 -52.19 -15.08 -2.98
CA SER D 191 -52.28 -16.51 -3.35
C SER D 191 -53.33 -16.79 -4.43
N ARG D 192 -54.15 -15.80 -4.74
CA ARG D 192 -55.23 -15.95 -5.71
C ARG D 192 -54.94 -15.29 -7.04
N ILE D 193 -55.72 -15.69 -8.02
CA ILE D 193 -55.54 -15.25 -9.36
C ILE D 193 -55.91 -13.78 -9.46
N ILE D 194 -55.04 -12.98 -10.06
CA ILE D 194 -55.34 -11.59 -10.20
C ILE D 194 -55.98 -11.42 -11.56
N ASP D 195 -57.06 -10.66 -11.59
CA ASP D 195 -57.81 -10.44 -12.82
C ASP D 195 -57.31 -9.18 -13.54
N PHE D 196 -56.42 -9.40 -14.49
CA PHE D 196 -55.73 -8.29 -15.12
C PHE D 196 -56.70 -7.49 -16.03
N ALA D 197 -57.69 -8.20 -16.59
CA ALA D 197 -58.70 -7.56 -17.40
C ALA D 197 -59.46 -6.54 -16.58
N LYS D 198 -59.79 -6.91 -15.37
CA LYS D 198 -60.47 -6.00 -14.51
C LYS D 198 -59.59 -4.78 -14.10
N PHE D 199 -58.30 -4.99 -13.87
CA PHE D 199 -57.39 -3.89 -13.58
C PHE D 199 -57.33 -2.93 -14.74
N ARG D 200 -57.23 -3.48 -15.94
CA ARG D 200 -57.22 -2.65 -17.12
C ARG D 200 -58.50 -1.80 -17.24
N GLU D 201 -59.64 -2.40 -16.95
CA GLU D 201 -60.93 -1.72 -17.05
C GLU D 201 -60.97 -0.58 -16.03
N ILE D 202 -60.37 -0.79 -14.87
CA ILE D 202 -60.30 0.26 -13.83
C ILE D 202 -59.39 1.44 -14.28
N ALA D 203 -58.19 1.10 -14.74
CA ALA D 203 -57.27 2.07 -15.33
C ALA D 203 -57.96 2.90 -16.42
N ASP D 204 -58.50 2.23 -17.44
CA ASP D 204 -59.31 2.93 -18.43
C ASP D 204 -60.37 3.87 -17.87
N ALA D 205 -61.03 3.52 -16.78
CA ALA D 205 -62.12 4.37 -16.30
C ALA D 205 -61.61 5.67 -15.71
N VAL D 206 -60.38 5.69 -15.19
CA VAL D 206 -59.84 6.88 -14.58
C VAL D 206 -58.68 7.49 -15.41
N GLY D 207 -58.51 7.01 -16.63
CA GLY D 207 -57.38 7.36 -17.46
C GLY D 207 -55.99 7.12 -16.87
N ALA D 208 -55.81 6.05 -16.12
CA ALA D 208 -54.45 5.70 -15.67
C ALA D 208 -53.85 4.70 -16.63
N TYR D 209 -52.52 4.65 -16.69
CA TYR D 209 -51.86 3.47 -17.25
C TYR D 209 -51.96 2.31 -16.28
N LEU D 210 -51.98 1.11 -16.83
CA LEU D 210 -51.80 -0.12 -16.05
C LEU D 210 -50.45 -0.76 -16.32
N MET D 211 -49.70 -0.93 -15.27
CA MET D 211 -48.51 -1.75 -15.31
C MET D 211 -48.72 -3.04 -14.51
N VAL D 212 -48.23 -4.16 -15.02
CA VAL D 212 -48.19 -5.33 -14.18
C VAL D 212 -46.78 -5.82 -13.98
N ASP D 213 -46.42 -5.89 -12.71
CA ASP D 213 -45.23 -6.59 -12.28
C ASP D 213 -45.60 -8.04 -11.93
N MET D 214 -45.30 -8.97 -12.85
CA MET D 214 -45.62 -10.38 -12.70
C MET D 214 -44.45 -11.21 -12.19
N ALA D 215 -43.50 -10.56 -11.54
CA ALA D 215 -42.27 -11.26 -11.14
C ALA D 215 -42.50 -12.63 -10.45
N HIS D 216 -43.32 -12.60 -9.42
CA HIS D 216 -43.68 -13.82 -8.69
C HIS D 216 -44.39 -14.93 -9.50
N ILE D 217 -45.30 -14.55 -10.40
CA ILE D 217 -46.07 -15.56 -11.14
C ILE D 217 -45.62 -15.79 -12.56
N ALA D 218 -44.52 -15.17 -12.93
CA ALA D 218 -44.14 -15.15 -14.32
C ALA D 218 -43.93 -16.55 -14.84
N GLY D 219 -43.41 -17.46 -14.04
CA GLY D 219 -43.20 -18.83 -14.53
C GLY D 219 -44.55 -19.59 -14.69
N LEU D 220 -45.51 -19.26 -13.86
CA LEU D 220 -46.88 -19.72 -13.98
C LEU D 220 -47.55 -19.08 -15.19
N VAL D 221 -47.23 -17.82 -15.46
CA VAL D 221 -47.81 -17.20 -16.63
C VAL D 221 -47.29 -17.97 -17.81
N ALA D 222 -46.01 -18.23 -17.81
CA ALA D 222 -45.35 -18.89 -18.93
C ALA D 222 -45.78 -20.37 -19.09
N SER D 223 -46.03 -21.07 -17.98
CA SER D 223 -46.43 -22.48 -18.01
C SER D 223 -47.91 -22.70 -18.39
N GLY D 224 -48.72 -21.65 -18.36
CA GLY D 224 -50.14 -21.68 -18.70
C GLY D 224 -51.07 -21.82 -17.51
N HIS D 225 -50.54 -21.71 -16.30
CA HIS D 225 -51.37 -21.88 -15.09
C HIS D 225 -51.76 -20.62 -14.38
N HIS D 226 -51.46 -19.45 -14.96
CA HIS D 226 -52.03 -18.19 -14.50
C HIS D 226 -52.39 -17.45 -15.76
N PRO D 227 -53.59 -16.87 -15.84
CA PRO D 227 -53.81 -16.03 -17.05
C PRO D 227 -52.81 -14.85 -17.16
N SER D 228 -52.46 -14.54 -18.40
CA SER D 228 -51.42 -13.59 -18.71
C SER D 228 -51.81 -12.13 -18.52
N PRO D 229 -50.89 -11.33 -17.97
CA PRO D 229 -51.25 -9.92 -17.94
C PRO D 229 -50.91 -9.24 -19.28
N VAL D 230 -50.22 -9.92 -20.17
CA VAL D 230 -49.64 -9.22 -21.29
C VAL D 230 -50.71 -8.53 -22.14
N PRO D 231 -51.84 -9.20 -22.46
CA PRO D 231 -52.78 -8.54 -23.34
C PRO D 231 -53.48 -7.37 -22.74
N TYR D 232 -53.36 -7.16 -21.44
CA TYR D 232 -54.15 -6.12 -20.77
C TYR D 232 -53.37 -4.98 -20.18
N ALA D 233 -52.10 -5.22 -19.85
CA ALA D 233 -51.25 -4.24 -19.25
C ALA D 233 -50.66 -3.40 -20.38
N HIS D 234 -50.55 -2.10 -20.13
CA HIS D 234 -49.81 -1.26 -21.05
C HIS D 234 -48.35 -1.79 -21.01
N VAL D 235 -47.85 -2.05 -19.83
CA VAL D 235 -46.53 -2.63 -19.74
C VAL D 235 -46.51 -3.77 -18.74
N THR D 236 -45.78 -4.80 -19.10
CA THR D 236 -45.51 -5.84 -18.14
C THR D 236 -44.02 -5.98 -17.81
N THR D 237 -43.70 -5.94 -16.54
CA THR D 237 -42.36 -6.32 -16.09
C THR D 237 -42.31 -7.63 -15.30
N THR D 238 -41.13 -8.19 -15.27
CA THR D 238 -40.85 -9.32 -14.45
C THR D 238 -39.35 -9.38 -14.18
N THR D 239 -39.03 -10.08 -13.11
CA THR D 239 -37.70 -10.65 -12.92
C THR D 239 -37.62 -11.87 -13.78
N THR D 240 -36.41 -12.22 -14.19
CA THR D 240 -36.17 -13.48 -14.84
C THR D 240 -35.87 -14.62 -13.85
N HIS D 241 -35.66 -14.33 -12.57
CA HIS D 241 -35.49 -15.34 -11.52
C HIS D 241 -36.88 -15.48 -10.88
N LYS D 242 -36.99 -16.38 -9.92
CA LYS D 242 -38.22 -16.66 -9.18
C LYS D 242 -38.98 -17.80 -9.94
N THR D 243 -40.30 -17.73 -10.12
CA THR D 243 -40.98 -18.86 -10.82
C THR D 243 -40.46 -19.17 -12.20
N LEU D 244 -40.00 -18.14 -12.89
CA LEU D 244 -39.38 -18.31 -14.21
C LEU D 244 -38.07 -19.08 -14.23
N ARG D 245 -37.46 -19.20 -13.06
CA ARG D 245 -36.29 -20.03 -12.90
C ARG D 245 -35.06 -19.63 -13.76
N GLY D 246 -34.91 -18.33 -13.97
CA GLY D 246 -33.74 -17.86 -14.71
C GLY D 246 -32.73 -17.16 -13.80
N PRO D 247 -31.76 -16.46 -14.41
CA PRO D 247 -30.75 -15.63 -13.66
C PRO D 247 -31.38 -14.42 -13.05
N ARG D 248 -30.74 -13.85 -12.03
CA ARG D 248 -31.20 -12.59 -11.47
C ARG D 248 -31.17 -11.58 -12.59
N GLY D 249 -32.24 -10.86 -12.82
CA GLY D 249 -32.24 -9.87 -13.87
C GLY D 249 -33.68 -9.45 -14.10
N GLY D 250 -33.89 -8.48 -14.99
CA GLY D 250 -35.24 -7.96 -15.27
C GLY D 250 -35.60 -8.15 -16.71
N LEU D 251 -36.85 -7.80 -17.00
CA LEU D 251 -37.43 -7.98 -18.35
C LEU D 251 -38.63 -7.07 -18.50
N ILE D 252 -38.80 -6.46 -19.67
CA ILE D 252 -39.94 -5.56 -19.88
C ILE D 252 -40.64 -5.93 -21.16
N LEU D 253 -41.98 -5.90 -21.10
CA LEU D 253 -42.78 -6.32 -22.22
C LEU D 253 -43.83 -5.32 -22.51
N THR D 254 -44.08 -5.10 -23.81
CA THR D 254 -45.22 -4.26 -24.18
C THR D 254 -45.71 -4.60 -25.57
N ASP D 255 -46.95 -4.18 -25.83
CA ASP D 255 -47.50 -4.26 -27.22
C ASP D 255 -47.49 -2.90 -28.00
N ASP D 256 -47.25 -1.80 -27.30
CA ASP D 256 -47.37 -0.48 -27.86
C ASP D 256 -45.98 0.01 -28.26
N GLU D 257 -45.82 0.27 -29.54
CA GLU D 257 -44.52 0.65 -30.11
C GLU D 257 -44.00 1.99 -29.57
N ASP D 258 -44.89 2.94 -29.37
CA ASP D 258 -44.54 4.23 -28.82
C ASP D 258 -44.13 4.10 -27.38
N ILE D 259 -44.80 3.25 -26.62
CA ILE D 259 -44.38 2.98 -25.25
C ILE D 259 -43.04 2.28 -25.31
N ALA D 260 -42.89 1.33 -26.22
CA ALA D 260 -41.65 0.57 -26.28
C ALA D 260 -40.43 1.45 -26.41
N LYS D 261 -40.51 2.49 -27.28
CA LYS D 261 -39.29 3.28 -27.45
C LYS D 261 -39.04 4.24 -26.28
N LYS D 262 -40.07 4.74 -25.60
CA LYS D 262 -39.79 5.44 -24.35
C LYS D 262 -39.08 4.50 -23.40
N LEU D 263 -39.50 3.23 -23.34
CA LEU D 263 -38.93 2.26 -22.40
C LEU D 263 -37.52 1.94 -22.74
N ASN D 264 -37.24 1.64 -24.00
CA ASN D 264 -35.85 1.40 -24.39
C ASN D 264 -34.88 2.57 -24.07
N SER D 265 -35.34 3.82 -24.23
CA SER D 265 -34.51 5.01 -23.91
C SER D 265 -34.33 5.11 -22.45
N ALA D 266 -35.38 4.75 -21.73
CA ALA D 266 -35.37 4.88 -20.31
C ALA D 266 -34.41 3.89 -19.66
N VAL D 267 -34.38 2.67 -20.20
CA VAL D 267 -33.42 1.65 -19.75
C VAL D 267 -31.98 2.05 -20.09
N PHE D 268 -31.77 2.38 -21.37
CA PHE D 268 -30.52 2.92 -21.79
C PHE D 268 -30.69 4.12 -22.74
N PRO D 269 -29.97 5.25 -22.50
CA PRO D 269 -28.99 5.56 -21.44
C PRO D 269 -29.64 6.05 -20.17
N GLY D 270 -30.96 6.01 -20.09
CA GLY D 270 -31.62 6.54 -18.92
C GLY D 270 -31.19 6.04 -17.57
N LEU D 271 -31.08 4.74 -17.40
CA LEU D 271 -30.90 4.16 -16.04
C LEU D 271 -29.66 3.37 -15.97
N GLN D 272 -29.14 2.96 -17.09
CA GLN D 272 -28.06 1.99 -17.10
C GLN D 272 -27.12 2.34 -18.17
N GLY D 273 -25.94 1.78 -18.10
CA GLY D 273 -25.09 1.76 -19.24
C GLY D 273 -25.32 0.50 -20.05
N GLY D 274 -24.21 -0.15 -20.35
CA GLY D 274 -24.18 -1.33 -21.12
C GLY D 274 -24.75 -2.48 -20.33
N PRO D 275 -25.39 -3.43 -21.02
CA PRO D 275 -26.06 -4.54 -20.34
C PRO D 275 -25.07 -5.64 -19.91
N LEU D 276 -25.51 -6.60 -19.10
CA LEU D 276 -24.71 -7.77 -18.77
C LEU D 276 -25.01 -8.92 -19.76
N GLU D 277 -24.13 -9.10 -20.74
CA GLU D 277 -24.42 -9.92 -21.89
C GLU D 277 -24.30 -11.37 -21.51
N HIS D 278 -23.48 -11.66 -20.52
CA HIS D 278 -23.37 -13.03 -20.03
C HIS D 278 -24.63 -13.45 -19.25
N VAL D 279 -25.30 -12.50 -18.60
CA VAL D 279 -26.55 -12.76 -17.90
C VAL D 279 -27.68 -12.79 -18.93
N ILE D 280 -27.55 -11.98 -19.96
CA ILE D 280 -28.53 -12.04 -21.01
C ILE D 280 -28.48 -13.39 -21.72
N ALA D 281 -27.29 -13.98 -21.87
CA ALA D 281 -27.18 -15.33 -22.39
C ALA D 281 -27.97 -16.28 -21.51
N ALA D 282 -27.83 -16.10 -20.21
CA ALA D 282 -28.53 -16.95 -19.29
C ALA D 282 -30.02 -16.73 -19.31
N LYS D 283 -30.47 -15.54 -19.68
CA LYS D 283 -31.89 -15.32 -19.81
C LYS D 283 -32.40 -16.11 -21.01
N ALA D 284 -31.62 -16.13 -22.07
CA ALA D 284 -31.97 -16.87 -23.26
C ALA D 284 -32.03 -18.36 -22.96
N VAL D 285 -31.10 -18.84 -22.16
CA VAL D 285 -31.14 -20.19 -21.76
C VAL D 285 -32.45 -20.52 -21.03
N ALA D 286 -32.72 -19.75 -19.99
CA ALA D 286 -33.89 -19.96 -19.22
C ALA D 286 -35.20 -19.81 -20.03
N LEU D 287 -35.23 -18.92 -21.00
CA LEU D 287 -36.45 -18.63 -21.70
C LEU D 287 -36.74 -19.79 -22.65
N LYS D 288 -35.70 -20.46 -23.12
CA LYS D 288 -35.91 -21.64 -23.91
C LYS D 288 -36.37 -22.83 -23.08
N GLU D 289 -35.74 -23.05 -21.94
CA GLU D 289 -36.29 -23.98 -20.97
C GLU D 289 -37.78 -23.77 -20.71
N ALA D 290 -38.20 -22.54 -20.55
CA ALA D 290 -39.57 -22.33 -20.21
C ALA D 290 -40.49 -22.59 -21.42
N LEU D 291 -39.92 -22.55 -22.63
CA LEU D 291 -40.65 -22.84 -23.84
C LEU D 291 -40.77 -24.35 -24.08
N ASP D 292 -40.00 -25.16 -23.39
CA ASP D 292 -40.13 -26.57 -23.50
C ASP D 292 -41.40 -27.09 -22.83
N PRO D 293 -41.96 -28.19 -23.37
CA PRO D 293 -43.15 -28.84 -22.75
C PRO D 293 -42.94 -29.25 -21.31
N ALA D 294 -41.75 -29.66 -20.95
CA ALA D 294 -41.48 -29.97 -19.55
C ALA D 294 -41.76 -28.86 -18.56
N PHE D 295 -41.72 -27.61 -19.03
CA PHE D 295 -42.02 -26.50 -18.15
C PHE D 295 -43.48 -26.44 -17.78
N LYS D 296 -44.33 -26.93 -18.67
CA LYS D 296 -45.78 -26.98 -18.31
C LYS D 296 -45.98 -27.95 -17.16
N GLU D 297 -45.28 -29.08 -17.18
CA GLU D 297 -45.35 -30.01 -16.03
C GLU D 297 -44.93 -29.29 -14.76
N TYR D 298 -43.80 -28.59 -14.89
CA TYR D 298 -43.24 -27.90 -13.71
C TYR D 298 -44.29 -27.01 -13.08
N GLY D 299 -44.89 -26.18 -13.91
CA GLY D 299 -45.83 -25.21 -13.39
C GLY D 299 -47.07 -25.84 -12.81
N GLU D 300 -47.53 -26.93 -13.45
CA GLU D 300 -48.67 -27.71 -12.90
C GLU D 300 -48.28 -28.23 -11.53
N ASN D 301 -47.11 -28.83 -11.43
CA ASN D 301 -46.64 -29.26 -10.09
C ASN D 301 -46.45 -28.19 -9.04
N VAL D 302 -46.03 -27.01 -9.46
CA VAL D 302 -45.89 -25.92 -8.52
C VAL D 302 -47.21 -25.61 -7.89
N ILE D 303 -48.26 -25.56 -8.68
CA ILE D 303 -49.52 -25.11 -8.06
C ILE D 303 -50.10 -26.23 -7.22
N LYS D 304 -49.92 -27.46 -7.66
CA LYS D 304 -50.38 -28.63 -6.87
C LYS D 304 -49.68 -28.78 -5.55
N ASN D 305 -48.36 -28.66 -5.60
CA ASN D 305 -47.54 -28.73 -4.39
C ASN D 305 -47.94 -27.67 -3.42
N ALA D 306 -48.19 -26.48 -3.89
CA ALA D 306 -48.58 -25.42 -2.95
C ALA D 306 -49.93 -25.70 -2.35
N ALA D 307 -50.87 -26.17 -3.18
CA ALA D 307 -52.27 -26.40 -2.73
C ALA D 307 -52.28 -27.52 -1.69
N ALA D 308 -51.43 -28.51 -1.90
CA ALA D 308 -51.29 -29.62 -0.96
C ALA D 308 -50.86 -29.11 0.48
N MET D 309 -49.77 -28.33 0.50
CA MET D 309 -49.24 -27.76 1.75
C MET D 309 -50.29 -26.92 2.40
N ALA D 310 -50.97 -26.08 1.62
CA ALA D 310 -51.99 -25.22 2.21
C ALA D 310 -53.09 -26.04 2.85
N ASP D 311 -53.39 -27.18 2.22
CA ASP D 311 -54.51 -27.99 2.69
C ASP D 311 -54.21 -28.55 4.11
N VAL D 312 -52.97 -28.95 4.33
CA VAL D 312 -52.57 -29.35 5.66
C VAL D 312 -52.88 -28.28 6.67
N PHE D 313 -52.50 -27.02 6.42
CA PHE D 313 -52.80 -25.95 7.40
C PHE D 313 -54.24 -25.61 7.43
N ASN D 314 -54.88 -25.72 6.27
CA ASN D 314 -56.33 -25.52 6.25
C ASN D 314 -57.04 -26.46 7.25
N GLN D 315 -56.68 -27.73 7.24
CA GLN D 315 -57.32 -28.67 8.16
C GLN D 315 -56.96 -28.47 9.63
N HIS D 316 -55.72 -28.11 9.93
CA HIS D 316 -55.37 -27.90 11.32
C HIS D 316 -56.19 -26.78 11.98
N PRO D 317 -56.71 -27.05 13.20
CA PRO D 317 -57.61 -26.05 13.79
C PRO D 317 -56.95 -24.78 14.35
N ASP D 318 -55.65 -24.82 14.61
CA ASP D 318 -54.95 -23.67 15.20
C ASP D 318 -54.10 -22.82 14.22
N PHE D 319 -54.23 -23.12 12.92
CA PHE D 319 -53.59 -22.37 11.85
C PHE D 319 -54.64 -21.96 10.85
N ARG D 320 -54.60 -20.71 10.42
CA ARG D 320 -55.50 -20.20 9.37
C ARG D 320 -54.67 -19.78 8.14
N VAL D 321 -55.06 -20.25 6.95
CA VAL D 321 -54.44 -19.86 5.68
C VAL D 321 -55.17 -18.62 5.18
N ILE D 322 -54.42 -17.65 4.67
CA ILE D 322 -54.99 -16.34 4.30
C ILE D 322 -55.77 -16.54 3.03
N SER D 323 -56.97 -15.96 2.97
CA SER D 323 -57.94 -16.21 1.88
C SER D 323 -58.46 -17.65 1.88
N GLY D 324 -58.13 -18.46 2.87
CA GLY D 324 -58.63 -19.83 2.93
C GLY D 324 -57.91 -20.74 1.99
N GLY D 325 -56.84 -20.30 1.35
CA GLY D 325 -56.15 -21.19 0.39
C GLY D 325 -55.37 -20.45 -0.70
N THR D 326 -55.03 -21.16 -1.78
CA THR D 326 -54.18 -20.66 -2.85
C THR D 326 -54.60 -21.18 -4.23
N ASN D 327 -54.40 -20.39 -5.26
CA ASN D 327 -54.47 -20.86 -6.60
C ASN D 327 -53.12 -20.72 -7.29
N ASN D 328 -52.05 -20.33 -6.58
CA ASN D 328 -50.77 -20.20 -7.24
C ASN D 328 -49.64 -20.97 -6.51
N HIS D 329 -48.46 -20.35 -6.42
CA HIS D 329 -47.25 -21.04 -5.97
C HIS D 329 -47.06 -20.79 -4.50
N LEU D 330 -47.92 -20.02 -3.85
CA LEU D 330 -47.65 -19.64 -2.48
C LEU D 330 -48.90 -19.44 -1.68
N PHE D 331 -48.68 -19.30 -0.37
CA PHE D 331 -49.71 -18.87 0.52
C PHE D 331 -49.13 -18.36 1.83
N LEU D 332 -50.00 -17.72 2.62
CA LEU D 332 -49.67 -17.23 3.96
C LEU D 332 -50.49 -17.96 5.01
N VAL D 333 -49.87 -18.18 6.17
CA VAL D 333 -50.49 -18.75 7.32
C VAL D 333 -50.35 -17.85 8.53
N ASP D 334 -51.47 -17.55 9.19
CA ASP D 334 -51.45 -16.93 10.50
C ASP D 334 -51.08 -17.94 11.56
N VAL D 335 -49.96 -17.70 12.23
CA VAL D 335 -49.40 -18.66 13.20
C VAL D 335 -49.57 -18.23 14.65
N THR D 336 -50.36 -17.19 14.93
CA THR D 336 -50.38 -16.57 16.25
C THR D 336 -51.03 -17.41 17.36
N LYS D 337 -51.79 -18.43 17.00
CA LYS D 337 -52.36 -19.33 17.99
C LYS D 337 -51.39 -20.37 18.44
N VAL D 338 -50.32 -20.58 17.73
CA VAL D 338 -49.43 -21.66 18.08
C VAL D 338 -48.10 -21.12 18.57
N VAL D 339 -47.61 -20.02 17.98
CA VAL D 339 -46.40 -19.32 18.44
C VAL D 339 -46.72 -17.84 18.39
N GLU D 340 -45.89 -17.07 19.05
CA GLU D 340 -46.24 -15.70 19.35
C GLU D 340 -46.36 -14.80 18.10
N ASN D 341 -45.46 -15.02 17.12
CA ASN D 341 -45.48 -14.30 15.86
C ASN D 341 -44.69 -15.00 14.74
N GLY D 342 -44.75 -14.41 13.54
CA GLY D 342 -44.07 -14.97 12.37
C GLY D 342 -42.57 -15.09 12.51
N LYS D 343 -41.95 -14.14 13.21
CA LYS D 343 -40.48 -14.19 13.35
C LYS D 343 -40.09 -15.46 14.11
N VAL D 344 -40.81 -15.69 15.21
CA VAL D 344 -40.56 -16.88 16.01
C VAL D 344 -40.75 -18.10 15.14
N ALA D 345 -41.91 -18.19 14.49
CA ALA D 345 -42.15 -19.25 13.52
C ALA D 345 -40.99 -19.49 12.53
N GLN D 346 -40.51 -18.40 11.94
CA GLN D 346 -39.36 -18.48 11.02
C GLN D 346 -38.12 -19.09 11.66
N ASN D 347 -37.81 -18.57 12.86
CA ASN D 347 -36.64 -19.06 13.67
C ASN D 347 -36.73 -20.56 14.03
N VAL D 348 -37.92 -21.00 14.48
CA VAL D 348 -38.18 -22.41 14.81
C VAL D 348 -37.95 -23.34 13.63
N LEU D 349 -38.51 -23.01 12.45
CA LEU D 349 -38.38 -23.90 11.29
C LEU D 349 -36.96 -23.99 10.77
N GLU D 350 -36.21 -22.88 10.87
CA GLU D 350 -34.78 -22.96 10.55
C GLU D 350 -34.11 -24.03 11.40
N GLU D 351 -34.56 -24.23 12.64
CA GLU D 351 -33.96 -25.30 13.48
C GLU D 351 -34.16 -26.67 12.87
N VAL D 352 -35.12 -26.80 11.96
CA VAL D 352 -35.37 -28.09 11.30
C VAL D 352 -34.98 -28.15 9.82
N ASN D 353 -34.18 -27.20 9.37
CA ASN D 353 -33.73 -27.13 7.96
C ASN D 353 -34.82 -26.77 6.95
N ILE D 354 -35.74 -25.95 7.43
CA ILE D 354 -36.79 -25.35 6.64
C ILE D 354 -36.71 -23.83 6.72
N THR D 355 -36.34 -23.24 5.58
CA THR D 355 -36.31 -21.77 5.45
C THR D 355 -37.57 -21.25 4.81
N LEU D 356 -38.22 -20.38 5.50
CA LEU D 356 -39.25 -19.60 4.86
C LEU D 356 -39.12 -18.20 5.40
N ASN D 357 -40.10 -17.33 5.17
CA ASN D 357 -40.05 -16.02 5.82
C ASN D 357 -41.32 -15.60 6.50
N LYS D 358 -41.15 -14.91 7.62
CA LYS D 358 -42.26 -14.30 8.27
C LYS D 358 -42.85 -13.35 7.30
N ASN D 359 -44.07 -12.92 7.53
CA ASN D 359 -44.70 -12.11 6.58
C ASN D 359 -45.95 -11.55 7.18
N SER D 360 -46.18 -10.27 6.98
CA SER D 360 -47.39 -9.67 7.46
C SER D 360 -48.62 -10.24 6.73
N ILE D 361 -49.77 -10.15 7.38
CA ILE D 361 -51.01 -10.62 6.79
C ILE D 361 -51.92 -9.42 6.59
N PRO D 362 -52.97 -9.61 5.79
CA PRO D 362 -53.86 -8.49 5.59
C PRO D 362 -54.25 -7.88 6.93
N TYR D 363 -54.30 -6.55 6.98
CA TYR D 363 -54.69 -5.79 8.18
C TYR D 363 -53.86 -6.16 9.42
N GLU D 364 -52.60 -6.51 9.19
CA GLU D 364 -51.69 -6.96 10.24
C GLU D 364 -51.77 -6.13 11.52
N GLN D 365 -51.83 -6.76 12.68
CA GLN D 365 -51.85 -6.01 13.94
C GLN D 365 -50.45 -5.82 14.49
N LEU D 366 -49.65 -6.89 14.49
CA LEU D 366 -48.32 -6.87 15.11
C LEU D 366 -47.43 -5.98 14.28
N SER D 367 -46.26 -5.63 14.78
CA SER D 367 -45.39 -4.72 14.04
C SER D 367 -44.80 -5.50 12.88
N PRO D 368 -44.30 -4.80 11.86
CA PRO D 368 -43.69 -5.50 10.71
C PRO D 368 -42.43 -6.29 11.03
N PHE D 369 -41.76 -6.00 12.13
CA PHE D 369 -40.59 -6.80 12.53
C PHE D 369 -41.08 -8.14 13.11
N LYS D 370 -42.32 -8.19 13.55
CA LYS D 370 -42.89 -9.41 14.17
C LYS D 370 -43.75 -10.18 13.16
N THR D 371 -44.82 -9.53 12.72
CA THR D 371 -45.82 -10.12 11.81
C THR D 371 -46.59 -11.25 12.47
N SER D 372 -47.83 -11.41 12.06
CA SER D 372 -48.58 -12.59 12.46
C SER D 372 -48.37 -13.80 11.56
N GLY D 373 -47.62 -13.68 10.47
CA GLY D 373 -47.60 -14.76 9.46
C GLY D 373 -46.30 -15.41 9.06
N ILE D 374 -46.45 -16.47 8.28
CA ILE D 374 -45.39 -16.99 7.45
C ILE D 374 -45.88 -17.09 6.03
N ARG D 375 -44.96 -16.98 5.07
CA ARG D 375 -45.24 -17.21 3.71
C ARG D 375 -44.53 -18.47 3.26
N VAL D 376 -45.25 -19.32 2.55
CA VAL D 376 -44.75 -20.63 2.11
C VAL D 376 -44.83 -20.74 0.64
N GLY D 377 -43.82 -21.30 0.03
CA GLY D 377 -43.84 -21.42 -1.40
C GLY D 377 -43.25 -22.69 -1.91
N SER D 378 -43.80 -23.13 -3.04
CA SER D 378 -43.48 -24.43 -3.60
C SER D 378 -42.46 -24.49 -4.70
N PRO D 379 -42.08 -23.34 -5.29
CA PRO D 379 -41.28 -23.55 -6.49
C PRO D 379 -40.00 -24.34 -6.35
N ALA D 380 -39.25 -24.05 -5.28
CA ALA D 380 -37.93 -24.65 -5.15
C ALA D 380 -38.04 -26.17 -4.86
N ILE D 381 -38.91 -26.56 -3.92
CA ILE D 381 -39.13 -28.01 -3.73
C ILE D 381 -39.61 -28.69 -4.99
N THR D 382 -40.51 -28.03 -5.73
CA THR D 382 -40.98 -28.63 -6.99
C THR D 382 -39.83 -28.82 -7.94
N SER D 383 -38.91 -27.86 -8.00
CA SER D 383 -37.78 -27.97 -8.92
C SER D 383 -36.83 -29.09 -8.51
N ARG D 384 -36.82 -29.46 -7.24
CA ARG D 384 -36.06 -30.66 -6.83
C ARG D 384 -36.79 -31.97 -7.11
N GLY D 385 -38.03 -31.92 -7.60
CA GLY D 385 -38.72 -33.15 -7.97
C GLY D 385 -39.78 -33.54 -7.00
N MET D 386 -39.94 -32.84 -5.91
CA MET D 386 -40.91 -33.25 -4.96
C MET D 386 -42.33 -33.09 -5.50
N GLY D 387 -43.25 -33.94 -5.02
CA GLY D 387 -44.63 -33.99 -5.51
C GLY D 387 -45.52 -33.74 -4.31
N GLU D 388 -46.82 -34.07 -4.44
CA GLU D 388 -47.75 -33.69 -3.40
C GLU D 388 -47.54 -34.44 -2.11
N ALA D 389 -47.13 -35.72 -2.16
CA ALA D 389 -47.03 -36.49 -0.89
C ALA D 389 -45.93 -35.83 -0.01
N GLU D 390 -44.78 -35.60 -0.62
CA GLU D 390 -43.63 -34.91 0.02
C GLU D 390 -44.03 -33.55 0.48
N SER D 391 -44.82 -32.87 -0.35
CA SER D 391 -45.26 -31.53 0.03
C SER D 391 -46.06 -31.57 1.29
N ARG D 392 -47.01 -32.51 1.39
CA ARG D 392 -47.84 -32.64 2.62
C ARG D 392 -46.99 -33.02 3.82
N GLN D 393 -46.03 -33.88 3.59
CA GLN D 393 -45.16 -34.28 4.66
C GLN D 393 -44.41 -33.09 5.22
N ILE D 394 -43.99 -32.21 4.31
CA ILE D 394 -43.19 -31.06 4.75
C ILE D 394 -44.05 -30.18 5.64
N ALA D 395 -45.32 -30.02 5.29
CA ALA D 395 -46.17 -29.15 6.10
C ALA D 395 -46.56 -29.80 7.40
N GLU D 396 -46.63 -31.14 7.40
CA GLU D 396 -46.88 -31.87 8.63
C GLU D 396 -45.69 -31.60 9.57
N TRP D 397 -44.47 -31.73 9.07
CA TRP D 397 -43.24 -31.40 9.83
C TRP D 397 -43.25 -29.94 10.34
N MET D 398 -43.69 -29.01 9.50
CA MET D 398 -43.78 -27.64 9.96
C MET D 398 -44.72 -27.47 11.13
N VAL D 399 -45.89 -28.08 11.02
CA VAL D 399 -46.92 -27.97 12.07
C VAL D 399 -46.38 -28.52 13.38
N GLU D 400 -45.75 -29.69 13.26
CA GLU D 400 -45.17 -30.36 14.38
C GLU D 400 -44.10 -29.47 15.04
N ALA D 401 -43.10 -29.06 14.26
CA ALA D 401 -42.04 -28.16 14.77
C ALA D 401 -42.62 -26.99 15.54
N LEU D 402 -43.61 -26.32 14.97
CA LEU D 402 -44.21 -25.16 15.59
C LEU D 402 -45.01 -25.49 16.86
N GLU D 403 -45.51 -26.71 16.90
CA GLU D 403 -46.24 -27.18 18.08
C GLU D 403 -45.28 -27.61 19.16
N ASN D 404 -44.21 -28.27 18.76
CA ASN D 404 -43.16 -28.68 19.65
C ASN D 404 -41.97 -27.71 19.70
N HIS D 405 -42.24 -26.41 19.63
CA HIS D 405 -41.18 -25.44 19.43
C HIS D 405 -40.19 -25.44 20.59
N ASP D 406 -40.68 -25.51 21.83
CA ASP D 406 -39.81 -25.63 23.06
C ASP D 406 -39.43 -27.07 23.47
N LYS D 407 -39.34 -27.97 22.50
CA LYS D 407 -39.02 -29.37 22.77
C LYS D 407 -37.85 -29.79 21.89
N PRO D 408 -36.65 -29.40 22.31
CA PRO D 408 -35.44 -29.61 21.49
C PRO D 408 -35.22 -31.01 20.89
N GLU D 409 -35.65 -32.05 21.57
CA GLU D 409 -35.42 -33.41 21.05
C GLU D 409 -36.40 -33.82 19.92
N VAL D 410 -37.59 -33.19 19.89
CA VAL D 410 -38.63 -33.36 18.81
C VAL D 410 -38.09 -32.73 17.51
N LEU D 411 -37.79 -31.44 17.61
CA LEU D 411 -37.11 -30.65 16.59
C LEU D 411 -35.93 -31.41 16.02
N GLU D 412 -35.13 -32.03 16.86
CA GLU D 412 -34.01 -32.80 16.33
C GLU D 412 -34.41 -34.09 15.62
N ARG D 413 -35.56 -34.66 15.97
CA ARG D 413 -36.00 -35.82 15.21
C ARG D 413 -36.58 -35.35 13.85
N ILE D 414 -37.38 -34.28 13.86
CA ILE D 414 -37.92 -33.70 12.60
C ILE D 414 -36.75 -33.44 11.65
N ARG D 415 -35.70 -32.83 12.22
CA ARG D 415 -34.45 -32.55 11.54
C ARG D 415 -33.88 -33.82 10.87
N GLY D 416 -33.87 -34.94 11.60
CA GLY D 416 -33.46 -36.24 11.00
C GLY D 416 -34.33 -36.74 9.87
N ASP D 417 -35.63 -36.53 9.99
CA ASP D 417 -36.55 -36.99 8.92
C ASP D 417 -36.45 -36.10 7.69
N VAL D 418 -36.30 -34.78 7.93
CA VAL D 418 -36.08 -33.82 6.83
C VAL D 418 -34.90 -34.31 6.02
N LYS D 419 -33.85 -34.75 6.71
CA LYS D 419 -32.65 -35.28 6.01
C LYS D 419 -32.91 -36.50 5.13
N VAL D 420 -33.82 -37.37 5.53
CA VAL D 420 -34.03 -38.53 4.69
C VAL D 420 -34.62 -38.02 3.43
N LEU D 421 -35.58 -37.11 3.60
CA LEU D 421 -36.27 -36.45 2.45
C LEU D 421 -35.29 -35.72 1.52
N THR D 422 -34.42 -34.87 2.07
CA THR D 422 -33.46 -34.13 1.19
C THR D 422 -32.48 -35.06 0.50
N ASP D 423 -32.01 -36.08 1.20
CA ASP D 423 -31.22 -37.17 0.56
C ASP D 423 -31.98 -37.82 -0.61
N ALA D 424 -33.28 -38.02 -0.43
CA ALA D 424 -34.07 -38.69 -1.48
C ALA D 424 -34.26 -37.81 -2.73
N PHE D 425 -34.35 -36.48 -2.54
CA PHE D 425 -34.49 -35.57 -3.68
C PHE D 425 -33.26 -34.64 -3.88
N PRO D 426 -32.13 -35.20 -4.39
CA PRO D 426 -30.93 -34.39 -4.62
C PRO D 426 -31.21 -33.07 -5.39
N LEU D 427 -30.34 -32.07 -5.20
CA LEU D 427 -30.59 -30.71 -5.67
C LEU D 427 -30.08 -30.67 -7.08
N TYR D 428 -28.97 -31.37 -7.30
CA TYR D 428 -28.43 -31.58 -8.63
C TYR D 428 -27.91 -33.01 -8.61
C1 CIT E . 20.43 13.83 7.50
O1 CIT E . 19.79 14.24 6.54
O2 CIT E . 19.87 13.23 8.40
C2 CIT E . 21.90 14.10 7.56
C3 CIT E . 22.56 12.87 8.12
O7 CIT E . 21.87 12.41 9.26
C4 CIT E . 23.94 13.40 8.35
C5 CIT E . 25.03 12.39 8.62
O3 CIT E . 26.23 12.72 8.45
O4 CIT E . 24.74 11.26 9.02
C6 CIT E . 22.38 11.64 7.28
O5 CIT E . 23.01 11.52 6.24
O6 CIT E . 21.62 10.71 7.66
AS CAC F . 17.90 18.71 7.53
O1 CAC F . 17.61 19.82 8.85
O2 CAC F . 16.53 18.84 6.49
C1 CAC F . 19.46 19.04 6.42
C2 CAC F . 18.23 16.95 8.39
C1 GOL G . 20.98 -9.55 0.36
O1 GOL G . 22.37 -9.56 0.50
C2 GOL G . 20.35 -8.45 1.24
O2 GOL G . 18.99 -8.55 0.86
C3 GOL G . 20.81 -6.98 0.99
O3 GOL G . 20.36 -6.14 2.07
C1 CIT H . -19.50 1.09 -16.36
O1 CIT H . -18.71 2.06 -16.30
O2 CIT H . -19.17 -0.12 -16.26
C2 CIT H . -20.93 1.38 -16.60
C3 CIT H . -21.73 0.34 -15.84
O7 CIT H . -21.30 -0.95 -16.25
C4 CIT H . -23.14 0.69 -16.16
C5 CIT H . -24.15 -0.33 -15.80
O3 CIT H . -25.31 -0.08 -16.12
O4 CIT H . -23.84 -1.40 -15.27
C6 CIT H . -21.51 0.46 -14.37
O5 CIT H . -22.07 1.37 -13.76
O6 CIT H . -20.80 -0.36 -13.76
AS CAC I . -16.24 3.71 -20.56
O1 CAC I . -15.01 3.49 -19.42
O2 CAC I . -16.03 2.63 -21.92
C1 CAC I . -17.98 3.14 -19.87
C2 CAC I . -16.32 5.59 -21.13
NA NA J . 3.14 12.67 -33.13
C1 GOL K . -21.17 -3.91 7.32
O1 GOL K . -22.42 -4.52 7.50
C2 GOL K . -20.48 -4.42 6.05
O2 GOL K . -19.08 -4.37 6.36
C3 GOL K . -20.83 -3.49 4.87
O3 GOL K . -20.52 -4.01 3.58
C1 CIT L . 36.20 -0.79 12.14
O1 CIT L . 37.41 -0.89 12.07
O2 CIT L . 35.63 -0.83 13.27
C2 CIT L . 35.48 -0.59 10.83
C3 CIT L . 34.27 0.36 11.09
O7 CIT L . 33.57 -0.04 12.25
C4 CIT L . 33.44 0.24 9.88
C5 CIT L . 32.27 1.16 9.73
O3 CIT L . 31.87 1.28 8.59
O4 CIT L . 31.72 1.73 10.69
C6 CIT L . 34.70 1.73 11.42
O5 CIT L . 35.24 2.45 10.51
O6 CIT L . 34.45 2.15 12.62
AS CAC M . 38.48 -5.87 12.13
O1 CAC M . 37.94 -7.35 12.89
O2 CAC M . 40.05 -5.55 12.77
C1 CAC M . 38.49 -6.13 10.18
C2 CAC M . 37.23 -4.41 12.48
NA NA N . 54.99 -23.62 18.92
C1 GOL O . 36.02 22.78 18.40
O1 GOL O . 34.78 23.22 17.84
C2 GOL O . 35.80 21.38 18.99
O2 GOL O . 36.68 21.33 20.14
C3 GOL O . 36.15 20.28 17.94
O3 GOL O . 35.55 19.01 18.21
C1 CIT P . -36.33 -8.90 -6.29
O1 CIT P . -35.75 -9.86 -6.72
O2 CIT P . -37.54 -8.95 -6.24
C2 CIT P . -35.58 -7.70 -5.82
C3 CIT P . -34.38 -7.52 -6.71
O7 CIT P . -33.63 -8.69 -6.85
C4 CIT P . -33.61 -6.43 -6.03
C5 CIT P . -32.31 -5.98 -6.66
O3 CIT P . -31.72 -5.04 -6.08
O4 CIT P . -31.83 -6.54 -7.66
C6 CIT P . -34.74 -7.09 -8.09
O5 CIT P . -34.98 -5.87 -8.23
O6 CIT P . -34.74 -7.89 -9.07
AS CAC Q . -39.55 -10.82 -2.42
O1 CAC Q . -39.68 -12.30 -1.57
O2 CAC Q . -40.44 -10.90 -3.88
C1 CAC Q . -39.98 -9.23 -1.38
C2 CAC Q . -37.68 -10.79 -2.99
NA NA R . -56.93 -24.34 9.53
C1 GOL S . -35.13 -2.44 -29.20
O1 GOL S . -34.30 -2.45 -30.34
C2 GOL S . -34.91 -3.81 -28.57
O2 GOL S . -35.72 -4.84 -29.22
C3 GOL S . -35.26 -3.62 -27.12
O3 GOL S . -34.88 -4.81 -26.46
#